data_7NI0
#
_entry.id   7NI0
#
_cell.length_a   1.00
_cell.length_b   1.00
_cell.length_c   1.00
_cell.angle_alpha   90.00
_cell.angle_beta   90.00
_cell.angle_gamma   90.00
#
_symmetry.space_group_name_H-M   'P 1'
#
loop_
_entity.id
_entity.type
_entity.pdbx_description
1 polymer 'Polymerase acidic protein'
2 polymer 'RNA-directed RNA polymerase catalytic subunit'
3 polymer 'Polymerase basic protein 2,Immunoglobulin G-binding protein A'
4 polymer "RNA (5'-R(P*GP*GP*CP*CP*UP*GP*CP*U)-3')"
5 polymer "RNA (5'-R(P*AP*GP*UP*AP*GP*AP*AP*AP*CP*AP*AP*GP*GP*CP*C)-3')"
#
loop_
_entity_poly.entity_id
_entity_poly.type
_entity_poly.pdbx_seq_one_letter_code
_entity_poly.pdbx_strand_id
1 'polypeptide(L)'
;MEDFVRQCFNPMIVELAEKAMKEYGEDLKIETNKFAAICTHLEVCFMYSDFHFINERGESIIVESGDPNALLKHRFEIIE
GRDRTMAWTVVNSICNTTGAEKPKFLPDLYDYKENRFIEIGVTRREVHIYYLEKANKIKSEKTHIHIFSFTGEEMATKAD
YTLDEESRARIKTRLFTIRQEMASRGLWDSFRQSERGEETIEERFEITGTMRRLADQSLPPNFSSLENFRAYVDGFEPNG
YIEGKLSQMSKEVNARIEPFLKTTPRPLRLPDGPPCSQRSKFLLMDALKLSIEDPSHEGEGIPLYDAIKCMRTFFGWKEP
NVVKPHEKGINPNYLLAWKQVLAELQDIENEEKIPKTKNMKKTSQLKWALGENMAPEKVDFDDCKDVSDLKQYDSDEPEL
RSLASWIQSEFNKACELTDSSWIELDEIGEDVAPIEHIASMRRNYFTAEVSHCRATEYIMKGVYINTALLNASCAAMDDF
QLIPMISKCRTKEGRRKTNLYGFIIKGRSHLRNDTDVVNFVSMEFSLTDPRLEPHKWEKYCVLEIGDMLLRSAIGQVSRP
MFLYVRTNGTSKIKMKWGMEMRRCLLQSLQQIESMIEAESSVKEKDMTKEFFENKSETWPIGESPKGVEEGSIGKVCRTL
LAKSVFNSLYASPQLEGFSAESRKLLLIVQALRDNLEPGTFDLGGLYEAIEECLINDPWVLLNASWFNSFLTHALR
;
A
2 'polypeptide(L)'
;MDVNPTLLFLKVPAQNAISTTFPYTGDPPYSHGTGTGYTMDTVNRTHQYSEKGRWTTNTETGAPQLNPIDGPLPEDNEPS
GYAQTDCVLEAMAFLEESHPGIFENSCLETMEVVQQTRVDKLTQGRQTYDWTLNRNQPAATALANTIEVFRSNGLTANES
GRLIDFLKDVMESMDKEEMEITTHFQRKRRVRDNMTKKMVTQRTIGKKKQRLNKRSYLIRALTLNTMTKDAERGKLKRRA
IATPGMQIRGFVYFVETLARSICEKLEQSGLPVGGNEKKAKLANVVRKMMTNSQDTELSFTITGDNTKWNENQNPRMFLA
MITYITRNQPEWFRNVLSIAPIMFSNKMARLGKGYMFESKSMKLRTQIPAEMLASIDLKYFNDSTRKKIEKIRPLLIDGT
ASLSPGMMMGMFNMLSTVLGVSILNLGQKRYTKTTYWWDGLQSSDDFALIVNAPNHEGIQAGVDRFYRTCKLLGINMSKK
KSYINRTGTFEFTSFFYRYGFVANFSMELPSFGVSGINESADMSIGVTVIKNNMINNDLGPATAQMALQLFIKDYRYTYR
CHRGDTQIQTRRSFEIKKLWEQTRSKAGLLVSDGGPNLYNIRNLHIPEVCLKWELMDEDYQGRLCNPLNPFVSHKEIESV
NNAVMMPAHGPAKNMEYDAVATTHSWIPKRNRSILNTSQRGILEDEQMYQKCCNLFEKFFPSSSYRRPVGISSMVEAMVS
RARIDARIDFESGRIKKEEFAEIMKICSTIEELRRQK
;
B
3 'polypeptide(L)'
;MERIKELRDLMSQSRTREILTKTTVDHMAIIKKYTSGRQEKNPALRMKWMMAMKYPITADKRIMEMIPERNEQGQTLWSK
TNDAGSDRVMVSPLAVTWWNRNGPTTSAVHYPKIYKTYFEKVERLKHGTFGPVHFRNQVKIRRRVDINPGHADLSAKEAQ
DVIMEVVFPNEVGARILTSESQLTITKEKKEELQDCKISPLMVAYMLERELVRKTRFLPVAGGTSSVYIEVLHLTQGTCW
EQMYTPGGEVRNDDVDQSLIIAARNIVRRATVSADPLASLLEMCHSTQIGGIRMVDILRQNPTEEQAVDICKAAMGLRIS
SSFSFGGFTFKRTSGSSVKREEEVLTGNLQTLKIRVHEGYEEFTMVGRRATAILRKATRRLIQLIVSGRDEQSIAEAIIV
AMVFSQEDCMIKAVRGDLNFVNRANQRLNPMHQLLRHFQKDAKVLFQNWGIEPIDNVMGMIGILPDMTPSTEMSMRGVRV
SKMGVDEYSSTERVVVSIDRFLRVRDQRGNVLLSPEEVSETQGTEKLTITYSSSMMWEVNGPESVLVNTYQWIIRNWETV
KIQWSQNPTMLYNKMEFEPFQSLVPKAARGQYSGFVRTLFQQMRDVLGTFDTVQIIKLLPFAAAPPKQSRMQFSSLTVNV
RGSGMRILVRGNSPVFNYNKATKRLTVLGKDAGALTEDPDEGTAGVESAVLRGFLILGKEDRRYGPALSINELSNLAKGE
KANVLIGQGDVVLVMKRKRDSSILTDSQTATKRIRMAINENLYFQGELKTAALAQHDEAVDNKFNKEQQNAFYEILHLPN
LNEEQRNAFIQSLKDDPSQSANLLAEAKKLNDAQAPKVDNKFNKEQQNAFYEILHLPNLNEEQRNAFIQSLKADPSQSAN
LLAEAKKLNGAQAPKVDANSAGKST
;
C
4 'polyribonucleotide' GGCCUGCUUUUGCUAUU E
5 'polyribonucleotide' AGUAGAAACAAGGCC D
#
loop_
_chem_comp.id
_chem_comp.type
_chem_comp.name
_chem_comp.formula
A RNA linking ADENOSINE-5'-MONOPHOSPHATE 'C10 H14 N5 O7 P'
C RNA linking CYTIDINE-5'-MONOPHOSPHATE 'C9 H14 N3 O8 P'
G RNA linking GUANOSINE-5'-MONOPHOSPHATE 'C10 H14 N5 O8 P'
U RNA linking URIDINE-5'-MONOPHOSPHATE 'C9 H13 N2 O9 P'
#
# COMPACT_ATOMS: atom_id res chain seq x y z
N THR A 200 6.08 -9.82 -45.08
CA THR A 200 5.93 -10.04 -43.65
C THR A 200 7.12 -10.83 -43.11
N ILE A 201 7.59 -10.44 -41.93
CA ILE A 201 8.71 -11.09 -41.26
C ILE A 201 8.17 -11.93 -40.12
N GLU A 202 8.52 -13.21 -40.10
CA GLU A 202 8.12 -14.12 -39.04
C GLU A 202 9.12 -14.02 -37.89
N GLU A 203 8.61 -13.83 -36.68
CA GLU A 203 9.45 -13.82 -35.49
C GLU A 203 10.03 -15.19 -35.22
N ARG A 204 11.25 -15.21 -34.66
CA ARG A 204 12.03 -16.43 -34.45
C ARG A 204 12.78 -16.29 -33.13
N PHE A 205 12.15 -16.78 -32.05
CA PHE A 205 12.75 -16.84 -30.72
C PHE A 205 13.17 -18.27 -30.46
N GLU A 206 14.44 -18.56 -30.66
CA GLU A 206 14.98 -19.92 -30.62
C GLU A 206 15.79 -20.14 -29.35
N ILE A 207 15.45 -21.19 -28.61
CA ILE A 207 16.26 -21.67 -27.51
C ILE A 207 17.28 -22.66 -28.06
N THR A 208 18.56 -22.42 -27.78
CA THR A 208 19.63 -23.26 -28.28
C THR A 208 20.84 -23.13 -27.36
N GLY A 209 21.66 -24.18 -27.35
CA GLY A 209 22.89 -24.17 -26.59
C GLY A 209 22.66 -24.34 -25.10
N THR A 210 23.35 -23.52 -24.29
CA THR A 210 23.30 -23.70 -22.85
C THR A 210 21.85 -23.70 -22.35
N MET A 211 21.06 -22.72 -22.76
CA MET A 211 19.70 -22.61 -22.24
C MET A 211 18.78 -23.69 -22.80
N ARG A 212 19.25 -24.49 -23.75
CA ARG A 212 18.55 -25.72 -24.09
C ARG A 212 18.88 -26.82 -23.10
N ARG A 213 20.16 -26.97 -22.74
CA ARG A 213 20.54 -28.01 -21.79
C ARG A 213 19.92 -27.74 -20.43
N LEU A 214 20.06 -26.51 -19.93
CA LEU A 214 19.36 -26.15 -18.69
C LEU A 214 17.87 -26.39 -18.82
N ALA A 215 17.34 -26.29 -20.05
CA ALA A 215 15.93 -26.55 -20.27
C ALA A 215 15.60 -28.03 -20.13
N ASP A 216 16.50 -28.90 -20.60
CA ASP A 216 16.26 -30.34 -20.49
C ASP A 216 16.36 -30.83 -19.05
N GLN A 217 17.05 -30.11 -18.17
CA GLN A 217 17.21 -30.49 -16.77
C GLN A 217 16.26 -29.75 -15.85
N SER A 218 15.04 -29.45 -16.31
CA SER A 218 14.09 -28.68 -15.52
C SER A 218 12.68 -29.24 -15.61
N LEU A 219 12.56 -30.57 -15.74
CA LEU A 219 11.28 -31.22 -15.98
C LEU A 219 11.03 -32.25 -14.88
N PRO A 220 9.87 -32.91 -14.86
CA PRO A 220 9.67 -34.04 -13.95
C PRO A 220 10.70 -35.12 -14.22
N PRO A 221 10.76 -36.16 -13.38
CA PRO A 221 11.91 -37.08 -13.44
C PRO A 221 11.83 -38.08 -14.59
N ASN A 222 10.64 -38.34 -15.14
CA ASN A 222 10.50 -39.28 -16.24
C ASN A 222 10.56 -38.60 -17.61
N PHE A 223 11.24 -37.47 -17.72
CA PHE A 223 11.37 -36.75 -18.97
C PHE A 223 12.82 -36.34 -19.18
N SER A 224 13.22 -36.23 -20.46
CA SER A 224 14.59 -35.87 -20.80
C SER A 224 14.68 -34.70 -21.79
N SER A 225 13.57 -34.17 -22.26
CA SER A 225 13.58 -33.10 -23.25
C SER A 225 12.33 -32.26 -23.10
N LEU A 226 12.48 -30.94 -23.29
CA LEU A 226 11.30 -30.09 -23.26
C LEU A 226 10.31 -30.44 -24.36
N GLU A 227 10.80 -30.92 -25.51
CA GLU A 227 9.87 -31.18 -26.60
C GLU A 227 8.99 -32.39 -26.31
N ASN A 228 9.54 -33.43 -25.69
CA ASN A 228 8.71 -34.57 -25.30
C ASN A 228 7.72 -34.19 -24.22
N PHE A 229 8.14 -33.35 -23.26
CA PHE A 229 7.23 -32.90 -22.21
C PHE A 229 6.10 -32.04 -22.80
N ARG A 230 6.45 -31.12 -23.69
CA ARG A 230 5.44 -30.29 -24.34
C ARG A 230 4.48 -31.14 -25.17
N ALA A 231 4.99 -32.17 -25.85
CA ALA A 231 4.11 -33.06 -26.60
C ALA A 231 3.18 -33.81 -25.66
N TYR A 232 3.71 -34.24 -24.51
CA TYR A 232 2.88 -34.92 -23.52
C TYR A 232 1.76 -34.01 -23.03
N VAL A 233 2.08 -32.74 -22.79
CA VAL A 233 1.06 -31.81 -22.34
C VAL A 233 0.04 -31.56 -23.45
N ASP A 234 0.52 -31.32 -24.68
CA ASP A 234 -0.39 -31.05 -25.79
C ASP A 234 -1.29 -32.23 -26.10
N GLY A 235 -0.88 -33.45 -25.73
CA GLY A 235 -1.73 -34.60 -25.92
C GLY A 235 -2.48 -34.97 -24.66
N PHE A 236 -2.09 -34.36 -23.54
CA PHE A 236 -2.72 -34.66 -22.26
C PHE A 236 -4.20 -34.30 -22.30
N GLU A 237 -5.04 -35.23 -21.86
CA GLU A 237 -6.47 -35.01 -21.74
C GLU A 237 -6.93 -35.56 -20.39
N PRO A 238 -7.70 -34.81 -19.61
CA PRO A 238 -8.07 -35.30 -18.28
C PRO A 238 -8.82 -36.62 -18.35
N ASN A 239 -8.36 -37.60 -17.57
CA ASN A 239 -8.92 -38.94 -17.57
C ASN A 239 -9.03 -39.47 -16.15
N GLY A 240 -9.43 -38.60 -15.22
CA GLY A 240 -9.61 -39.01 -13.84
C GLY A 240 -8.29 -39.43 -13.21
N TYR A 241 -7.37 -38.47 -13.09
CA TYR A 241 -6.08 -38.69 -12.47
C TYR A 241 -6.04 -38.26 -11.01
N ILE A 242 -6.65 -37.13 -10.66
CA ILE A 242 -6.66 -36.68 -9.28
C ILE A 242 -7.34 -37.70 -8.38
N GLU A 243 -8.50 -38.20 -8.79
CA GLU A 243 -9.20 -39.18 -7.98
C GLU A 243 -8.35 -40.43 -7.75
N GLY A 244 -7.67 -40.89 -8.80
CA GLY A 244 -6.87 -42.10 -8.66
C GLY A 244 -5.79 -41.88 -7.63
N LYS A 245 -5.00 -40.83 -7.79
CA LYS A 245 -3.89 -40.64 -6.85
C LYS A 245 -4.46 -40.45 -5.46
N LEU A 246 -5.64 -39.81 -5.37
CA LEU A 246 -6.22 -39.50 -4.07
C LEU A 246 -6.49 -40.79 -3.32
N SER A 247 -7.05 -41.78 -4.01
CA SER A 247 -7.40 -43.03 -3.33
C SER A 247 -6.15 -43.71 -2.80
N GLN A 248 -5.09 -43.73 -3.60
CA GLN A 248 -3.84 -44.35 -3.17
C GLN A 248 -3.26 -43.62 -1.96
N MET A 249 -3.40 -42.30 -1.95
CA MET A 249 -2.89 -41.48 -0.85
C MET A 249 -3.47 -41.96 0.48
N SER A 250 -2.62 -42.07 1.49
CA SER A 250 -3.05 -42.65 2.75
C SER A 250 -4.11 -41.80 3.43
N LYS A 251 -4.95 -42.47 4.23
CA LYS A 251 -5.97 -41.77 5.00
C LYS A 251 -5.35 -40.83 6.03
N GLU A 252 -4.20 -41.21 6.61
CA GLU A 252 -3.60 -40.42 7.68
C GLU A 252 -3.46 -38.95 7.32
N VAL A 253 -3.30 -38.64 6.03
CA VAL A 253 -3.27 -37.26 5.58
C VAL A 253 -4.71 -36.75 5.53
N ASN A 254 -5.10 -35.96 6.52
CA ASN A 254 -6.47 -35.49 6.64
C ASN A 254 -6.48 -34.14 7.35
N ALA A 255 -7.65 -33.53 7.39
CA ALA A 255 -7.87 -32.25 8.06
C ALA A 255 -9.05 -32.35 9.02
N ARG A 256 -9.03 -33.39 9.85
CA ARG A 256 -10.10 -33.60 10.80
C ARG A 256 -10.33 -32.35 11.64
N ILE A 257 -11.59 -31.98 11.81
CA ILE A 257 -11.96 -30.78 12.54
C ILE A 257 -12.19 -31.14 13.99
N GLU A 258 -11.39 -30.56 14.88
CA GLU A 258 -11.58 -30.75 16.31
C GLU A 258 -12.58 -29.71 16.81
N PRO A 259 -13.71 -30.12 17.40
CA PRO A 259 -14.68 -29.12 17.86
C PRO A 259 -14.05 -28.21 18.91
N PHE A 260 -14.64 -27.01 19.02
CA PHE A 260 -14.19 -26.01 19.98
C PHE A 260 -15.36 -25.66 20.87
N LEU A 261 -15.27 -26.02 22.14
CA LEU A 261 -16.33 -25.84 23.11
C LEU A 261 -15.83 -24.93 24.23
N LYS A 262 -16.64 -24.78 25.26
CA LYS A 262 -16.26 -23.92 26.39
C LYS A 262 -15.12 -24.54 27.18
N THR A 263 -15.16 -25.86 27.38
CA THR A 263 -14.14 -26.56 28.14
C THR A 263 -12.88 -26.84 27.33
N THR A 264 -12.86 -26.47 26.06
CA THR A 264 -11.73 -26.80 25.19
C THR A 264 -10.53 -25.89 25.45
N PRO A 265 -10.69 -24.57 25.36
CA PRO A 265 -9.51 -23.68 25.48
C PRO A 265 -8.97 -23.67 26.91
N ARG A 266 -7.69 -23.97 27.03
CA ARG A 266 -6.98 -23.90 28.31
C ARG A 266 -6.33 -22.54 28.47
N PRO A 267 -5.87 -22.20 29.67
CA PRO A 267 -5.17 -20.93 29.85
C PRO A 267 -3.82 -20.93 29.13
N LEU A 268 -3.33 -19.72 28.88
CA LEU A 268 -2.01 -19.54 28.29
C LEU A 268 -0.94 -19.66 29.36
N ARG A 269 0.05 -20.51 29.13
CA ARG A 269 1.15 -20.67 30.05
C ARG A 269 2.15 -19.53 29.87
N LEU A 270 2.60 -18.95 30.98
CA LEU A 270 3.59 -17.90 30.94
C LEU A 270 4.94 -18.41 31.41
N PRO A 271 6.04 -17.80 30.96
CA PRO A 271 7.36 -18.34 31.29
C PRO A 271 7.67 -18.16 32.76
N ASP A 272 8.64 -18.94 33.24
CA ASP A 272 9.12 -18.84 34.61
C ASP A 272 10.55 -18.33 34.62
N GLY A 273 10.88 -17.55 35.64
CA GLY A 273 12.20 -16.98 35.77
C GLY A 273 12.21 -15.79 36.71
N PRO A 274 13.34 -15.10 36.80
CA PRO A 274 13.39 -13.90 37.62
C PRO A 274 12.40 -12.87 37.10
N PRO A 275 11.90 -11.99 37.96
CA PRO A 275 10.86 -11.05 37.52
C PRO A 275 11.40 -10.06 36.50
N CYS A 276 10.46 -9.53 35.71
CA CYS A 276 10.81 -8.61 34.63
C CYS A 276 11.06 -7.21 35.18
N SER A 277 11.96 -6.49 34.53
CA SER A 277 12.39 -5.16 34.96
C SER A 277 11.93 -4.12 33.96
N GLN A 278 11.85 -2.87 34.42
CA GLN A 278 11.34 -1.79 33.59
C GLN A 278 12.26 -1.54 32.40
N ARG A 279 11.65 -1.35 31.23
CA ARG A 279 12.37 -1.12 30.00
C ARG A 279 12.20 0.29 29.44
N SER A 280 11.12 1.00 29.82
CA SER A 280 10.83 2.31 29.28
C SER A 280 12.04 3.23 29.37
N LYS A 281 12.04 4.30 28.57
CA LYS A 281 13.15 5.25 28.56
C LYS A 281 13.00 6.35 29.60
N PHE A 282 11.83 6.44 30.24
CA PHE A 282 11.60 7.41 31.30
C PHE A 282 10.59 6.84 32.26
N LEU A 283 10.56 7.40 33.46
CA LEU A 283 9.63 6.92 34.48
C LEU A 283 8.21 7.32 34.11
N LEU A 284 7.25 6.43 34.37
CA LEU A 284 5.87 6.63 33.96
C LEU A 284 5.00 7.10 35.11
N MET A 285 4.88 6.32 36.18
CA MET A 285 4.07 6.71 37.33
C MET A 285 4.89 7.28 38.47
N ASP A 286 6.17 6.94 38.54
CA ASP A 286 7.05 7.35 39.63
C ASP A 286 7.74 8.68 39.36
N ALA A 287 7.18 9.51 38.49
CA ALA A 287 7.84 10.74 38.05
C ALA A 287 7.38 11.92 38.89
N LEU A 288 8.26 12.91 39.01
CA LEU A 288 8.03 14.11 39.81
C LEU A 288 8.28 15.34 38.97
N LYS A 289 7.57 16.42 39.28
CA LYS A 289 7.59 17.65 38.48
C LYS A 289 7.91 18.83 39.38
N LEU A 290 8.93 19.59 39.00
CA LEU A 290 9.15 20.92 39.52
C LEU A 290 8.54 21.94 38.57
N SER A 291 8.00 23.03 39.11
CA SER A 291 7.21 23.95 38.33
C SER A 291 7.50 25.39 38.73
N ILE A 292 7.19 26.31 37.82
CA ILE A 292 7.50 27.73 38.00
C ILE A 292 6.29 28.60 37.69
N GLU A 293 5.27 28.03 37.03
CA GLU A 293 4.07 28.79 36.64
C GLU A 293 4.46 29.98 35.76
N ASP A 294 4.93 29.65 34.55
CA ASP A 294 5.37 30.63 33.58
C ASP A 294 4.45 30.59 32.36
N PRO A 295 3.97 31.74 31.87
CA PRO A 295 3.00 31.74 30.74
C PRO A 295 3.71 31.59 29.40
N SER A 296 4.29 30.40 29.21
CA SER A 296 5.09 30.08 28.02
C SER A 296 4.55 28.81 27.41
N HIS A 297 4.17 28.88 26.13
CA HIS A 297 3.50 27.77 25.47
C HIS A 297 4.44 26.57 25.36
N GLU A 298 3.92 25.49 24.77
CA GLU A 298 4.57 24.18 24.80
C GLU A 298 6.06 24.26 24.52
N GLY A 299 6.45 25.01 23.49
CA GLY A 299 7.85 25.12 23.14
C GLY A 299 8.47 26.49 23.31
N GLU A 300 7.68 27.46 23.79
CA GLU A 300 8.13 28.86 23.81
C GLU A 300 9.04 29.08 25.00
N GLY A 301 10.27 28.57 24.87
CA GLY A 301 11.26 28.75 25.91
C GLY A 301 12.59 28.20 25.49
N ILE A 302 13.59 28.44 26.33
CA ILE A 302 14.94 27.90 26.18
C ILE A 302 15.09 26.76 27.20
N PRO A 303 15.13 25.50 26.77
CA PRO A 303 15.04 24.40 27.75
C PRO A 303 15.99 24.55 28.93
N LEU A 304 17.19 25.07 28.72
CA LEU A 304 18.16 25.14 29.81
C LEU A 304 17.78 26.23 30.81
N TYR A 305 17.30 27.37 30.30
CA TYR A 305 16.82 28.44 31.15
C TYR A 305 15.58 28.01 31.94
N ASP A 306 14.64 27.36 31.27
CA ASP A 306 13.49 26.80 31.95
C ASP A 306 13.91 25.80 33.02
N ALA A 307 14.91 24.98 32.73
CA ALA A 307 15.38 23.99 33.69
C ALA A 307 15.99 24.65 34.91
N ILE A 308 16.83 25.66 34.70
CA ILE A 308 17.42 26.36 35.84
C ILE A 308 16.33 26.96 36.70
N LYS A 309 15.29 27.54 36.08
CA LYS A 309 14.22 28.12 36.88
C LYS A 309 13.43 27.06 37.64
N CYS A 310 13.21 25.89 37.04
CA CYS A 310 12.47 24.85 37.75
C CYS A 310 13.29 24.19 38.83
N MET A 311 14.61 24.26 38.76
CA MET A 311 15.45 23.72 39.82
C MET A 311 15.71 24.73 40.94
N ARG A 312 15.76 26.03 40.62
CA ARG A 312 15.95 27.03 41.65
C ARG A 312 14.80 27.06 42.65
N THR A 313 13.59 26.69 42.22
CA THR A 313 12.42 26.79 43.07
C THR A 313 12.38 25.71 44.15
N PHE A 314 13.39 24.85 44.22
CA PHE A 314 13.49 23.84 45.25
C PHE A 314 14.62 24.17 46.22
N PHE A 315 14.29 24.18 47.51
CA PHE A 315 15.25 24.40 48.58
C PHE A 315 15.20 23.24 49.55
N GLY A 316 16.36 22.68 49.89
CA GLY A 316 16.43 21.46 50.65
C GLY A 316 17.44 20.46 50.12
N TRP A 317 18.24 20.88 49.14
CA TRP A 317 19.27 20.01 48.60
C TRP A 317 20.31 19.66 49.66
N LYS A 318 20.76 18.41 49.63
CA LYS A 318 21.78 17.89 50.53
C LYS A 318 22.90 17.29 49.67
N GLU A 319 23.94 16.81 50.33
CA GLU A 319 24.97 16.05 49.63
C GLU A 319 24.40 14.72 49.14
N PRO A 320 24.41 14.44 47.84
CA PRO A 320 23.78 13.21 47.35
C PRO A 320 24.56 11.97 47.76
N ASN A 321 23.83 10.91 48.07
CA ASN A 321 24.42 9.62 48.39
C ASN A 321 23.57 8.52 47.78
N VAL A 322 24.17 7.36 47.58
CA VAL A 322 23.51 6.26 46.90
C VAL A 322 22.62 5.52 47.89
N VAL A 323 21.41 5.21 47.46
CA VAL A 323 20.48 4.39 48.24
C VAL A 323 20.33 3.00 47.64
N LYS A 324 20.19 2.90 46.33
CA LYS A 324 20.01 1.61 45.66
C LYS A 324 21.07 1.49 44.58
N PRO A 325 22.08 0.63 44.76
CA PRO A 325 23.16 0.52 43.78
C PRO A 325 22.71 -0.29 42.57
N HIS A 326 23.64 -0.48 41.65
CA HIS A 326 23.33 -1.11 40.38
C HIS A 326 23.46 -2.62 40.51
N GLU A 327 24.37 -3.07 41.36
CA GLU A 327 24.64 -4.45 41.74
C GLU A 327 25.48 -5.16 40.68
N LYS A 328 25.73 -4.52 39.54
CA LYS A 328 26.70 -5.02 38.57
C LYS A 328 27.56 -3.91 37.98
N GLY A 329 27.44 -2.68 38.47
CA GLY A 329 28.17 -1.54 37.95
C GLY A 329 28.95 -0.80 39.03
N ILE A 330 29.29 0.47 38.78
CA ILE A 330 30.07 1.28 39.71
C ILE A 330 29.30 2.56 39.97
N ASN A 331 28.54 2.58 41.06
CA ASN A 331 27.60 3.65 41.37
C ASN A 331 28.28 4.98 41.66
N PRO A 332 29.49 4.97 42.24
CA PRO A 332 30.21 6.24 42.40
C PRO A 332 30.38 7.03 41.12
N ASN A 333 30.45 6.37 39.96
CA ASN A 333 30.55 7.13 38.72
C ASN A 333 29.24 7.84 38.41
N TYR A 334 28.11 7.20 38.68
CA TYR A 334 26.82 7.87 38.53
C TYR A 334 26.73 9.06 39.48
N LEU A 335 27.19 8.88 40.72
CA LEU A 335 27.21 9.99 41.67
C LEU A 335 28.03 11.16 41.12
N LEU A 336 29.24 10.87 40.65
CA LEU A 336 30.08 11.92 40.08
C LEU A 336 29.42 12.57 38.87
N ALA A 337 28.65 11.80 38.09
CA ALA A 337 27.99 12.38 36.93
C ALA A 337 26.88 13.33 37.36
N TRP A 338 26.13 12.97 38.39
CA TRP A 338 25.14 13.89 38.95
C TRP A 338 25.81 15.19 39.41
N LYS A 339 26.89 15.06 40.19
CA LYS A 339 27.59 16.26 40.66
C LYS A 339 28.10 17.09 39.49
N GLN A 340 28.57 16.44 38.43
CA GLN A 340 29.02 17.17 37.25
C GLN A 340 27.86 17.94 36.61
N VAL A 341 26.69 17.31 36.52
CA VAL A 341 25.53 18.00 35.98
C VAL A 341 25.19 19.23 36.82
N LEU A 342 25.27 19.10 38.14
CA LEU A 342 24.97 20.24 38.99
C LEU A 342 25.99 21.36 38.78
N ALA A 343 27.28 21.01 38.74
CA ALA A 343 28.30 22.01 38.44
C ALA A 343 28.04 22.71 37.12
N GLU A 344 27.70 21.96 36.08
CA GLU A 344 27.47 22.56 34.77
C GLU A 344 26.25 23.45 34.78
N LEU A 345 25.20 23.09 35.53
CA LEU A 345 24.05 23.96 35.63
C LEU A 345 24.40 25.26 36.33
N GLN A 346 25.20 25.19 37.40
CA GLN A 346 25.62 26.43 38.06
C GLN A 346 26.51 27.27 37.13
N ASP A 347 27.33 26.61 36.31
CA ASP A 347 28.15 27.36 35.35
C ASP A 347 27.27 28.06 34.32
N ILE A 348 26.25 27.36 33.80
CA ILE A 348 25.34 28.00 32.85
C ILE A 348 24.64 29.17 33.51
N GLU A 349 24.29 29.03 34.80
CA GLU A 349 23.64 30.12 35.51
C GLU A 349 24.57 31.33 35.60
N ASN A 350 25.84 31.10 35.91
CA ASN A 350 26.78 32.22 36.07
C ASN A 350 26.99 32.94 34.74
N GLU A 351 27.08 32.20 33.64
CA GLU A 351 27.32 32.82 32.34
C GLU A 351 26.14 33.73 31.98
N GLU A 352 26.46 34.85 31.32
CA GLU A 352 25.47 35.90 31.11
C GLU A 352 24.30 35.43 30.26
N LYS A 353 24.59 34.78 29.13
CA LYS A 353 23.55 34.29 28.22
C LYS A 353 23.46 32.78 28.28
N ILE A 354 22.29 32.27 28.63
CA ILE A 354 22.05 30.83 28.67
C ILE A 354 22.26 30.25 27.27
N PRO A 355 23.17 29.30 27.08
CA PRO A 355 23.30 28.68 25.75
C PRO A 355 22.04 27.91 25.37
N LYS A 356 21.64 28.06 24.12
CA LYS A 356 20.54 27.25 23.60
C LYS A 356 20.86 25.76 23.71
N THR A 357 22.04 25.38 23.27
CA THR A 357 22.53 24.00 23.36
C THR A 357 23.80 23.99 24.19
N LYS A 358 23.84 23.11 25.18
CA LYS A 358 24.99 22.96 26.07
C LYS A 358 25.72 21.67 25.75
N ASN A 359 27.03 21.77 25.59
CA ASN A 359 27.90 20.61 25.51
C ASN A 359 28.42 20.22 26.88
N MET A 360 28.78 18.93 27.01
CA MET A 360 29.28 18.38 28.26
C MET A 360 30.76 18.02 28.12
N LYS A 361 31.48 18.11 29.23
CA LYS A 361 32.87 17.66 29.25
C LYS A 361 32.93 16.15 29.16
N LYS A 362 34.04 15.65 28.61
CA LYS A 362 34.19 14.21 28.38
C LYS A 362 35.07 13.61 29.48
N THR A 363 34.48 13.48 30.66
CA THR A 363 35.17 12.85 31.77
C THR A 363 35.06 11.34 31.69
N SER A 364 35.83 10.66 32.55
CA SER A 364 35.79 9.20 32.55
C SER A 364 34.43 8.67 33.01
N GLN A 365 33.69 9.45 33.80
CA GLN A 365 32.39 8.99 34.28
C GLN A 365 31.40 8.92 33.13
N LEU A 366 31.50 9.84 32.19
CA LEU A 366 30.56 9.91 31.09
C LEU A 366 31.07 9.13 29.89
N LYS A 367 32.39 9.07 29.72
CA LYS A 367 32.95 8.14 28.74
C LYS A 367 32.55 6.71 29.08
N TRP A 368 32.60 6.33 30.36
CA TRP A 368 32.13 5.00 30.74
C TRP A 368 30.63 4.88 30.59
N ALA A 369 29.89 5.83 31.20
CA ALA A 369 28.44 5.70 31.27
C ALA A 369 27.78 5.83 29.92
N LEU A 370 28.51 6.29 28.91
CA LEU A 370 27.98 6.46 27.55
C LEU A 370 28.63 5.48 26.59
N GLY A 371 29.39 4.52 27.09
CA GLY A 371 29.94 3.49 26.23
C GLY A 371 30.92 4.08 25.25
N GLU A 372 32.03 4.60 25.74
CA GLU A 372 33.05 5.22 24.91
C GLU A 372 34.30 4.36 24.92
N ASN A 373 34.77 3.99 23.73
CA ASN A 373 35.88 3.04 23.59
C ASN A 373 35.54 1.69 24.21
N MET A 374 34.30 1.25 24.00
CA MET A 374 33.86 -0.08 24.41
C MET A 374 33.72 -1.03 23.24
N ALA A 375 33.28 -0.54 22.08
CA ALA A 375 33.27 -1.37 20.89
C ALA A 375 34.67 -1.95 20.67
N PRO A 376 34.79 -3.17 20.17
CA PRO A 376 36.10 -3.68 19.78
C PRO A 376 36.55 -3.13 18.42
N GLU A 377 37.85 -3.16 18.22
CA GLU A 377 38.41 -2.72 16.95
C GLU A 377 38.13 -3.73 15.85
N LYS A 378 37.99 -3.21 14.63
CA LYS A 378 37.64 -4.03 13.47
C LYS A 378 38.90 -4.37 12.69
N VAL A 379 39.14 -5.65 12.49
CA VAL A 379 40.35 -6.15 11.85
C VAL A 379 39.94 -7.12 10.74
N ASP A 380 40.94 -7.69 10.08
CA ASP A 380 40.70 -8.65 9.02
C ASP A 380 40.88 -10.06 9.55
N PHE A 381 40.05 -10.99 9.05
CA PHE A 381 40.07 -12.34 9.58
C PHE A 381 41.42 -13.03 9.34
N ASP A 382 42.10 -12.68 8.24
CA ASP A 382 43.41 -13.26 7.99
C ASP A 382 44.48 -12.77 8.95
N ASP A 383 44.14 -11.85 9.86
CA ASP A 383 45.06 -11.38 10.88
C ASP A 383 44.65 -11.81 12.29
N CYS A 384 43.44 -12.35 12.46
CA CYS A 384 43.02 -12.95 13.73
C CYS A 384 42.31 -14.26 13.39
N LYS A 385 43.08 -15.35 13.31
CA LYS A 385 42.55 -16.68 13.08
C LYS A 385 42.75 -17.60 14.27
N ASP A 386 43.93 -17.59 14.87
CA ASP A 386 44.29 -18.52 15.93
C ASP A 386 43.97 -17.98 17.33
N VAL A 387 43.03 -17.04 17.44
CA VAL A 387 42.67 -16.50 18.74
C VAL A 387 41.73 -17.47 19.43
N SER A 388 41.98 -17.69 20.73
CA SER A 388 41.22 -18.70 21.47
C SER A 388 39.74 -18.38 21.51
N ASP A 389 39.38 -17.22 22.08
CA ASP A 389 37.99 -16.88 22.34
C ASP A 389 37.30 -16.23 21.14
N LEU A 390 37.87 -16.32 19.95
CA LEU A 390 37.19 -15.82 18.76
C LEU A 390 36.04 -16.75 18.40
N LYS A 391 34.82 -16.22 18.36
CA LYS A 391 33.64 -17.05 18.16
C LYS A 391 32.52 -16.18 17.59
N GLN A 392 31.38 -16.81 17.33
CA GLN A 392 30.22 -16.14 16.77
C GLN A 392 29.52 -15.31 17.83
N TYR A 393 28.82 -14.26 17.38
CA TYR A 393 28.01 -13.47 18.32
C TYR A 393 27.03 -14.37 19.05
N ASP A 394 26.75 -14.00 20.30
CA ASP A 394 25.85 -14.77 21.14
C ASP A 394 24.44 -14.67 20.57
N SER A 395 23.85 -15.81 20.20
CA SER A 395 22.53 -15.85 19.56
C SER A 395 21.76 -16.97 20.25
N ASP A 396 21.04 -16.61 21.32
CA ASP A 396 20.38 -17.56 22.19
C ASP A 396 19.01 -17.00 22.54
N GLU A 397 18.19 -17.83 23.17
CA GLU A 397 16.91 -17.37 23.68
C GLU A 397 17.15 -16.26 24.71
N PRO A 398 16.39 -15.17 24.68
CA PRO A 398 16.53 -14.16 25.72
C PRO A 398 16.34 -14.81 27.08
N GLU A 399 16.77 -14.10 28.12
CA GLU A 399 16.60 -14.66 29.46
C GLU A 399 15.12 -14.67 29.79
N LEU A 400 14.64 -15.79 30.32
CA LEU A 400 13.24 -15.90 30.68
C LEU A 400 12.93 -15.05 31.91
N ARG A 401 11.69 -14.55 31.96
CA ARG A 401 11.31 -13.65 33.03
C ARG A 401 9.80 -13.73 33.24
N SER A 402 9.39 -13.84 34.49
CA SER A 402 7.99 -14.01 34.85
C SER A 402 7.33 -12.66 35.08
N LEU A 403 6.02 -12.62 34.86
CA LEU A 403 5.27 -11.38 35.04
C LEU A 403 5.38 -10.92 36.49
N ALA A 404 5.35 -9.60 36.67
CA ALA A 404 5.44 -9.02 38.01
C ALA A 404 4.21 -8.17 38.31
N SER A 405 4.15 -7.68 39.54
CA SER A 405 3.03 -6.89 40.04
C SER A 405 3.04 -5.44 39.57
N TRP A 406 4.15 -4.94 39.03
CA TRP A 406 4.25 -3.51 38.78
C TRP A 406 3.69 -3.05 37.44
N ILE A 407 3.70 -3.89 36.39
CA ILE A 407 3.18 -3.40 35.12
C ILE A 407 1.67 -3.22 35.18
N GLN A 408 1.03 -3.76 36.21
CA GLN A 408 -0.42 -3.62 36.32
C GLN A 408 -0.75 -2.37 37.11
N SER A 409 0.08 -2.02 38.08
CA SER A 409 -0.15 -0.78 38.79
C SER A 409 0.19 0.39 37.88
N GLU A 410 1.26 0.25 37.09
CA GLU A 410 1.57 1.25 36.08
C GLU A 410 0.42 1.43 35.10
N PHE A 411 -0.20 0.33 34.64
CA PHE A 411 -1.31 0.49 33.71
C PHE A 411 -2.53 1.09 34.39
N ASN A 412 -2.78 0.71 35.65
CA ASN A 412 -3.90 1.29 36.40
C ASN A 412 -3.73 2.80 36.56
N LYS A 413 -2.52 3.25 36.86
CA LYS A 413 -2.28 4.68 37.05
C LYS A 413 -2.22 5.43 35.73
N ALA A 414 -1.84 4.76 34.64
CA ALA A 414 -1.83 5.43 33.35
C ALA A 414 -3.24 5.78 32.87
N CYS A 415 -4.26 5.07 33.35
CA CYS A 415 -5.64 5.31 32.95
C CYS A 415 -6.36 6.29 33.88
N GLU A 416 -5.65 6.98 34.75
CA GLU A 416 -6.25 7.81 35.78
C GLU A 416 -6.35 9.26 35.32
N LEU A 417 -7.24 10.00 35.96
CA LEU A 417 -7.34 11.43 35.71
C LEU A 417 -6.20 12.17 36.43
N THR A 418 -6.09 13.47 36.13
CA THR A 418 -5.03 14.30 36.68
C THR A 418 -5.56 15.72 36.82
N ASP A 419 -4.75 16.57 37.44
CA ASP A 419 -5.14 17.95 37.75
C ASP A 419 -4.51 18.94 36.79
N SER A 420 -4.38 18.56 35.52
CA SER A 420 -3.77 19.44 34.53
C SER A 420 -4.21 18.98 33.15
N SER A 421 -3.98 19.85 32.16
CA SER A 421 -4.27 19.55 30.77
C SER A 421 -2.96 19.35 30.02
N TRP A 422 -2.95 18.37 29.13
CA TRP A 422 -1.72 17.90 28.51
C TRP A 422 -1.72 17.99 26.99
N ILE A 423 -2.79 18.50 26.39
CA ILE A 423 -2.88 18.58 24.93
C ILE A 423 -3.47 19.92 24.55
N GLU A 424 -2.70 20.73 23.82
CA GLU A 424 -3.21 21.92 23.15
C GLU A 424 -3.05 21.71 21.66
N LEU A 425 -4.15 21.74 20.94
CA LEU A 425 -4.19 21.31 19.55
C LEU A 425 -4.09 22.50 18.61
N ASP A 426 -3.52 22.26 17.43
CA ASP A 426 -3.42 23.29 16.41
C ASP A 426 -4.81 23.84 16.09
N GLU A 427 -4.82 25.01 15.47
CA GLU A 427 -6.05 25.61 14.99
C GLU A 427 -6.54 24.90 13.72
N ILE A 428 -7.84 24.99 13.49
CA ILE A 428 -8.45 24.53 12.25
C ILE A 428 -9.32 25.65 11.69
N GLY A 429 -9.92 25.40 10.53
CA GLY A 429 -10.75 26.39 9.89
C GLY A 429 -12.02 26.66 10.66
N GLU A 430 -12.77 27.65 10.20
CA GLU A 430 -14.07 27.96 10.78
C GLU A 430 -15.11 26.99 10.23
N ASP A 431 -16.00 26.54 11.11
CA ASP A 431 -16.96 25.51 10.76
C ASP A 431 -18.16 26.13 10.06
N VAL A 432 -18.43 25.69 8.84
CA VAL A 432 -19.49 26.26 8.03
C VAL A 432 -20.65 25.30 7.82
N ALA A 433 -20.42 23.99 7.86
CA ALA A 433 -21.46 23.02 7.64
C ALA A 433 -21.95 22.45 8.97
N PRO A 434 -23.18 21.94 9.02
CA PRO A 434 -23.65 21.34 10.28
C PRO A 434 -22.83 20.13 10.72
N ILE A 435 -22.37 19.31 9.77
CA ILE A 435 -21.58 18.15 10.16
C ILE A 435 -20.25 18.59 10.74
N GLU A 436 -19.74 19.75 10.34
CA GLU A 436 -18.53 20.27 10.96
C GLU A 436 -18.78 20.64 12.42
N HIS A 437 -19.96 21.21 12.70
CA HIS A 437 -20.30 21.52 14.09
C HIS A 437 -20.47 20.25 14.92
N ILE A 438 -21.10 19.22 14.34
CA ILE A 438 -21.22 17.94 15.02
C ILE A 438 -19.83 17.37 15.34
N ALA A 439 -18.94 17.37 14.34
CA ALA A 439 -17.59 16.88 14.55
C ALA A 439 -16.88 17.69 15.62
N SER A 440 -17.11 19.00 15.66
CA SER A 440 -16.43 19.84 16.64
C SER A 440 -16.93 19.55 18.05
N MET A 441 -18.23 19.31 18.19
CA MET A 441 -18.75 18.98 19.51
C MET A 441 -18.26 17.61 19.98
N ARG A 442 -18.26 16.62 19.07
CA ARG A 442 -17.66 15.33 19.41
C ARG A 442 -16.23 15.50 19.87
N ARG A 443 -15.42 16.26 19.11
CA ARG A 443 -14.02 16.42 19.46
C ARG A 443 -13.87 17.14 20.79
N ASN A 444 -14.76 18.10 21.07
CA ASN A 444 -14.70 18.77 22.36
C ASN A 444 -14.93 17.79 23.50
N TYR A 445 -15.92 16.91 23.36
CA TYR A 445 -16.11 15.88 24.38
C TYR A 445 -14.87 14.99 24.52
N PHE A 446 -14.37 14.48 23.41
CA PHE A 446 -13.18 13.63 23.46
C PHE A 446 -12.04 14.33 24.20
N THR A 447 -11.68 15.53 23.75
CA THR A 447 -10.55 16.23 24.33
C THR A 447 -10.79 16.58 25.79
N ALA A 448 -12.03 16.89 26.17
CA ALA A 448 -12.33 17.14 27.58
C ALA A 448 -12.00 15.91 28.41
N GLU A 449 -12.49 14.75 27.98
CA GLU A 449 -12.21 13.53 28.74
C GLU A 449 -10.73 13.14 28.71
N VAL A 450 -10.05 13.39 27.59
CA VAL A 450 -8.72 12.80 27.39
C VAL A 450 -7.58 13.70 27.84
N SER A 451 -7.80 15.02 27.88
CA SER A 451 -6.70 15.93 28.18
C SER A 451 -6.23 15.79 29.62
N HIS A 452 -7.11 15.36 30.52
CA HIS A 452 -6.71 15.03 31.89
C HIS A 452 -6.54 13.52 32.00
N CYS A 453 -5.36 13.05 31.60
CA CYS A 453 -5.05 11.64 31.64
C CYS A 453 -3.55 11.46 31.57
N ARG A 454 -3.02 10.55 32.39
CA ARG A 454 -1.58 10.34 32.44
C ARG A 454 -1.05 9.80 31.12
N ALA A 455 -1.88 9.12 30.35
CA ALA A 455 -1.44 8.62 29.05
C ALA A 455 -1.05 9.76 28.12
N THR A 456 -1.83 10.85 28.12
CA THR A 456 -1.46 12.01 27.31
C THR A 456 -0.18 12.66 27.82
N GLU A 457 0.02 12.66 29.14
CA GLU A 457 1.28 13.16 29.68
C GLU A 457 2.45 12.33 29.18
N TYR A 458 2.29 11.01 29.12
CA TYR A 458 3.36 10.16 28.60
C TYR A 458 3.56 10.41 27.12
N ILE A 459 2.48 10.63 26.38
CA ILE A 459 2.61 10.98 24.96
C ILE A 459 3.50 12.21 24.81
N MET A 460 3.18 13.27 25.56
CA MET A 460 3.94 14.51 25.43
C MET A 460 5.38 14.33 25.88
N LYS A 461 5.59 13.65 27.01
CA LYS A 461 6.94 13.36 27.47
C LYS A 461 7.75 12.66 26.39
N GLY A 462 7.21 11.57 25.84
CA GLY A 462 7.96 10.81 24.87
C GLY A 462 8.23 11.59 23.60
N VAL A 463 7.25 12.34 23.12
CA VAL A 463 7.45 13.14 21.92
C VAL A 463 8.57 14.15 22.15
N TYR A 464 8.49 14.90 23.25
CA TYR A 464 9.53 15.89 23.54
C TYR A 464 10.89 15.22 23.65
N ILE A 465 10.98 14.12 24.42
CA ILE A 465 12.27 13.52 24.70
C ILE A 465 12.89 12.98 23.42
N ASN A 466 12.10 12.34 22.58
CA ASN A 466 12.66 11.77 21.36
C ASN A 466 13.04 12.85 20.36
N THR A 467 12.20 13.89 20.24
CA THR A 467 12.60 15.04 19.42
C THR A 467 13.94 15.62 19.88
N ALA A 468 14.04 15.92 21.17
CA ALA A 468 15.28 16.50 21.69
C ALA A 468 16.47 15.59 21.46
N LEU A 469 16.31 14.29 21.73
CA LEU A 469 17.43 13.37 21.58
C LEU A 469 17.85 13.25 20.13
N LEU A 470 16.90 13.11 19.21
CA LEU A 470 17.24 13.00 17.80
C LEU A 470 17.95 14.27 17.33
N ASN A 471 17.43 15.43 17.70
CA ASN A 471 18.02 16.68 17.20
C ASN A 471 19.42 16.87 17.76
N ALA A 472 19.63 16.62 19.05
CA ALA A 472 20.97 16.72 19.62
C ALA A 472 21.90 15.69 19.02
N SER A 473 21.38 14.50 18.69
CA SER A 473 22.20 13.44 18.11
C SER A 473 22.63 13.77 16.69
N CYS A 474 21.72 14.30 15.90
CA CYS A 474 22.06 14.67 14.52
C CYS A 474 22.95 15.90 14.48
N ALA A 475 22.72 16.86 15.38
CA ALA A 475 23.44 18.13 15.30
C ALA A 475 24.85 18.01 15.86
N ALA A 476 24.99 17.43 17.05
CA ALA A 476 26.28 17.28 17.72
C ALA A 476 26.54 15.79 17.85
N MET A 477 27.36 15.26 16.94
CA MET A 477 27.58 13.82 16.86
C MET A 477 28.77 13.36 17.69
N ASP A 478 29.77 14.22 17.89
CA ASP A 478 30.95 13.87 18.65
C ASP A 478 30.89 14.33 20.10
N ASP A 479 30.04 15.31 20.40
CA ASP A 479 29.96 15.89 21.73
C ASP A 479 28.87 15.21 22.55
N PHE A 480 29.03 15.22 23.87
CA PHE A 480 27.95 14.86 24.76
C PHE A 480 27.07 16.08 25.00
N GLN A 481 25.78 15.84 25.21
CA GLN A 481 24.84 16.95 25.29
C GLN A 481 23.83 16.76 26.41
N LEU A 482 23.63 17.81 27.19
CA LEU A 482 22.63 17.84 28.25
C LEU A 482 21.29 18.27 27.69
N ILE A 483 20.25 17.51 28.01
CA ILE A 483 18.92 17.77 27.47
C ILE A 483 17.90 17.66 28.60
N PRO A 484 17.33 18.77 29.08
CA PRO A 484 16.31 18.67 30.12
C PRO A 484 14.99 18.14 29.57
N MET A 485 14.26 17.43 30.43
CA MET A 485 12.92 16.93 30.10
C MET A 485 11.87 17.96 30.54
N ILE A 486 11.24 18.61 29.58
CA ILE A 486 10.31 19.70 29.82
C ILE A 486 8.94 19.30 29.31
N SER A 487 7.90 19.72 30.03
CA SER A 487 6.52 19.55 29.56
C SER A 487 5.69 20.70 30.10
N LYS A 488 4.92 21.34 29.23
CA LYS A 488 4.11 22.49 29.60
C LYS A 488 2.65 22.10 29.69
N CYS A 489 2.10 22.13 30.90
CA CYS A 489 0.70 21.88 31.15
C CYS A 489 0.00 23.21 31.45
N ARG A 490 -1.27 23.13 31.83
CA ARG A 490 -2.06 24.33 32.14
C ARG A 490 -3.11 23.94 33.17
N THR A 491 -2.90 24.35 34.41
CA THR A 491 -3.77 23.94 35.50
C THR A 491 -5.22 24.32 35.21
N LYS A 492 -6.14 23.66 35.93
CA LYS A 492 -7.56 23.86 35.69
C LYS A 492 -7.99 25.31 35.86
N GLU A 493 -7.33 26.05 36.75
CA GLU A 493 -7.65 27.47 36.88
C GLU A 493 -7.41 28.20 35.56
N GLY A 494 -6.37 27.79 34.82
CA GLY A 494 -6.11 28.37 33.51
C GLY A 494 -4.68 28.84 33.33
N ARG A 495 -3.94 28.99 34.42
CA ARG A 495 -2.54 29.38 34.32
C ARG A 495 -1.71 28.28 33.70
N ARG A 496 -0.80 28.66 32.80
CA ARG A 496 0.13 27.71 32.22
C ARG A 496 1.28 27.42 33.20
N LYS A 497 1.80 26.21 33.13
CA LYS A 497 2.86 25.75 34.02
C LYS A 497 3.88 24.96 33.21
N THR A 498 5.15 25.16 33.54
CA THR A 498 6.23 24.33 33.01
C THR A 498 6.65 23.30 34.04
N ASN A 499 7.09 22.14 33.56
CA ASN A 499 7.38 21.00 34.42
C ASN A 499 8.66 20.33 33.97
N LEU A 500 9.59 20.14 34.89
CA LEU A 500 10.89 19.53 34.63
C LEU A 500 10.93 18.16 35.30
N TYR A 501 11.20 17.12 34.51
CA TYR A 501 11.27 15.76 35.03
C TYR A 501 12.69 15.32 35.37
N GLY A 502 13.70 15.92 34.74
CA GLY A 502 15.07 15.52 34.95
C GLY A 502 15.99 15.95 33.83
N PHE A 503 16.97 15.11 33.51
CA PHE A 503 17.97 15.44 32.51
C PHE A 503 18.39 14.18 31.77
N ILE A 504 18.83 14.39 30.54
CA ILE A 504 19.45 13.34 29.74
C ILE A 504 20.83 13.82 29.37
N ILE A 505 21.74 12.88 29.14
CA ILE A 505 23.10 13.18 28.72
C ILE A 505 23.37 12.26 27.54
N LYS A 506 23.15 12.78 26.34
CA LYS A 506 23.40 12.04 25.10
C LYS A 506 24.90 11.88 24.88
N GLY A 507 25.35 10.63 24.77
CA GLY A 507 26.71 10.31 24.40
C GLY A 507 26.97 10.72 22.97
N ARG A 508 27.97 10.11 22.32
CA ARG A 508 28.09 10.35 20.89
C ARG A 508 27.07 9.50 20.14
N SER A 509 26.79 9.92 18.90
CA SER A 509 25.68 9.37 18.14
C SER A 509 26.05 9.21 16.66
N HIS A 510 27.13 8.48 16.39
CA HIS A 510 27.52 8.18 15.01
C HIS A 510 26.70 6.99 14.52
N LEU A 511 25.43 7.27 14.22
CA LEU A 511 24.44 6.26 13.94
C LEU A 511 24.32 6.09 12.42
N ARG A 512 24.71 4.92 11.92
CA ARG A 512 24.60 4.66 10.48
C ARG A 512 23.30 3.94 10.14
N ASN A 513 23.12 2.72 10.64
CA ASN A 513 21.90 1.98 10.37
C ASN A 513 20.77 2.47 11.28
N ASP A 514 19.54 2.11 10.89
CA ASP A 514 18.39 2.47 11.70
C ASP A 514 18.35 1.68 13.01
N THR A 515 19.14 0.62 13.12
CA THR A 515 19.23 -0.16 14.35
C THR A 515 20.42 0.22 15.22
N ASP A 516 21.38 0.96 14.66
CA ASP A 516 22.53 1.39 15.44
C ASP A 516 22.07 2.15 16.66
N VAL A 517 22.84 2.04 17.75
CA VAL A 517 22.40 2.48 19.07
C VAL A 517 23.17 3.72 19.48
N VAL A 518 22.45 4.72 19.96
CA VAL A 518 23.02 5.87 20.66
C VAL A 518 22.75 5.68 22.14
N ASN A 519 23.79 5.80 22.94
CA ASN A 519 23.69 5.62 24.38
C ASN A 519 23.48 6.96 25.05
N PHE A 520 22.74 6.94 26.16
CA PHE A 520 22.53 8.15 26.93
C PHE A 520 22.34 7.79 28.39
N VAL A 521 22.50 8.80 29.24
CA VAL A 521 22.32 8.64 30.69
C VAL A 521 21.10 9.44 31.07
N SER A 522 20.09 8.76 31.61
CA SER A 522 18.85 9.39 32.02
C SER A 522 18.81 9.54 33.54
N MET A 523 18.42 10.73 34.01
CA MET A 523 18.23 11.02 35.42
C MET A 523 16.84 11.63 35.58
N GLU A 524 16.03 11.05 36.47
CA GLU A 524 14.66 11.50 36.68
C GLU A 524 14.37 11.63 38.17
N PHE A 525 13.60 12.65 38.52
CA PHE A 525 13.21 12.84 39.92
C PHE A 525 12.03 11.93 40.25
N SER A 526 11.95 11.52 41.51
CA SER A 526 10.84 10.69 41.96
C SER A 526 10.71 10.77 43.47
N LEU A 527 9.57 10.28 43.97
CA LEU A 527 9.33 10.10 45.40
C LEU A 527 9.21 8.64 45.78
N THR A 528 9.39 7.72 44.84
CA THR A 528 9.14 6.31 45.08
C THR A 528 10.40 5.65 45.60
N ASP A 529 10.27 4.95 46.72
CA ASP A 529 11.42 4.30 47.34
C ASP A 529 11.84 3.11 46.49
N PRO A 530 13.12 2.95 46.18
CA PRO A 530 13.55 1.81 45.35
C PRO A 530 13.71 0.52 46.11
N ARG A 531 13.42 0.51 47.42
CA ARG A 531 13.61 -0.65 48.26
C ARG A 531 12.32 -1.41 48.53
N LEU A 532 11.21 -1.01 47.92
CA LEU A 532 9.93 -1.69 48.07
C LEU A 532 9.61 -2.59 46.88
N GLU A 533 10.21 -2.35 45.72
CA GLU A 533 10.05 -3.21 44.54
C GLU A 533 11.38 -3.28 43.82
N PRO A 534 12.41 -3.86 44.47
CA PRO A 534 13.76 -3.80 43.88
C PRO A 534 13.90 -4.57 42.59
N HIS A 535 13.10 -5.62 42.38
CA HIS A 535 13.18 -6.35 41.12
C HIS A 535 12.73 -5.50 39.94
N LYS A 536 11.96 -4.44 40.17
CA LYS A 536 11.56 -3.55 39.10
C LYS A 536 12.71 -2.68 38.61
N TRP A 537 13.71 -2.45 39.45
CA TRP A 537 14.76 -1.48 39.19
C TRP A 537 16.11 -2.16 39.00
N GLU A 538 16.12 -3.25 38.23
CA GLU A 538 17.34 -4.02 38.05
C GLU A 538 18.42 -3.20 37.34
N LYS A 539 18.03 -2.43 36.33
CA LYS A 539 18.97 -1.67 35.52
C LYS A 539 19.14 -0.23 35.97
N TYR A 540 18.64 0.12 37.15
CA TYR A 540 18.62 1.50 37.63
C TYR A 540 19.57 1.65 38.81
N CYS A 541 20.27 2.77 38.85
CA CYS A 541 20.87 3.27 40.08
C CYS A 541 19.96 4.35 40.65
N VAL A 542 19.78 4.34 41.97
CA VAL A 542 18.90 5.31 42.61
C VAL A 542 19.66 5.99 43.73
N LEU A 543 19.78 7.31 43.62
CA LEU A 543 20.40 8.15 44.62
C LEU A 543 19.32 8.80 45.49
N GLU A 544 19.75 9.46 46.55
CA GLU A 544 18.88 10.27 47.39
C GLU A 544 19.38 11.70 47.34
N ILE A 545 18.53 12.61 46.85
CA ILE A 545 18.97 13.95 46.49
C ILE A 545 18.26 15.04 47.26
N GLY A 546 17.15 14.78 47.94
CA GLY A 546 16.51 15.88 48.64
C GLY A 546 15.33 15.45 49.48
N ASP A 547 14.58 16.45 49.95
CA ASP A 547 13.37 16.26 50.71
C ASP A 547 12.27 17.14 50.14
N MET A 548 11.02 16.74 50.36
CA MET A 548 9.88 17.38 49.73
C MET A 548 8.76 17.52 50.76
N LEU A 549 8.24 18.73 50.88
CA LEU A 549 7.15 19.04 51.80
C LEU A 549 5.93 19.36 50.94
N LEU A 550 4.98 18.43 50.89
CA LEU A 550 3.74 18.65 50.16
C LEU A 550 2.67 19.18 51.10
N ARG A 551 1.55 19.60 50.50
CA ARG A 551 0.43 20.14 51.28
C ARG A 551 -0.20 19.03 52.09
N SER A 552 0.05 19.02 53.39
CA SER A 552 -0.40 17.99 54.30
C SER A 552 -1.30 18.58 55.36
N ALA A 553 -2.25 17.79 55.83
CA ALA A 553 -3.03 18.15 57.01
C ALA A 553 -2.39 17.67 58.31
N ILE A 554 -1.51 16.67 58.25
CA ILE A 554 -0.70 16.29 59.42
C ILE A 554 0.60 17.06 59.31
N GLY A 555 0.56 18.32 59.77
CA GLY A 555 1.67 19.22 59.61
C GLY A 555 2.17 19.28 58.17
N GLN A 556 3.46 18.98 57.98
CA GLN A 556 4.00 18.69 56.66
C GLN A 556 4.78 17.38 56.72
N VAL A 557 4.69 16.61 55.64
CA VAL A 557 5.20 15.24 55.66
C VAL A 557 6.73 15.23 55.64
N SER A 558 7.32 15.92 54.68
CA SER A 558 8.76 15.85 54.42
C SER A 558 9.16 14.44 53.97
N ARG A 559 8.57 14.01 52.85
CA ARG A 559 8.96 12.75 52.23
C ARG A 559 10.28 12.93 51.48
N PRO A 560 11.17 11.94 51.50
CA PRO A 560 12.43 12.09 50.78
C PRO A 560 12.20 12.12 49.28
N MET A 561 13.27 12.43 48.55
CA MET A 561 13.18 12.70 47.12
C MET A 561 14.41 12.09 46.47
N PHE A 562 14.17 11.15 45.57
CA PHE A 562 15.20 10.32 44.96
C PHE A 562 15.39 10.71 43.50
N LEU A 563 16.55 10.34 42.97
CA LEU A 563 16.88 10.53 41.57
C LEU A 563 17.24 9.16 40.99
N TYR A 564 16.47 8.73 39.99
CA TYR A 564 16.73 7.49 39.30
C TYR A 564 17.67 7.78 38.13
N VAL A 565 18.85 7.19 38.17
CA VAL A 565 19.88 7.38 37.17
C VAL A 565 20.14 6.05 36.48
N ARG A 566 20.33 6.07 35.17
CA ARG A 566 20.51 4.84 34.44
C ARG A 566 21.20 5.12 33.12
N THR A 567 21.83 4.08 32.59
CA THR A 567 22.31 4.07 31.22
C THR A 567 21.25 3.39 30.36
N ASN A 568 20.93 4.00 29.22
CA ASN A 568 19.97 3.44 28.29
C ASN A 568 20.44 3.73 26.87
N GLY A 569 19.64 3.33 25.90
CA GLY A 569 20.04 3.49 24.52
C GLY A 569 18.82 3.51 23.64
N THR A 570 18.99 4.06 22.45
CA THR A 570 17.88 4.21 21.52
C THR A 570 18.42 4.15 20.10
N SER A 571 17.53 3.97 19.15
CA SER A 571 17.88 3.90 17.74
C SER A 571 17.11 4.97 16.97
N LYS A 572 17.52 5.18 15.72
CA LYS A 572 16.84 6.16 14.88
C LYS A 572 15.37 5.80 14.68
N ILE A 573 15.07 4.52 14.51
CA ILE A 573 13.69 4.12 14.26
C ILE A 573 12.87 4.23 15.54
N LYS A 574 13.46 3.86 16.67
CA LYS A 574 12.75 4.00 17.94
C LYS A 574 12.46 5.46 18.23
N MET A 575 13.42 6.34 17.95
CA MET A 575 13.19 7.77 18.11
C MET A 575 12.06 8.25 17.20
N LYS A 576 12.14 7.93 15.90
CA LYS A 576 11.09 8.34 14.97
C LYS A 576 9.72 7.88 15.47
N TRP A 577 9.63 6.64 15.97
CA TRP A 577 8.33 6.11 16.38
C TRP A 577 7.87 6.60 17.75
N GLY A 578 8.79 7.03 18.61
CA GLY A 578 8.39 7.67 19.84
C GLY A 578 8.10 9.15 19.72
N MET A 579 8.51 9.79 18.63
CA MET A 579 8.08 11.15 18.34
C MET A 579 6.69 11.22 17.76
N GLU A 580 6.00 10.08 17.62
CA GLU A 580 4.69 10.00 17.00
C GLU A 580 3.76 9.16 17.86
N MET A 581 3.81 9.39 19.18
CA MET A 581 2.91 8.71 20.09
C MET A 581 1.50 9.29 20.04
N ARG A 582 1.35 10.49 19.47
CA ARG A 582 0.03 11.10 19.33
C ARG A 582 -0.90 10.25 18.46
N ARG A 583 -0.36 9.37 17.61
CA ARG A 583 -1.20 8.47 16.84
C ARG A 583 -2.11 7.66 17.75
N CYS A 584 -1.67 7.41 18.98
CA CYS A 584 -2.50 6.71 19.94
C CYS A 584 -3.83 7.43 20.16
N LEU A 585 -3.77 8.75 20.31
CA LEU A 585 -4.99 9.53 20.45
C LEU A 585 -5.93 9.28 19.28
N LEU A 586 -5.38 9.11 18.08
CA LEU A 586 -6.23 8.84 16.93
C LEU A 586 -6.86 7.46 17.06
N GLN A 587 -6.04 6.42 17.23
CA GLN A 587 -6.62 5.08 17.26
C GLN A 587 -7.74 5.03 18.29
N SER A 588 -7.40 5.28 19.57
CA SER A 588 -8.40 5.33 20.62
C SER A 588 -9.67 6.10 20.22
N LEU A 589 -9.53 7.40 19.92
CA LEU A 589 -10.73 8.21 19.71
C LEU A 589 -11.51 7.70 18.50
N GLN A 590 -10.80 7.24 17.47
CA GLN A 590 -11.44 6.65 16.31
C GLN A 590 -12.34 5.48 16.72
N GLN A 591 -11.79 4.54 17.50
CA GLN A 591 -12.59 3.42 17.94
C GLN A 591 -13.83 3.88 18.71
N ILE A 592 -13.64 4.86 19.60
CA ILE A 592 -14.77 5.39 20.35
C ILE A 592 -15.82 5.93 19.39
N GLU A 593 -15.39 6.71 18.41
CA GLU A 593 -16.31 7.28 17.43
C GLU A 593 -17.02 6.19 16.66
N SER A 594 -16.29 5.13 16.28
CA SER A 594 -16.92 3.98 15.62
C SER A 594 -18.06 3.45 16.47
N MET A 595 -17.80 3.20 17.75
CA MET A 595 -18.86 2.73 18.65
C MET A 595 -20.06 3.68 18.62
N ILE A 596 -19.79 4.97 18.79
CA ILE A 596 -20.85 5.96 18.84
C ILE A 596 -21.68 5.91 17.57
N GLU A 597 -21.02 5.91 16.41
CA GLU A 597 -21.75 5.86 15.15
C GLU A 597 -22.53 4.55 15.02
N ALA A 598 -21.95 3.45 15.50
CA ALA A 598 -22.63 2.17 15.45
C ALA A 598 -23.90 2.17 16.28
N GLU A 599 -23.98 3.05 17.28
CA GLU A 599 -25.24 3.18 18.02
C GLU A 599 -26.15 4.25 17.42
N SER A 600 -25.57 5.29 16.81
CA SER A 600 -26.36 6.33 16.17
C SER A 600 -27.08 5.80 14.95
N SER A 601 -26.49 4.81 14.27
CA SER A 601 -27.15 4.15 13.15
C SER A 601 -28.40 3.41 13.58
N VAL A 602 -28.40 2.85 14.79
CA VAL A 602 -29.56 2.10 15.27
C VAL A 602 -30.68 3.04 15.68
N LYS A 603 -30.39 4.01 16.54
CA LYS A 603 -31.34 5.04 16.93
C LYS A 603 -31.09 6.28 16.08
N GLU A 604 -32.03 6.59 15.19
CA GLU A 604 -31.82 7.62 14.17
C GLU A 604 -31.82 9.00 14.79
N LYS A 605 -30.74 9.34 15.48
CA LYS A 605 -30.58 10.62 16.17
C LYS A 605 -29.16 10.65 16.71
N ASP A 606 -28.65 11.85 16.96
CA ASP A 606 -27.32 11.96 17.52
C ASP A 606 -27.32 11.45 18.96
N MET A 607 -26.27 10.71 19.30
CA MET A 607 -26.20 10.04 20.59
C MET A 607 -24.91 10.37 21.34
N THR A 608 -24.18 11.39 20.89
CA THR A 608 -22.94 11.76 21.56
C THR A 608 -23.21 12.29 22.96
N LYS A 609 -24.24 13.12 23.10
CA LYS A 609 -24.51 13.73 24.40
C LYS A 609 -24.95 12.70 25.43
N GLU A 610 -25.84 11.77 25.06
CA GLU A 610 -26.26 10.76 26.03
C GLU A 610 -25.08 9.97 26.56
N PHE A 611 -24.27 9.38 25.68
CA PHE A 611 -23.11 8.64 26.17
C PHE A 611 -22.23 9.52 27.04
N PHE A 612 -21.85 10.69 26.55
CA PHE A 612 -20.79 11.41 27.22
C PHE A 612 -21.25 12.07 28.53
N GLU A 613 -22.53 12.40 28.64
CA GLU A 613 -23.07 13.05 29.84
C GLU A 613 -23.79 12.08 30.77
N ASN A 614 -24.80 11.38 30.25
CA ASN A 614 -25.68 10.60 31.11
C ASN A 614 -25.03 9.34 31.65
N LYS A 615 -23.93 8.88 31.05
CA LYS A 615 -23.11 7.82 31.62
C LYS A 615 -23.91 6.55 31.91
N SER A 616 -25.11 6.42 31.33
CA SER A 616 -25.92 5.23 31.56
C SER A 616 -25.23 3.97 31.04
N GLU A 617 -24.66 4.04 29.84
CA GLU A 617 -24.04 2.86 29.25
C GLU A 617 -22.74 2.54 29.97
N THR A 618 -22.43 1.25 30.09
CA THR A 618 -21.27 0.80 30.84
C THR A 618 -20.66 -0.41 30.17
N TRP A 619 -19.35 -0.34 29.93
CA TRP A 619 -18.58 -1.38 29.27
C TRP A 619 -17.67 -2.08 30.27
N PRO A 620 -17.66 -3.42 30.34
CA PRO A 620 -16.66 -4.09 31.20
C PRO A 620 -15.27 -3.58 30.91
N ILE A 621 -14.59 -3.03 31.93
CA ILE A 621 -13.28 -2.42 31.71
C ILE A 621 -12.32 -2.82 32.81
N GLY A 622 -12.45 -4.04 33.32
CA GLY A 622 -11.53 -4.53 34.34
C GLY A 622 -12.25 -5.23 35.47
N GLU A 623 -11.59 -6.24 36.04
CA GLU A 623 -12.21 -7.15 36.99
C GLU A 623 -11.75 -6.81 38.41
N SER A 624 -12.70 -6.63 39.30
CA SER A 624 -12.46 -6.47 40.72
C SER A 624 -12.58 -7.81 41.43
N PRO A 625 -12.05 -7.93 42.65
CA PRO A 625 -12.23 -9.20 43.38
C PRO A 625 -13.67 -9.64 43.50
N LYS A 626 -14.61 -8.72 43.67
CA LYS A 626 -16.02 -9.10 43.69
C LYS A 626 -16.45 -9.66 42.33
N GLY A 627 -16.00 -9.03 41.26
CA GLY A 627 -16.30 -9.51 39.92
C GLY A 627 -15.93 -8.46 38.91
N VAL A 628 -16.43 -8.65 37.68
CA VAL A 628 -16.22 -7.65 36.64
C VAL A 628 -17.03 -6.41 36.95
N GLU A 629 -16.40 -5.25 36.89
CA GLU A 629 -17.04 -3.97 37.14
C GLU A 629 -17.00 -3.16 35.85
N GLU A 630 -18.09 -2.49 35.53
CA GLU A 630 -18.22 -1.74 34.29
C GLU A 630 -18.03 -0.24 34.53
N GLY A 631 -17.65 0.45 33.45
CA GLY A 631 -17.37 1.87 33.52
C GLY A 631 -17.97 2.59 32.31
N SER A 632 -17.96 3.92 32.41
CA SER A 632 -18.57 4.76 31.38
C SER A 632 -17.63 4.95 30.19
N ILE A 633 -18.15 5.62 29.17
CA ILE A 633 -17.43 5.78 27.90
C ILE A 633 -16.11 6.51 28.11
N GLY A 634 -16.03 7.39 29.10
CA GLY A 634 -14.78 8.09 29.32
C GLY A 634 -13.69 7.18 29.86
N LYS A 635 -14.05 6.28 30.75
CA LYS A 635 -13.08 5.30 31.24
C LYS A 635 -12.61 4.40 30.11
N VAL A 636 -13.51 4.02 29.20
CA VAL A 636 -13.09 3.25 28.03
C VAL A 636 -12.11 4.04 27.16
N CYS A 637 -12.41 5.33 26.94
CA CYS A 637 -11.51 6.15 26.13
C CYS A 637 -10.12 6.20 26.75
N ARG A 638 -10.06 6.49 28.05
CA ARG A 638 -8.77 6.61 28.72
C ARG A 638 -8.06 5.27 28.79
N THR A 639 -8.81 4.17 28.96
CA THR A 639 -8.21 2.85 29.01
C THR A 639 -7.56 2.49 27.68
N LEU A 640 -8.26 2.72 26.57
CA LEU A 640 -7.68 2.42 25.28
C LEU A 640 -6.51 3.34 24.97
N LEU A 641 -6.60 4.59 25.40
CA LEU A 641 -5.47 5.50 25.23
C LEU A 641 -4.26 5.00 26.01
N ALA A 642 -4.45 4.55 27.25
CA ALA A 642 -3.32 4.05 28.04
C ALA A 642 -2.74 2.77 27.44
N LYS A 643 -3.61 1.89 26.92
CA LYS A 643 -3.12 0.71 26.23
C LYS A 643 -2.20 1.13 25.10
N SER A 644 -2.69 2.04 24.25
CA SER A 644 -1.94 2.45 23.08
C SER A 644 -0.61 3.09 23.47
N VAL A 645 -0.64 3.99 24.46
CA VAL A 645 0.59 4.64 24.88
C VAL A 645 1.59 3.60 25.34
N PHE A 646 1.12 2.61 26.12
CA PHE A 646 2.03 1.59 26.60
C PHE A 646 2.60 0.81 25.42
N ASN A 647 1.77 0.55 24.41
CA ASN A 647 2.21 -0.27 23.30
C ASN A 647 3.34 0.45 22.58
N SER A 648 3.22 1.77 22.47
CA SER A 648 4.29 2.56 21.87
C SER A 648 5.54 2.55 22.75
N LEU A 649 5.35 2.69 24.07
CA LEU A 649 6.47 2.71 24.99
C LEU A 649 7.20 1.37 25.06
N TYR A 650 6.46 0.26 25.04
CA TYR A 650 7.02 -1.07 25.25
C TYR A 650 6.95 -1.92 23.99
N ALA A 651 7.12 -1.30 22.83
CA ALA A 651 6.99 -2.01 21.57
C ALA A 651 8.16 -2.97 21.36
N SER A 652 7.84 -4.18 20.90
CA SER A 652 8.81 -5.24 20.73
C SER A 652 8.27 -6.23 19.71
N PRO A 653 9.12 -7.11 19.15
CA PRO A 653 8.59 -8.16 18.28
C PRO A 653 7.73 -9.17 19.02
N GLN A 654 7.99 -9.40 20.31
CA GLN A 654 7.14 -10.29 21.08
C GLN A 654 5.71 -9.79 21.09
N LEU A 655 5.52 -8.47 21.18
CA LEU A 655 4.18 -7.92 21.22
C LEU A 655 3.45 -8.14 19.91
N GLU A 656 4.09 -7.86 18.79
CA GLU A 656 3.50 -8.14 17.48
C GLU A 656 3.08 -9.61 17.37
N GLY A 657 4.03 -10.52 17.61
CA GLY A 657 3.73 -11.93 17.51
C GLY A 657 2.56 -12.34 18.37
N PHE A 658 2.60 -11.97 19.65
CA PHE A 658 1.53 -12.33 20.55
C PHE A 658 0.21 -11.73 20.11
N SER A 659 0.23 -10.49 19.62
CA SER A 659 -0.99 -9.85 19.19
C SER A 659 -1.66 -10.65 18.08
N ALA A 660 -0.89 -11.05 17.07
CA ALA A 660 -1.46 -11.86 16.00
C ALA A 660 -1.99 -13.20 16.53
N GLU A 661 -1.13 -13.94 17.24
CA GLU A 661 -1.49 -15.30 17.63
C GLU A 661 -2.62 -15.33 18.66
N SER A 662 -2.81 -14.25 19.42
CA SER A 662 -3.95 -14.15 20.33
C SER A 662 -5.17 -13.54 19.68
N ARG A 663 -5.00 -12.74 18.62
CA ARG A 663 -6.12 -12.34 17.78
C ARG A 663 -6.84 -13.56 17.24
N LYS A 664 -6.08 -14.53 16.75
CA LYS A 664 -6.73 -15.74 16.22
C LYS A 664 -7.56 -16.43 17.29
N LEU A 665 -7.02 -16.57 18.50
CA LEU A 665 -7.76 -17.25 19.56
C LEU A 665 -8.96 -16.42 20.02
N LEU A 666 -8.80 -15.09 20.07
CA LEU A 666 -9.94 -14.22 20.33
C LEU A 666 -11.05 -14.46 19.32
N LEU A 667 -10.68 -14.65 18.05
CA LEU A 667 -11.69 -14.86 17.03
C LEU A 667 -12.34 -16.23 17.21
N ILE A 668 -11.59 -17.21 17.68
CA ILE A 668 -12.19 -18.52 17.94
C ILE A 668 -13.21 -18.41 19.06
N VAL A 669 -12.86 -17.65 20.11
CA VAL A 669 -13.78 -17.47 21.23
C VAL A 669 -14.98 -16.66 20.83
N GLN A 670 -14.82 -15.71 19.92
CA GLN A 670 -15.98 -14.94 19.45
C GLN A 670 -16.89 -15.79 18.58
N ALA A 671 -16.32 -16.67 17.76
CA ALA A 671 -17.15 -17.58 17.00
C ALA A 671 -17.92 -18.51 17.92
N LEU A 672 -17.29 -18.96 19.01
CA LEU A 672 -18.01 -19.76 19.99
C LEU A 672 -19.11 -18.95 20.68
N ARG A 673 -18.83 -17.67 21.00
CA ARG A 673 -19.80 -16.85 21.70
C ARG A 673 -21.01 -16.57 20.83
N ASP A 674 -20.86 -16.56 19.50
CA ASP A 674 -21.94 -16.27 18.59
C ASP A 674 -22.74 -17.53 18.26
N ASN A 675 -22.38 -18.67 18.85
CA ASN A 675 -23.04 -19.95 18.59
C ASN A 675 -22.94 -20.31 17.11
N LEU A 676 -21.72 -20.28 16.59
CA LEU A 676 -21.44 -20.64 15.20
C LEU A 676 -20.59 -21.90 15.11
N GLU A 677 -20.85 -22.87 16.00
CA GLU A 677 -20.17 -24.16 16.04
C GLU A 677 -18.75 -24.08 15.50
N PRO A 678 -17.83 -23.39 16.18
CA PRO A 678 -16.48 -23.22 15.65
C PRO A 678 -15.63 -24.47 15.88
N GLY A 679 -14.57 -24.57 15.09
CA GLY A 679 -13.66 -25.70 15.19
C GLY A 679 -12.26 -25.32 14.80
N THR A 680 -11.33 -26.21 15.14
CA THR A 680 -9.90 -26.02 14.92
C THR A 680 -9.31 -27.30 14.35
N PHE A 681 -8.04 -27.22 13.96
CA PHE A 681 -7.32 -28.38 13.47
C PHE A 681 -6.14 -28.77 14.35
N ASP A 682 -5.44 -27.81 14.97
CA ASP A 682 -4.44 -28.11 15.98
C ASP A 682 -4.43 -26.92 16.95
N LEU A 683 -5.16 -27.07 18.06
CA LEU A 683 -5.25 -25.98 19.02
C LEU A 683 -4.13 -25.97 20.06
N GLY A 684 -3.66 -27.13 20.54
CA GLY A 684 -2.55 -27.12 21.47
C GLY A 684 -1.27 -26.60 20.86
N GLY A 685 -1.08 -26.86 19.56
CA GLY A 685 0.02 -26.28 18.84
C GLY A 685 -0.13 -24.78 18.70
N LEU A 686 -1.36 -24.31 18.44
CA LEU A 686 -1.60 -22.88 18.38
C LEU A 686 -1.25 -22.24 19.70
N TYR A 687 -1.61 -22.91 20.80
CA TYR A 687 -1.26 -22.39 22.12
C TYR A 687 0.26 -22.33 22.26
N GLU A 688 0.96 -23.38 21.82
CA GLU A 688 2.41 -23.38 21.86
C GLU A 688 2.99 -22.27 20.99
N ALA A 689 2.26 -21.81 19.98
CA ALA A 689 2.74 -20.73 19.14
C ALA A 689 2.52 -19.38 19.82
N ILE A 690 1.40 -19.23 20.53
CA ILE A 690 1.19 -18.04 21.34
C ILE A 690 2.25 -17.98 22.44
N GLU A 691 2.36 -19.05 23.22
CA GLU A 691 3.30 -19.08 24.34
C GLU A 691 4.74 -18.97 23.88
N GLU A 692 4.99 -19.12 22.57
CA GLU A 692 6.35 -18.98 22.05
C GLU A 692 6.82 -17.54 22.11
N CYS A 693 5.91 -16.58 22.24
CA CYS A 693 6.26 -15.17 22.22
C CYS A 693 6.40 -14.56 23.61
N LEU A 694 5.87 -15.20 24.64
CA LEU A 694 6.01 -14.74 26.01
C LEU A 694 7.39 -15.15 26.51
N ILE A 695 8.34 -14.22 26.52
CA ILE A 695 9.70 -14.52 26.96
C ILE A 695 10.09 -13.62 28.13
N ASN A 696 10.21 -12.32 27.89
CA ASN A 696 10.72 -11.44 28.94
C ASN A 696 10.09 -10.05 28.96
N ASP A 697 9.11 -9.75 28.12
CA ASP A 697 8.65 -8.37 28.03
C ASP A 697 7.49 -8.14 28.99
N PRO A 698 7.56 -7.13 29.87
CA PRO A 698 6.45 -6.94 30.81
C PRO A 698 5.12 -6.70 30.14
N TRP A 699 5.10 -5.88 29.09
CA TRP A 699 3.84 -5.55 28.44
C TRP A 699 3.20 -6.77 27.79
N VAL A 700 4.01 -7.64 27.19
CA VAL A 700 3.47 -8.82 26.52
C VAL A 700 2.95 -9.80 27.55
N LEU A 701 3.67 -9.99 28.66
CA LEU A 701 3.18 -10.86 29.72
C LEU A 701 1.88 -10.33 30.31
N LEU A 702 1.77 -9.01 30.43
CA LEU A 702 0.52 -8.43 30.94
C LEU A 702 -0.62 -8.65 29.96
N ASN A 703 -0.36 -8.49 28.66
CA ASN A 703 -1.40 -8.77 27.67
C ASN A 703 -1.82 -10.23 27.72
N ALA A 704 -0.87 -11.13 27.93
CA ALA A 704 -1.21 -12.56 28.04
C ALA A 704 -2.05 -12.82 29.28
N SER A 705 -1.69 -12.21 30.42
CA SER A 705 -2.53 -12.31 31.60
C SER A 705 -3.94 -11.80 31.33
N TRP A 706 -4.05 -10.67 30.63
CA TRP A 706 -5.37 -10.14 30.28
C TRP A 706 -6.14 -11.12 29.42
N PHE A 707 -5.47 -11.78 28.49
CA PHE A 707 -6.14 -12.74 27.62
C PHE A 707 -6.61 -13.96 28.41
N ASN A 708 -5.79 -14.41 29.36
CA ASN A 708 -6.21 -15.52 30.23
C ASN A 708 -7.43 -15.12 31.06
N SER A 709 -7.42 -13.92 31.62
CA SER A 709 -8.58 -13.46 32.38
C SER A 709 -9.82 -13.36 31.50
N PHE A 710 -9.66 -12.88 30.27
CA PHE A 710 -10.78 -12.79 29.36
C PHE A 710 -11.36 -14.17 29.04
N LEU A 711 -10.48 -15.15 28.77
CA LEU A 711 -10.95 -16.51 28.54
C LEU A 711 -11.64 -17.08 29.77
N THR A 712 -11.16 -16.72 30.96
CA THR A 712 -11.79 -17.21 32.18
C THR A 712 -13.18 -16.62 32.36
N HIS A 713 -13.35 -15.33 32.07
CA HIS A 713 -14.62 -14.66 32.28
C HIS A 713 -15.59 -14.84 31.11
N ALA A 714 -15.09 -14.94 29.88
CA ALA A 714 -15.91 -15.40 28.77
C ALA A 714 -16.11 -16.90 28.88
N LEU A 715 -16.73 -17.50 27.87
CA LEU A 715 -16.93 -18.95 27.81
C LEU A 715 -17.68 -19.45 29.06
N ARG A 716 -18.91 -18.94 29.21
CA ARG A 716 -19.71 -19.25 30.39
C ARG A 716 -21.20 -19.20 30.04
N MET B 1 -8.95 -1.90 42.18
CA MET B 1 -9.31 -2.32 40.79
C MET B 1 -8.12 -2.33 39.84
N ASP B 2 -7.92 -3.46 39.18
CA ASP B 2 -6.91 -3.57 38.13
C ASP B 2 -7.61 -3.53 36.78
N VAL B 3 -7.07 -2.74 35.86
CA VAL B 3 -7.75 -2.44 34.60
C VAL B 3 -7.38 -3.48 33.57
N ASN B 4 -8.36 -3.92 32.80
CA ASN B 4 -8.14 -4.92 31.76
C ASN B 4 -8.95 -4.52 30.52
N PRO B 5 -8.29 -4.04 29.47
CA PRO B 5 -9.03 -3.65 28.25
C PRO B 5 -9.64 -4.82 27.49
N THR B 6 -9.08 -6.02 27.59
CA THR B 6 -9.61 -7.15 26.83
C THR B 6 -11.03 -7.50 27.24
N LEU B 7 -11.40 -7.26 28.51
CA LEU B 7 -12.77 -7.54 28.92
C LEU B 7 -13.79 -6.71 28.14
N LEU B 8 -13.35 -5.64 27.47
CA LEU B 8 -14.25 -4.90 26.60
C LEU B 8 -14.91 -5.82 25.59
N PHE B 9 -14.22 -6.87 25.16
CA PHE B 9 -14.74 -7.84 24.21
C PHE B 9 -15.86 -8.71 24.77
N LEU B 10 -16.24 -8.56 26.04
CA LEU B 10 -17.36 -9.33 26.57
C LEU B 10 -18.71 -8.74 26.21
N LYS B 11 -18.76 -7.50 25.74
CA LYS B 11 -20.00 -6.89 25.27
C LYS B 11 -19.95 -6.48 23.82
N VAL B 12 -18.85 -5.88 23.38
CA VAL B 12 -18.68 -5.49 21.98
C VAL B 12 -18.01 -6.66 21.26
N PRO B 13 -18.47 -7.05 20.08
CA PRO B 13 -17.81 -8.16 19.38
C PRO B 13 -16.38 -7.83 19.02
N ALA B 14 -15.61 -8.89 18.74
CA ALA B 14 -14.18 -8.73 18.51
C ALA B 14 -13.90 -8.01 17.19
N GLN B 15 -14.84 -8.09 16.25
CA GLN B 15 -14.65 -7.42 14.97
C GLN B 15 -14.99 -5.94 15.05
N ASN B 16 -15.95 -5.56 15.88
CA ASN B 16 -16.26 -4.15 16.08
C ASN B 16 -15.29 -3.43 17.00
N ALA B 17 -14.25 -4.12 17.47
CA ALA B 17 -13.20 -3.48 18.27
C ALA B 17 -11.82 -3.99 17.91
N ILE B 18 -11.67 -4.64 16.74
CA ILE B 18 -10.40 -5.28 16.41
C ILE B 18 -9.26 -4.28 16.33
N SER B 19 -9.55 -3.00 16.10
CA SER B 19 -8.47 -2.01 16.11
C SER B 19 -7.77 -2.00 17.45
N THR B 20 -8.46 -2.39 18.52
CA THR B 20 -7.87 -2.44 19.85
C THR B 20 -6.78 -3.49 19.97
N THR B 21 -6.79 -4.51 19.10
CA THR B 21 -5.83 -5.60 19.18
C THR B 21 -4.65 -5.42 18.23
N PHE B 22 -4.37 -4.18 17.82
CA PHE B 22 -3.31 -3.88 16.86
C PHE B 22 -2.31 -2.91 17.46
N PRO B 23 -1.13 -3.38 17.91
CA PRO B 23 -0.15 -2.51 18.58
C PRO B 23 0.72 -1.71 17.61
N TYR B 24 0.07 -1.03 16.67
CA TYR B 24 0.76 -0.38 15.56
C TYR B 24 1.13 1.07 15.86
N THR B 25 1.44 1.40 17.12
CA THR B 25 1.91 2.72 17.51
C THR B 25 3.36 2.71 17.99
N GLY B 26 4.09 1.61 17.78
CA GLY B 26 5.45 1.50 18.29
C GLY B 26 6.40 0.95 17.26
N ASP B 27 7.69 1.06 17.56
CA ASP B 27 8.73 0.69 16.63
C ASP B 27 8.49 -0.72 16.09
N PRO B 28 8.55 -0.93 14.77
CA PRO B 28 8.44 -2.28 14.23
C PRO B 28 9.73 -3.05 14.41
N PRO B 29 9.64 -4.38 14.55
CA PRO B 29 10.86 -5.17 14.79
C PRO B 29 11.80 -5.15 13.60
N TYR B 30 13.09 -4.97 13.88
CA TYR B 30 14.10 -4.87 12.84
C TYR B 30 15.22 -5.87 13.06
N SER B 31 15.84 -6.26 11.96
CA SER B 31 17.02 -7.08 11.95
C SER B 31 18.23 -6.16 12.08
N HIS B 32 19.33 -6.71 12.57
CA HIS B 32 20.47 -5.89 12.94
C HIS B 32 21.72 -6.21 12.15
N GLY B 33 21.97 -7.48 11.84
CA GLY B 33 23.16 -7.91 11.15
C GLY B 33 22.84 -8.72 9.92
N THR B 34 23.71 -9.69 9.64
CA THR B 34 23.61 -10.51 8.45
C THR B 34 22.25 -11.21 8.40
N GLY B 35 21.90 -11.61 7.18
CA GLY B 35 20.76 -12.47 6.96
C GLY B 35 21.20 -13.81 6.42
N THR B 36 22.50 -14.09 6.56
CA THR B 36 23.02 -15.39 6.12
C THR B 36 22.37 -16.53 6.89
N GLY B 37 22.14 -16.34 8.18
CA GLY B 37 21.58 -17.43 8.96
C GLY B 37 20.19 -17.82 8.50
N TYR B 38 19.36 -16.83 8.18
CA TYR B 38 18.01 -17.13 7.70
C TYR B 38 18.03 -17.71 6.30
N THR B 39 18.96 -17.26 5.45
CA THR B 39 19.10 -17.87 4.14
C THR B 39 19.46 -19.35 4.26
N MET B 40 20.48 -19.67 5.05
CA MET B 40 20.83 -21.07 5.27
C MET B 40 19.66 -21.85 5.83
N ASP B 41 18.97 -21.28 6.82
CA ASP B 41 17.83 -21.97 7.42
C ASP B 41 16.76 -22.28 6.38
N THR B 42 16.43 -21.30 5.54
CA THR B 42 15.40 -21.49 4.53
C THR B 42 15.82 -22.52 3.50
N VAL B 43 17.08 -22.48 3.06
CA VAL B 43 17.57 -23.46 2.11
C VAL B 43 17.45 -24.86 2.71
N ASN B 44 17.90 -25.03 3.96
CA ASN B 44 17.87 -26.36 4.55
C ASN B 44 16.45 -26.83 4.81
N ARG B 45 15.54 -25.91 5.12
CA ARG B 45 14.14 -26.29 5.30
C ARG B 45 13.53 -26.74 3.98
N THR B 46 13.66 -25.92 2.93
CA THR B 46 13.04 -26.27 1.66
C THR B 46 13.71 -27.47 1.01
N HIS B 47 14.94 -27.80 1.41
CA HIS B 47 15.50 -29.10 1.04
C HIS B 47 15.07 -30.21 1.98
N GLN B 48 14.56 -29.87 3.16
CA GLN B 48 14.03 -30.90 4.06
C GLN B 48 12.62 -31.32 3.67
N TYR B 49 11.79 -30.38 3.25
CA TYR B 49 10.41 -30.68 2.88
C TYR B 49 10.31 -31.35 1.53
N SER B 50 11.43 -31.71 0.92
CA SER B 50 11.44 -32.36 -0.38
C SER B 50 12.49 -33.46 -0.45
N GLU B 51 12.77 -34.11 0.68
CA GLU B 51 13.95 -34.96 0.79
C GLU B 51 13.77 -36.31 0.11
N LYS B 52 12.54 -36.79 -0.05
CA LYS B 52 12.28 -38.05 -0.74
C LYS B 52 12.35 -37.90 -2.25
N GLY B 53 12.73 -36.74 -2.76
CA GLY B 53 12.85 -36.53 -4.19
C GLY B 53 14.06 -37.20 -4.79
N ARG B 54 14.48 -36.74 -5.97
CA ARG B 54 15.61 -37.32 -6.69
C ARG B 54 16.69 -36.27 -6.86
N TRP B 55 17.94 -36.67 -6.68
CA TRP B 55 19.06 -35.75 -6.79
C TRP B 55 19.69 -35.81 -8.18
N THR B 56 20.25 -34.68 -8.59
CA THR B 56 20.91 -34.59 -9.88
C THR B 56 22.06 -33.60 -9.76
N THR B 57 22.99 -33.67 -10.72
CA THR B 57 24.12 -32.76 -10.81
C THR B 57 24.05 -32.02 -12.13
N ASN B 58 23.89 -30.70 -12.07
CA ASN B 58 23.77 -29.92 -13.30
C ASN B 58 25.05 -29.98 -14.10
N THR B 59 24.92 -30.22 -15.40
CA THR B 59 26.09 -30.26 -16.26
C THR B 59 26.61 -28.87 -16.57
N GLU B 60 25.78 -27.85 -16.40
CA GLU B 60 26.13 -26.48 -16.74
C GLU B 60 26.63 -25.68 -15.54
N THR B 61 25.95 -25.77 -14.40
CA THR B 61 26.37 -25.09 -13.19
C THR B 61 27.16 -25.98 -12.23
N GLY B 62 27.00 -27.30 -12.32
CA GLY B 62 27.63 -28.19 -11.37
C GLY B 62 26.94 -28.28 -10.03
N ALA B 63 25.69 -27.83 -9.94
CA ALA B 63 25.04 -27.71 -8.65
C ALA B 63 24.20 -28.96 -8.36
N PRO B 64 24.15 -29.42 -7.10
CA PRO B 64 23.28 -30.53 -6.74
C PRO B 64 21.84 -30.05 -6.55
N GLN B 65 20.92 -30.62 -7.34
CA GLN B 65 19.53 -30.19 -7.34
C GLN B 65 18.61 -31.33 -6.93
N LEU B 66 17.65 -31.02 -6.07
CA LEU B 66 16.69 -31.99 -5.57
C LEU B 66 15.35 -31.72 -6.26
N ASN B 67 14.85 -32.71 -7.00
CA ASN B 67 13.58 -32.60 -7.71
C ASN B 67 12.54 -33.46 -7.00
N PRO B 68 11.56 -32.88 -6.32
CA PRO B 68 10.49 -33.70 -5.69
C PRO B 68 9.20 -33.87 -6.47
N ILE B 69 9.04 -33.29 -7.66
CA ILE B 69 7.75 -33.39 -8.34
C ILE B 69 7.54 -34.82 -8.81
N ASP B 70 6.28 -35.27 -8.73
CA ASP B 70 5.93 -36.67 -9.01
C ASP B 70 6.71 -37.62 -8.11
N GLY B 71 7.09 -37.14 -6.93
CA GLY B 71 7.71 -37.96 -5.93
C GLY B 71 6.68 -38.78 -5.20
N PRO B 72 7.07 -39.47 -4.13
CA PRO B 72 6.10 -40.26 -3.37
C PRO B 72 5.05 -39.37 -2.73
N LEU B 73 3.97 -40.00 -2.31
CA LEU B 73 2.92 -39.22 -1.67
C LEU B 73 3.19 -39.05 -0.18
N PRO B 74 2.76 -37.94 0.41
CA PRO B 74 3.01 -37.71 1.84
C PRO B 74 2.28 -38.72 2.70
N GLU B 75 2.85 -38.98 3.88
CA GLU B 75 2.28 -39.92 4.83
C GLU B 75 1.89 -39.30 6.16
N ASP B 76 2.18 -38.01 6.39
CA ASP B 76 1.83 -37.34 7.63
C ASP B 76 1.42 -35.91 7.29
N ASN B 77 1.04 -35.15 8.33
CA ASN B 77 0.58 -33.78 8.15
C ASN B 77 1.71 -32.76 8.25
N GLU B 78 2.93 -33.17 7.97
CA GLU B 78 4.05 -32.23 7.91
C GLU B 78 4.13 -31.61 6.53
N PRO B 79 4.87 -30.52 6.37
CA PRO B 79 4.97 -29.88 5.05
C PRO B 79 5.61 -30.82 4.04
N SER B 80 5.23 -30.64 2.78
CA SER B 80 5.71 -31.50 1.71
C SER B 80 5.71 -30.71 0.42
N GLY B 81 6.79 -30.85 -0.35
CA GLY B 81 6.87 -30.25 -1.66
C GLY B 81 6.76 -31.25 -2.80
N TYR B 82 6.13 -32.38 -2.54
CA TYR B 82 5.99 -33.42 -3.56
C TYR B 82 4.68 -33.17 -4.29
N ALA B 83 4.75 -32.31 -5.30
CA ALA B 83 3.59 -32.02 -6.14
C ALA B 83 3.56 -33.01 -7.30
N GLN B 84 2.36 -33.23 -7.82
CA GLN B 84 2.13 -34.20 -8.88
C GLN B 84 1.83 -33.47 -10.16
N THR B 85 2.61 -33.73 -11.21
CA THR B 85 2.44 -33.02 -12.46
C THR B 85 1.07 -33.32 -13.07
N ASP B 86 0.66 -34.59 -13.03
CA ASP B 86 -0.63 -34.96 -13.60
C ASP B 86 -1.77 -34.24 -12.90
N CYS B 87 -1.66 -34.04 -11.58
CA CYS B 87 -2.74 -33.40 -10.84
C CYS B 87 -2.76 -31.89 -11.10
N VAL B 88 -1.60 -31.26 -11.22
CA VAL B 88 -1.55 -29.85 -11.60
C VAL B 88 -2.18 -29.67 -12.98
N LEU B 89 -1.82 -30.54 -13.92
CA LEU B 89 -2.35 -30.42 -15.28
C LEU B 89 -3.86 -30.66 -15.30
N GLU B 90 -4.35 -31.58 -14.46
CA GLU B 90 -5.79 -31.79 -14.38
C GLU B 90 -6.49 -30.59 -13.78
N ALA B 91 -5.88 -29.95 -12.79
CA ALA B 91 -6.44 -28.72 -12.23
C ALA B 91 -6.52 -27.64 -13.30
N MET B 92 -5.44 -27.45 -14.06
CA MET B 92 -5.47 -26.46 -15.13
C MET B 92 -6.55 -26.80 -16.16
N ALA B 93 -6.69 -28.08 -16.49
CA ALA B 93 -7.68 -28.48 -17.49
C ALA B 93 -9.08 -28.16 -17.02
N PHE B 94 -9.40 -28.51 -15.76
CA PHE B 94 -10.74 -28.20 -15.25
C PHE B 94 -10.97 -26.70 -15.11
N LEU B 95 -9.93 -25.94 -14.79
CA LEU B 95 -10.05 -24.49 -14.75
C LEU B 95 -10.42 -23.94 -16.12
N GLU B 96 -9.71 -24.38 -17.16
CA GLU B 96 -10.06 -23.96 -18.51
C GLU B 96 -11.44 -24.42 -18.91
N GLU B 97 -11.85 -25.61 -18.45
CA GLU B 97 -13.19 -26.10 -18.77
C GLU B 97 -14.28 -25.24 -18.16
N SER B 98 -14.05 -24.73 -16.95
CA SER B 98 -15.07 -23.91 -16.30
C SER B 98 -15.07 -22.47 -16.80
N HIS B 99 -13.94 -21.97 -17.28
CA HIS B 99 -13.83 -20.62 -17.82
C HIS B 99 -13.21 -20.74 -19.21
N PRO B 100 -14.00 -21.13 -20.20
CA PRO B 100 -13.43 -21.41 -21.53
C PRO B 100 -12.88 -20.15 -22.20
N GLY B 101 -11.85 -20.37 -23.01
CA GLY B 101 -11.21 -19.29 -23.74
C GLY B 101 -10.34 -18.38 -22.91
N ILE B 102 -10.16 -18.66 -21.62
CA ILE B 102 -9.39 -17.75 -20.76
C ILE B 102 -7.92 -17.78 -21.13
N PHE B 103 -7.36 -18.97 -21.37
CA PHE B 103 -5.93 -19.07 -21.65
C PHE B 103 -5.62 -18.52 -23.03
N GLU B 104 -6.46 -18.79 -24.03
CA GLU B 104 -6.24 -18.23 -25.36
C GLU B 104 -6.18 -16.71 -25.30
N ASN B 105 -7.19 -16.08 -24.69
CA ASN B 105 -7.23 -14.63 -24.64
C ASN B 105 -6.07 -14.06 -23.83
N SER B 106 -5.75 -14.67 -22.69
CA SER B 106 -4.61 -14.19 -21.90
C SER B 106 -3.32 -14.28 -22.70
N CYS B 107 -3.15 -15.35 -23.49
CA CYS B 107 -1.94 -15.48 -24.27
C CYS B 107 -1.90 -14.45 -25.39
N LEU B 108 -3.05 -14.13 -25.97
CA LEU B 108 -3.09 -13.10 -27.00
C LEU B 108 -2.72 -11.73 -26.42
N GLU B 109 -3.32 -11.38 -25.28
CA GLU B 109 -2.96 -10.14 -24.60
C GLU B 109 -1.46 -10.07 -24.31
N THR B 110 -0.91 -11.13 -23.72
CA THR B 110 0.50 -11.12 -23.38
C THR B 110 1.39 -11.09 -24.62
N MET B 111 0.91 -11.67 -25.74
CA MET B 111 1.67 -11.58 -26.97
C MET B 111 1.71 -10.15 -27.49
N GLU B 112 0.56 -9.47 -27.46
CA GLU B 112 0.54 -8.06 -27.79
C GLU B 112 1.53 -7.28 -26.94
N VAL B 113 1.51 -7.53 -25.63
CA VAL B 113 2.42 -6.82 -24.72
C VAL B 113 3.87 -7.10 -25.11
N VAL B 114 4.19 -8.36 -25.40
CA VAL B 114 5.56 -8.71 -25.79
C VAL B 114 5.96 -7.97 -27.05
N GLN B 115 5.03 -7.83 -28.00
CA GLN B 115 5.35 -7.18 -29.27
C GLN B 115 5.54 -5.68 -29.08
N GLN B 116 4.82 -5.09 -28.12
CA GLN B 116 4.85 -3.65 -27.90
C GLN B 116 5.94 -3.25 -26.91
N THR B 117 6.21 -4.09 -25.93
CA THR B 117 7.00 -3.74 -24.76
C THR B 117 8.41 -3.28 -25.15
N ARG B 118 9.02 -2.49 -24.26
CA ARG B 118 10.31 -1.85 -24.47
C ARG B 118 11.21 -2.10 -23.26
N VAL B 119 12.49 -1.77 -23.43
CA VAL B 119 13.49 -2.01 -22.39
C VAL B 119 13.37 -1.01 -21.24
N ASP B 120 13.02 0.24 -21.53
CA ASP B 120 12.97 1.27 -20.49
C ASP B 120 12.07 0.92 -19.32
N LYS B 121 11.07 0.06 -19.50
CA LYS B 121 10.20 -0.27 -18.38
C LYS B 121 10.94 -1.00 -17.27
N LEU B 122 12.09 -1.63 -17.57
CA LEU B 122 12.82 -2.29 -16.50
C LEU B 122 13.48 -1.29 -15.56
N THR B 123 13.54 -0.01 -15.93
CA THR B 123 14.04 1.00 -15.00
C THR B 123 13.06 1.24 -13.86
N GLN B 124 11.79 0.92 -14.05
CA GLN B 124 10.75 1.10 -13.03
C GLN B 124 10.72 -0.14 -12.16
N GLY B 125 11.55 -0.15 -11.12
CA GLY B 125 11.64 -1.32 -10.28
C GLY B 125 12.30 -1.01 -8.95
N ARG B 126 12.36 -2.04 -8.10
CA ARG B 126 12.95 -1.92 -6.79
C ARG B 126 14.46 -2.13 -6.87
N GLN B 127 15.11 -2.31 -5.72
CA GLN B 127 16.51 -2.71 -5.71
C GLN B 127 16.70 -4.02 -6.46
N THR B 128 17.77 -4.08 -7.25
CA THR B 128 18.09 -5.28 -8.01
C THR B 128 19.56 -5.65 -7.83
N TYR B 129 19.82 -6.94 -7.67
CA TYR B 129 21.18 -7.43 -7.48
C TYR B 129 21.98 -7.25 -8.77
N ASP B 130 22.86 -6.27 -8.80
CA ASP B 130 23.78 -6.15 -9.93
C ASP B 130 24.82 -7.26 -9.84
N TRP B 131 24.95 -8.01 -10.94
CA TRP B 131 25.89 -9.12 -11.05
C TRP B 131 27.27 -8.69 -11.50
N THR B 132 27.46 -7.43 -11.86
CA THR B 132 28.76 -6.93 -12.27
C THR B 132 29.56 -6.49 -11.06
N LEU B 133 28.87 -5.98 -10.03
CA LEU B 133 29.48 -5.56 -8.79
C LEU B 133 29.15 -6.50 -7.64
N ASN B 134 28.27 -7.48 -7.87
CA ASN B 134 27.80 -8.39 -6.83
C ASN B 134 27.17 -7.58 -5.68
N ARG B 135 26.33 -6.62 -6.03
CA ARG B 135 25.81 -5.71 -5.02
C ARG B 135 24.41 -5.24 -5.39
N ASN B 136 23.54 -5.11 -4.40
CA ASN B 136 22.23 -4.52 -4.65
C ASN B 136 22.39 -3.08 -5.12
N GLN B 137 21.77 -2.77 -6.25
CA GLN B 137 21.86 -1.45 -6.87
C GLN B 137 20.52 -1.11 -7.49
N PRO B 138 20.19 0.17 -7.63
CA PRO B 138 18.89 0.54 -8.17
C PRO B 138 18.67 -0.10 -9.53
N ALA B 139 17.40 -0.33 -9.87
CA ALA B 139 17.08 -1.11 -11.06
C ALA B 139 17.70 -0.48 -12.30
N ALA B 140 17.67 0.85 -12.40
CA ALA B 140 18.23 1.50 -13.59
C ALA B 140 19.74 1.40 -13.61
N THR B 141 20.38 1.53 -12.45
CA THR B 141 21.85 1.38 -12.40
C THR B 141 22.27 -0.02 -12.81
N ALA B 142 21.57 -1.05 -12.29
CA ALA B 142 21.92 -2.41 -12.66
C ALA B 142 21.69 -2.67 -14.14
N LEU B 143 20.54 -2.22 -14.66
CA LEU B 143 20.28 -2.37 -16.08
C LEU B 143 21.38 -1.71 -16.91
N ALA B 144 21.77 -0.49 -16.54
CA ALA B 144 22.78 0.22 -17.31
C ALA B 144 24.13 -0.48 -17.25
N ASN B 145 24.51 -0.99 -16.07
CA ASN B 145 25.79 -1.68 -15.97
C ASN B 145 25.78 -2.96 -16.78
N THR B 146 24.67 -3.70 -16.74
CA THR B 146 24.57 -4.93 -17.52
C THR B 146 24.65 -4.63 -19.00
N ILE B 147 23.94 -3.60 -19.46
CA ILE B 147 23.98 -3.24 -20.88
C ILE B 147 25.40 -2.85 -21.28
N GLU B 148 26.09 -2.10 -20.41
CA GLU B 148 27.45 -1.69 -20.73
C GLU B 148 28.36 -2.90 -20.84
N VAL B 149 28.25 -3.85 -19.92
CA VAL B 149 29.10 -5.03 -19.97
C VAL B 149 28.79 -5.88 -21.19
N PHE B 150 27.50 -6.00 -21.54
CA PHE B 150 27.14 -6.71 -22.76
C PHE B 150 27.79 -6.07 -23.98
N ARG B 151 27.61 -4.76 -24.14
CA ARG B 151 28.19 -4.10 -25.31
C ARG B 151 29.71 -4.21 -25.31
N SER B 152 30.33 -4.23 -24.12
CA SER B 152 31.77 -4.44 -24.04
C SER B 152 32.18 -5.86 -24.39
N ASN B 153 31.28 -6.83 -24.24
CA ASN B 153 31.62 -8.22 -24.52
C ASN B 153 31.32 -8.61 -25.95
N GLY B 154 30.24 -8.10 -26.53
CA GLY B 154 29.91 -8.41 -27.91
C GLY B 154 28.43 -8.54 -28.18
N LEU B 155 27.62 -8.61 -27.12
CA LEU B 155 26.18 -8.71 -27.28
C LEU B 155 25.65 -7.31 -27.51
N THR B 156 25.12 -7.06 -28.72
CA THR B 156 24.78 -5.69 -29.10
C THR B 156 23.42 -5.55 -29.79
N ALA B 157 22.53 -6.54 -29.69
CA ALA B 157 21.22 -6.44 -30.34
C ALA B 157 20.30 -5.41 -29.70
N ASN B 158 20.52 -5.09 -28.42
CA ASN B 158 19.65 -4.20 -27.66
C ASN B 158 19.51 -2.78 -28.22
N GLU B 159 20.31 -2.34 -29.19
CA GLU B 159 19.98 -1.05 -29.81
C GLU B 159 18.57 -1.06 -30.38
N SER B 160 17.97 -2.23 -30.58
CA SER B 160 16.59 -2.24 -31.03
C SER B 160 15.63 -1.66 -30.00
N GLY B 161 16.06 -1.50 -28.76
CA GLY B 161 15.19 -0.94 -27.74
C GLY B 161 13.95 -1.76 -27.46
N ARG B 162 14.05 -3.07 -27.53
CA ARG B 162 12.94 -3.96 -27.21
C ARG B 162 13.34 -4.92 -26.11
N LEU B 163 12.40 -5.22 -25.22
CA LEU B 163 12.72 -6.08 -24.09
C LEU B 163 13.06 -7.48 -24.57
N ILE B 164 12.36 -7.96 -25.61
CA ILE B 164 12.58 -9.31 -26.08
C ILE B 164 13.96 -9.43 -26.72
N ASP B 165 14.47 -8.33 -27.28
CA ASP B 165 15.83 -8.36 -27.82
C ASP B 165 16.85 -8.37 -26.69
N PHE B 166 16.56 -7.69 -25.59
CA PHE B 166 17.44 -7.77 -24.42
C PHE B 166 17.45 -9.19 -23.86
N LEU B 167 16.31 -9.88 -23.94
CA LEU B 167 16.25 -11.26 -23.49
C LEU B 167 17.01 -12.18 -24.45
N LYS B 168 16.94 -11.90 -25.75
CA LYS B 168 17.76 -12.69 -26.69
C LYS B 168 19.24 -12.47 -26.43
N ASP B 169 19.62 -11.25 -26.06
CA ASP B 169 21.03 -10.99 -25.79
C ASP B 169 21.46 -11.69 -24.52
N VAL B 170 20.59 -11.71 -23.51
CA VAL B 170 20.88 -12.47 -22.29
C VAL B 170 21.06 -13.95 -22.61
N MET B 171 20.23 -14.49 -23.50
CA MET B 171 20.36 -15.90 -23.86
C MET B 171 21.64 -16.18 -24.66
N GLU B 172 22.06 -15.26 -25.54
CA GLU B 172 23.32 -15.52 -26.23
C GLU B 172 24.53 -15.19 -25.37
N SER B 173 24.35 -14.50 -24.24
CA SER B 173 25.49 -14.26 -23.36
C SER B 173 25.92 -15.53 -22.65
N MET B 174 24.98 -16.45 -22.41
CA MET B 174 25.29 -17.68 -21.70
C MET B 174 26.08 -18.67 -22.54
N ASP B 175 26.01 -18.57 -23.87
CA ASP B 175 26.72 -19.49 -24.76
C ASP B 175 28.11 -18.97 -25.15
N LYS B 176 28.69 -18.07 -24.36
CA LYS B 176 30.01 -17.52 -24.61
C LYS B 176 30.99 -18.11 -23.60
N GLU B 177 32.21 -18.38 -24.06
CA GLU B 177 33.19 -19.05 -23.21
C GLU B 177 33.88 -18.11 -22.22
N GLU B 178 33.65 -16.80 -22.29
CA GLU B 178 34.28 -15.90 -21.32
C GLU B 178 33.70 -14.48 -21.34
N MET B 179 33.01 -14.11 -20.26
CA MET B 179 32.61 -12.72 -20.07
C MET B 179 33.80 -11.90 -19.58
N GLU B 180 33.64 -10.58 -19.66
CA GLU B 180 34.67 -9.63 -19.27
C GLU B 180 34.03 -8.54 -18.42
N ILE B 181 34.27 -8.59 -17.11
CA ILE B 181 33.72 -7.60 -16.18
C ILE B 181 34.83 -6.66 -15.72
N THR B 182 34.47 -5.66 -14.92
CA THR B 182 35.43 -4.68 -14.43
C THR B 182 35.29 -4.53 -12.93
N THR B 183 36.43 -4.38 -12.24
CA THR B 183 36.43 -4.23 -10.79
C THR B 183 37.26 -3.04 -10.37
N HIS B 184 36.73 -2.29 -9.40
CA HIS B 184 37.35 -1.12 -8.83
C HIS B 184 38.09 -1.47 -7.54
N PHE B 185 39.09 -0.66 -7.20
CA PHE B 185 39.79 -0.76 -5.92
C PHE B 185 40.10 0.65 -5.43
N GLN B 186 40.76 0.73 -4.29
CA GLN B 186 41.32 2.00 -3.80
C GLN B 186 42.34 1.75 -2.70
N ILE B 205 42.86 6.36 -8.61
CA ILE B 205 41.73 5.44 -8.59
C ILE B 205 41.33 5.07 -10.02
N GLY B 206 41.32 3.77 -10.30
CA GLY B 206 41.04 3.27 -11.62
C GLY B 206 40.21 2.00 -11.60
N LYS B 207 40.37 1.18 -12.63
CA LYS B 207 39.59 -0.04 -12.78
C LYS B 207 40.50 -1.13 -13.33
N LYS B 208 39.99 -2.36 -13.29
CA LYS B 208 40.74 -3.52 -13.79
C LYS B 208 39.80 -4.44 -14.54
N LYS B 209 40.32 -5.02 -15.62
CA LYS B 209 39.57 -5.98 -16.40
C LYS B 209 39.68 -7.35 -15.74
N GLN B 210 38.59 -8.12 -15.79
CA GLN B 210 38.58 -9.47 -15.26
C GLN B 210 37.75 -10.33 -16.20
N ARG B 211 38.00 -11.63 -16.16
CA ARG B 211 37.31 -12.56 -17.03
C ARG B 211 36.55 -13.59 -16.22
N LEU B 212 35.50 -14.13 -16.83
CA LEU B 212 34.61 -15.08 -16.18
C LEU B 212 34.33 -16.22 -17.15
N ASN B 213 34.83 -17.40 -16.84
CA ASN B 213 34.52 -18.57 -17.65
C ASN B 213 33.01 -18.81 -17.66
N LYS B 214 32.58 -19.74 -18.51
CA LYS B 214 31.16 -19.91 -18.76
C LYS B 214 30.43 -20.29 -17.47
N ARG B 215 31.05 -21.14 -16.65
CA ARG B 215 30.40 -21.59 -15.43
C ARG B 215 30.22 -20.44 -14.44
N SER B 216 31.24 -19.59 -14.32
CA SER B 216 31.15 -18.44 -13.43
C SER B 216 30.04 -17.50 -13.86
N TYR B 217 30.02 -17.11 -15.13
CA TYR B 217 28.95 -16.24 -15.61
C TYR B 217 27.58 -16.89 -15.46
N LEU B 218 27.50 -18.20 -15.62
CA LEU B 218 26.21 -18.88 -15.47
C LEU B 218 25.72 -18.77 -14.04
N ILE B 219 26.61 -19.05 -13.08
CA ILE B 219 26.22 -18.97 -11.68
C ILE B 219 25.91 -17.53 -11.29
N ARG B 220 26.56 -16.55 -11.92
CA ARG B 220 26.26 -15.16 -11.62
C ARG B 220 24.93 -14.71 -12.22
N ALA B 221 24.59 -15.21 -13.41
CA ALA B 221 23.33 -14.85 -14.04
C ALA B 221 22.15 -15.55 -13.37
N LEU B 222 22.35 -16.74 -12.81
CA LEU B 222 21.28 -17.51 -12.22
C LEU B 222 21.11 -17.26 -10.73
N THR B 223 22.03 -16.54 -10.10
CA THR B 223 22.02 -16.41 -8.65
C THR B 223 21.10 -15.27 -8.21
N LEU B 224 20.69 -15.33 -6.95
CA LEU B 224 19.86 -14.33 -6.33
C LEU B 224 20.57 -13.78 -5.11
N ASN B 225 20.28 -12.54 -4.76
CA ASN B 225 20.80 -11.96 -3.54
C ASN B 225 19.78 -12.12 -2.43
N THR B 226 20.24 -12.13 -1.19
CA THR B 226 19.38 -12.34 -0.05
C THR B 226 19.57 -11.22 0.96
N MET B 227 18.48 -10.90 1.66
CA MET B 227 18.49 -9.82 2.64
C MET B 227 17.45 -10.14 3.70
N THR B 228 17.52 -9.45 4.82
CA THR B 228 16.53 -9.59 5.87
C THR B 228 15.44 -8.53 5.66
N LYS B 229 14.20 -8.91 5.95
CA LYS B 229 13.05 -8.05 5.74
C LYS B 229 12.75 -7.27 7.01
N ASP B 230 12.94 -5.96 6.96
CA ASP B 230 12.70 -5.08 8.09
C ASP B 230 11.27 -4.56 8.06
N ALA B 231 10.84 -4.03 9.20
CA ALA B 231 9.52 -3.38 9.33
C ALA B 231 8.41 -4.32 8.87
N GLU B 232 8.48 -5.57 9.34
CA GLU B 232 7.39 -6.52 9.16
C GLU B 232 6.60 -6.66 10.45
N ARG B 233 5.30 -6.46 10.36
CA ARG B 233 4.41 -6.54 11.52
C ARG B 233 3.82 -7.93 11.67
N GLY B 234 4.00 -8.54 12.84
CA GLY B 234 3.21 -9.70 13.22
C GLY B 234 3.98 -10.98 13.42
N LYS B 235 5.30 -10.90 13.53
CA LYS B 235 6.12 -12.10 13.67
C LYS B 235 7.26 -11.85 14.64
N LEU B 236 7.53 -12.85 15.49
CA LEU B 236 8.64 -12.75 16.42
C LEU B 236 9.99 -12.98 15.73
N LYS B 237 10.03 -13.83 14.72
CA LYS B 237 11.28 -14.22 14.10
C LYS B 237 11.40 -13.61 12.71
N ARG B 238 12.63 -13.30 12.32
CA ARG B 238 12.89 -12.61 11.07
C ARG B 238 12.88 -13.58 9.90
N ARG B 239 12.55 -13.06 8.73
CA ARG B 239 12.45 -13.83 7.50
C ARG B 239 13.42 -13.25 6.50
N ALA B 240 13.85 -14.08 5.56
CA ALA B 240 14.73 -13.65 4.48
C ALA B 240 13.91 -13.42 3.21
N ILE B 241 14.44 -12.54 2.37
CA ILE B 241 13.82 -12.21 1.08
C ILE B 241 14.93 -12.17 0.04
N ALA B 242 14.53 -12.29 -1.21
CA ALA B 242 15.48 -12.38 -2.31
C ALA B 242 15.30 -11.22 -3.28
N THR B 243 16.37 -10.96 -4.03
CA THR B 243 16.39 -9.93 -5.05
C THR B 243 17.06 -10.53 -6.28
N PRO B 244 16.37 -10.61 -7.42
CA PRO B 244 16.97 -11.19 -8.62
C PRO B 244 17.77 -10.19 -9.44
N GLY B 245 18.51 -10.73 -10.40
CA GLY B 245 19.39 -9.97 -11.26
C GLY B 245 18.64 -9.39 -12.45
N MET B 246 19.41 -8.93 -13.43
CA MET B 246 18.83 -8.29 -14.61
C MET B 246 18.37 -9.30 -15.65
N GLN B 247 18.91 -10.53 -15.64
CA GLN B 247 18.56 -11.48 -16.67
C GLN B 247 17.19 -12.10 -16.42
N ILE B 248 16.90 -12.46 -15.16
CA ILE B 248 15.60 -13.02 -14.82
C ILE B 248 14.49 -11.99 -14.81
N ARG B 249 14.82 -10.70 -14.66
CA ARG B 249 13.78 -9.70 -14.42
C ARG B 249 12.81 -9.59 -15.59
N GLY B 250 13.29 -9.68 -16.82
CA GLY B 250 12.39 -9.57 -17.96
C GLY B 250 11.46 -10.75 -18.11
N PHE B 251 11.98 -11.96 -17.92
CA PHE B 251 11.13 -13.14 -18.03
C PHE B 251 10.09 -13.17 -16.92
N VAL B 252 10.46 -12.75 -15.71
CA VAL B 252 9.50 -12.75 -14.63
C VAL B 252 8.50 -11.61 -14.82
N TYR B 253 8.91 -10.53 -15.47
CA TYR B 253 7.95 -9.48 -15.82
C TYR B 253 6.90 -10.02 -16.78
N PHE B 254 7.34 -10.71 -17.83
CA PHE B 254 6.38 -11.25 -18.80
C PHE B 254 5.47 -12.28 -18.16
N VAL B 255 6.02 -13.12 -17.29
CA VAL B 255 5.20 -14.13 -16.63
C VAL B 255 4.16 -13.47 -15.74
N GLU B 256 4.54 -12.41 -15.01
CA GLU B 256 3.57 -11.73 -14.17
C GLU B 256 2.54 -10.97 -15.00
N THR B 257 2.92 -10.50 -16.18
CA THR B 257 1.92 -9.93 -17.09
C THR B 257 0.88 -10.96 -17.47
N LEU B 258 1.32 -12.13 -17.93
CA LEU B 258 0.38 -13.19 -18.26
C LEU B 258 -0.50 -13.57 -17.07
N ALA B 259 0.11 -13.71 -15.90
CA ALA B 259 -0.64 -14.16 -14.73
C ALA B 259 -1.66 -13.12 -14.30
N ARG B 260 -1.29 -11.84 -14.31
CA ARG B 260 -2.27 -10.78 -14.08
C ARG B 260 -3.41 -10.85 -15.09
N SER B 261 -3.08 -10.98 -16.37
CA SER B 261 -4.11 -11.03 -17.39
C SER B 261 -5.08 -12.18 -17.12
N ILE B 262 -4.56 -13.30 -16.63
CA ILE B 262 -5.44 -14.43 -16.31
C ILE B 262 -6.29 -14.12 -15.09
N CYS B 263 -5.65 -13.73 -13.98
CA CYS B 263 -6.37 -13.51 -12.73
C CYS B 263 -7.44 -12.42 -12.88
N GLU B 264 -7.25 -11.48 -13.80
CA GLU B 264 -8.26 -10.45 -14.01
C GLU B 264 -9.58 -11.03 -14.49
N LYS B 265 -9.53 -12.11 -15.26
CA LYS B 265 -10.73 -12.71 -15.83
C LYS B 265 -11.35 -13.78 -14.93
N LEU B 266 -10.85 -13.94 -13.71
CA LEU B 266 -11.36 -14.94 -12.78
C LEU B 266 -12.02 -14.21 -11.61
N GLU B 267 -13.27 -14.58 -11.33
CA GLU B 267 -13.99 -13.97 -10.23
C GLU B 267 -13.51 -14.48 -8.86
N GLN B 268 -12.66 -15.49 -8.85
CA GLN B 268 -12.19 -16.08 -7.59
C GLN B 268 -10.82 -15.55 -7.16
N SER B 269 -10.04 -14.99 -8.06
CA SER B 269 -8.76 -14.41 -7.68
C SER B 269 -8.98 -13.10 -6.92
N GLY B 270 -7.97 -12.69 -6.16
CA GLY B 270 -8.04 -11.44 -5.43
C GLY B 270 -6.76 -10.64 -5.42
N LEU B 271 -5.71 -11.17 -6.06
CA LEU B 271 -4.38 -10.59 -5.96
C LEU B 271 -4.18 -9.35 -6.85
N PRO B 272 -4.67 -9.35 -8.10
CA PRO B 272 -4.43 -8.19 -8.97
C PRO B 272 -5.31 -6.99 -8.67
N VAL B 273 -6.16 -7.06 -7.66
CA VAL B 273 -7.09 -5.99 -7.34
C VAL B 273 -6.73 -5.39 -5.98
N GLY B 274 -7.40 -4.29 -5.65
CA GLY B 274 -7.12 -3.55 -4.44
C GLY B 274 -7.84 -4.09 -3.23
N GLY B 275 -7.78 -3.32 -2.15
CA GLY B 275 -8.46 -3.70 -0.93
C GLY B 275 -9.97 -3.69 -1.04
N ASN B 276 -10.53 -2.67 -1.68
CA ASN B 276 -11.98 -2.59 -1.81
C ASN B 276 -12.50 -3.72 -2.69
N GLU B 277 -11.75 -4.08 -3.74
CA GLU B 277 -12.21 -5.17 -4.60
C GLU B 277 -12.07 -6.51 -3.91
N LYS B 278 -11.07 -6.65 -3.04
CA LYS B 278 -11.01 -7.84 -2.20
C LYS B 278 -12.24 -7.91 -1.31
N LYS B 279 -12.59 -6.80 -0.68
CA LYS B 279 -13.76 -6.81 0.20
C LYS B 279 -15.04 -7.11 -0.59
N ALA B 280 -15.17 -6.54 -1.79
CA ALA B 280 -16.33 -6.82 -2.62
C ALA B 280 -16.44 -8.30 -2.97
N LYS B 281 -15.33 -8.89 -3.43
CA LYS B 281 -15.32 -10.31 -3.76
C LYS B 281 -15.65 -11.16 -2.53
N LEU B 282 -14.99 -10.87 -1.41
CA LEU B 282 -15.23 -11.63 -0.19
C LEU B 282 -16.69 -11.56 0.22
N ALA B 283 -17.27 -10.36 0.17
CA ALA B 283 -18.66 -10.21 0.61
C ALA B 283 -19.61 -10.92 -0.33
N ASN B 284 -19.38 -10.83 -1.64
CA ASN B 284 -20.21 -11.55 -2.58
C ASN B 284 -20.12 -13.05 -2.36
N VAL B 285 -18.92 -13.57 -2.15
CA VAL B 285 -18.75 -15.02 -1.96
C VAL B 285 -19.41 -15.49 -0.66
N VAL B 286 -19.18 -14.76 0.44
CA VAL B 286 -19.76 -15.20 1.72
C VAL B 286 -21.28 -15.15 1.64
N ARG B 287 -21.81 -14.10 1.01
CA ARG B 287 -23.26 -13.99 0.83
C ARG B 287 -23.78 -15.12 -0.05
N LYS B 288 -23.10 -15.39 -1.16
CA LYS B 288 -23.52 -16.45 -2.08
C LYS B 288 -23.56 -17.79 -1.37
N MET B 289 -22.55 -18.09 -0.58
CA MET B 289 -22.50 -19.39 0.05
C MET B 289 -23.49 -19.46 1.20
N MET B 290 -23.78 -18.32 1.82
CA MET B 290 -24.79 -18.25 2.87
C MET B 290 -26.17 -18.10 2.23
N THR B 291 -26.44 -16.94 1.64
CA THR B 291 -27.81 -16.57 1.30
C THR B 291 -28.32 -17.38 0.12
N ASN B 292 -27.51 -17.53 -0.93
CA ASN B 292 -27.93 -18.27 -2.12
C ASN B 292 -28.14 -19.74 -1.78
N SER B 293 -27.30 -20.31 -0.92
CA SER B 293 -27.48 -21.71 -0.56
C SER B 293 -28.76 -21.87 0.25
N GLN B 294 -29.35 -23.06 0.17
CA GLN B 294 -30.64 -23.29 0.81
C GLN B 294 -30.49 -23.35 2.32
N ASP B 295 -31.61 -23.15 3.03
CA ASP B 295 -31.58 -23.23 4.48
C ASP B 295 -31.28 -24.65 4.95
N THR B 296 -31.67 -25.66 4.16
CA THR B 296 -31.39 -27.04 4.53
C THR B 296 -29.89 -27.28 4.62
N GLU B 297 -29.13 -26.78 3.66
CA GLU B 297 -27.68 -26.94 3.66
C GLU B 297 -27.05 -26.13 4.79
N LEU B 298 -26.11 -26.76 5.50
CA LEU B 298 -25.17 -26.03 6.33
C LEU B 298 -24.05 -25.46 5.49
N SER B 299 -23.32 -24.51 6.07
CA SER B 299 -22.25 -23.80 5.39
C SER B 299 -21.25 -23.30 6.42
N PHE B 300 -19.98 -23.63 6.23
CA PHE B 300 -18.93 -23.32 7.19
C PHE B 300 -17.76 -22.66 6.47
N THR B 301 -17.20 -21.64 7.11
CA THR B 301 -16.11 -20.86 6.54
C THR B 301 -14.81 -21.16 7.30
N ILE B 302 -13.82 -21.67 6.57
CA ILE B 302 -12.46 -21.86 7.04
C ILE B 302 -11.67 -20.62 6.62
N THR B 303 -11.27 -19.80 7.58
CA THR B 303 -10.46 -18.61 7.31
C THR B 303 -9.00 -18.98 7.50
N GLY B 304 -8.37 -19.52 6.45
CA GLY B 304 -7.11 -20.20 6.56
C GLY B 304 -5.94 -19.50 5.91
N ASP B 305 -4.76 -20.06 6.18
CA ASP B 305 -3.49 -19.62 5.64
C ASP B 305 -2.71 -20.84 5.19
N ASN B 306 -1.62 -20.61 4.47
CA ASN B 306 -0.77 -21.69 3.97
C ASN B 306 0.61 -21.58 4.59
N THR B 307 1.07 -22.66 5.21
CA THR B 307 2.39 -22.69 5.83
C THR B 307 3.45 -22.94 4.76
N LYS B 308 4.57 -22.23 4.88
CA LYS B 308 5.70 -22.41 3.97
C LYS B 308 5.22 -22.37 2.52
N TRP B 309 4.53 -21.30 2.17
CA TRP B 309 3.91 -21.19 0.85
C TRP B 309 4.97 -21.18 -0.24
N ASN B 310 5.97 -20.30 -0.12
CA ASN B 310 6.96 -20.16 -1.18
C ASN B 310 7.87 -21.38 -1.24
N GLU B 311 8.21 -21.96 -0.09
CA GLU B 311 9.16 -23.07 -0.07
C GLU B 311 8.67 -24.27 -0.85
N ASN B 312 7.35 -24.50 -0.90
CA ASN B 312 6.79 -25.69 -1.51
C ASN B 312 6.32 -25.47 -2.94
N GLN B 313 6.55 -24.29 -3.51
CA GLN B 313 6.05 -23.94 -4.83
C GLN B 313 7.17 -24.20 -5.85
N ASN B 314 7.23 -25.42 -6.34
CA ASN B 314 8.33 -25.80 -7.23
C ASN B 314 8.23 -24.98 -8.52
N PRO B 315 9.35 -24.50 -9.06
CA PRO B 315 9.31 -23.88 -10.40
C PRO B 315 9.03 -24.86 -11.52
N ARG B 316 9.16 -26.17 -11.29
CA ARG B 316 8.86 -27.13 -12.35
C ARG B 316 7.37 -27.21 -12.60
N MET B 317 6.55 -27.07 -11.57
CA MET B 317 5.12 -27.07 -11.80
C MET B 317 4.65 -25.73 -12.34
N PHE B 318 5.41 -24.66 -12.09
CA PHE B 318 5.13 -23.41 -12.79
C PHE B 318 5.48 -23.53 -14.26
N LEU B 319 6.52 -24.30 -14.59
CA LEU B 319 6.83 -24.55 -15.99
C LEU B 319 5.72 -25.39 -16.62
N ALA B 320 5.17 -26.35 -15.87
CA ALA B 320 4.05 -27.14 -16.38
C ALA B 320 2.83 -26.25 -16.62
N MET B 321 2.57 -25.32 -15.69
CA MET B 321 1.43 -24.41 -15.86
C MET B 321 1.63 -23.51 -17.07
N ILE B 322 2.85 -23.02 -17.27
CA ILE B 322 3.13 -22.17 -18.43
C ILE B 322 2.97 -22.97 -19.71
N THR B 323 3.42 -24.22 -19.71
CA THR B 323 3.28 -25.05 -20.90
C THR B 323 1.82 -25.35 -21.22
N TYR B 324 1.00 -25.58 -20.18
CA TYR B 324 -0.42 -25.80 -20.41
C TYR B 324 -1.12 -24.54 -20.90
N ILE B 325 -0.95 -23.44 -20.17
CA ILE B 325 -1.65 -22.19 -20.50
C ILE B 325 -1.36 -21.76 -21.93
N THR B 326 -0.18 -22.06 -22.43
CA THR B 326 0.23 -21.61 -23.76
C THR B 326 -0.14 -22.59 -24.86
N ARG B 327 -1.01 -23.56 -24.57
CA ARG B 327 -1.33 -24.60 -25.54
C ARG B 327 -1.76 -23.99 -26.87
N ASN B 328 -1.22 -24.52 -27.96
CA ASN B 328 -1.55 -24.05 -29.31
C ASN B 328 -1.28 -22.55 -29.45
N GLN B 329 -0.12 -22.11 -28.98
CA GLN B 329 0.35 -20.75 -29.13
C GLN B 329 1.70 -20.78 -29.84
N PRO B 330 2.13 -19.66 -30.42
CA PRO B 330 3.37 -19.69 -31.20
C PRO B 330 4.54 -20.15 -30.35
N GLU B 331 5.56 -20.71 -31.02
CA GLU B 331 6.65 -21.33 -30.28
C GLU B 331 7.54 -20.29 -29.60
N TRP B 332 7.69 -19.12 -30.22
CA TRP B 332 8.49 -18.07 -29.60
C TRP B 332 7.88 -17.63 -28.28
N PHE B 333 6.55 -17.53 -28.24
CA PHE B 333 5.88 -17.15 -27.00
C PHE B 333 6.06 -18.22 -25.94
N ARG B 334 6.00 -19.49 -26.37
CA ARG B 334 6.21 -20.59 -25.45
C ARG B 334 7.59 -20.52 -24.83
N ASN B 335 8.62 -20.23 -25.64
CA ASN B 335 9.98 -20.17 -25.13
C ASN B 335 10.16 -18.98 -24.19
N VAL B 336 9.65 -17.82 -24.58
CA VAL B 336 9.88 -16.62 -23.76
C VAL B 336 9.25 -16.80 -22.39
N LEU B 337 8.05 -17.41 -22.34
CA LEU B 337 7.45 -17.62 -21.03
C LEU B 337 8.02 -18.82 -20.29
N SER B 338 8.58 -19.81 -21.00
CA SER B 338 9.18 -20.94 -20.33
C SER B 338 10.53 -20.61 -19.70
N ILE B 339 11.21 -19.58 -20.20
CA ILE B 339 12.59 -19.34 -19.74
C ILE B 339 12.61 -19.04 -18.24
N ALA B 340 11.62 -18.28 -17.74
CA ALA B 340 11.66 -17.90 -16.34
C ALA B 340 11.55 -19.08 -15.39
N PRO B 341 10.58 -20.00 -15.56
CA PRO B 341 10.59 -21.21 -14.74
C PRO B 341 11.88 -22.01 -14.88
N ILE B 342 12.49 -22.01 -16.06
CA ILE B 342 13.73 -22.77 -16.25
C ILE B 342 14.83 -22.19 -15.37
N MET B 343 14.90 -20.86 -15.30
CA MET B 343 15.93 -20.23 -14.48
C MET B 343 15.62 -20.39 -12.99
N PHE B 344 14.34 -20.31 -12.63
CA PHE B 344 13.98 -20.51 -11.23
C PHE B 344 14.25 -21.94 -10.77
N SER B 345 14.08 -22.93 -11.65
CA SER B 345 14.38 -24.30 -11.27
C SER B 345 15.86 -24.46 -10.95
N ASN B 346 16.72 -23.68 -11.58
CA ASN B 346 18.16 -23.73 -11.37
C ASN B 346 18.66 -22.58 -10.52
N LYS B 347 17.77 -21.84 -9.88
CA LYS B 347 18.19 -20.62 -9.21
C LYS B 347 19.13 -20.94 -8.06
N MET B 348 20.07 -20.04 -7.83
CA MET B 348 20.98 -20.14 -6.71
C MET B 348 20.77 -18.94 -5.80
N ALA B 349 21.11 -19.09 -4.52
CA ALA B 349 20.94 -18.03 -3.54
C ALA B 349 22.28 -17.66 -2.91
N ARG B 350 22.64 -16.39 -2.99
CA ARG B 350 23.78 -15.88 -2.25
C ARG B 350 23.48 -15.95 -0.77
N LEU B 351 24.48 -16.34 0.02
CA LEU B 351 24.22 -16.62 1.43
C LEU B 351 23.89 -15.35 2.19
N GLY B 352 24.67 -14.30 2.01
CA GLY B 352 24.35 -13.04 2.64
C GLY B 352 25.60 -12.23 2.92
N LYS B 353 25.49 -11.37 3.93
CA LYS B 353 26.59 -10.47 4.28
C LYS B 353 27.78 -11.25 4.85
N GLY B 354 27.52 -12.23 5.72
CA GLY B 354 28.58 -13.01 6.33
C GLY B 354 28.34 -13.29 7.79
N TYR B 355 29.36 -13.06 8.63
CA TYR B 355 29.19 -13.25 10.07
C TYR B 355 30.25 -12.46 10.82
N MET B 356 29.88 -11.96 11.99
CA MET B 356 30.78 -11.21 12.86
C MET B 356 31.20 -12.06 14.06
N PHE B 357 32.51 -12.10 14.30
CA PHE B 357 33.13 -12.85 15.39
C PHE B 357 33.76 -11.92 16.41
N GLU B 358 33.46 -12.14 17.69
CA GLU B 358 34.01 -11.34 18.79
C GLU B 358 34.91 -12.19 19.67
N SER B 359 36.11 -11.67 19.95
CA SER B 359 36.99 -12.24 20.95
C SER B 359 36.91 -11.32 22.16
N LYS B 360 36.33 -11.83 23.25
CA LYS B 360 36.17 -11.02 24.46
C LYS B 360 37.51 -10.87 25.19
N SER B 361 38.29 -11.95 25.25
CA SER B 361 39.57 -11.89 25.94
C SER B 361 40.51 -10.92 25.24
N MET B 362 40.55 -10.95 23.91
CA MET B 362 41.36 -10.02 23.15
C MET B 362 40.59 -8.76 22.76
N LYS B 363 39.29 -8.70 23.07
CA LYS B 363 38.47 -7.52 22.90
C LYS B 363 38.60 -6.98 21.47
N LEU B 364 38.18 -7.81 20.51
CA LEU B 364 38.19 -7.47 19.08
C LEU B 364 37.00 -8.07 18.33
N ARG B 365 36.70 -7.50 17.16
CA ARG B 365 35.65 -8.02 16.27
C ARG B 365 36.23 -8.23 14.88
N THR B 366 35.53 -9.08 14.11
CA THR B 366 35.98 -9.46 12.78
C THR B 366 34.77 -9.78 11.91
N GLN B 367 34.78 -9.32 10.66
CA GLN B 367 33.74 -9.63 9.69
C GLN B 367 34.29 -10.66 8.71
N ILE B 368 33.76 -11.88 8.74
CA ILE B 368 34.03 -12.87 7.71
C ILE B 368 32.95 -12.83 6.62
N PRO B 369 33.32 -12.75 5.34
CA PRO B 369 32.31 -12.86 4.30
C PRO B 369 31.76 -14.28 4.21
N ALA B 370 30.53 -14.37 3.71
CA ALA B 370 29.87 -15.67 3.60
C ALA B 370 30.60 -16.61 2.64
N GLU B 371 31.30 -16.08 1.65
CA GLU B 371 31.95 -16.95 0.67
C GLU B 371 32.98 -17.89 1.29
N MET B 372 33.62 -17.50 2.39
CA MET B 372 34.59 -18.41 2.97
C MET B 372 33.94 -19.58 3.70
N LEU B 373 32.62 -19.52 3.94
CA LEU B 373 31.97 -20.55 4.76
C LEU B 373 32.23 -21.94 4.22
N ALA B 374 32.46 -22.06 2.91
CA ALA B 374 32.75 -23.36 2.32
C ALA B 374 34.04 -23.93 2.89
N SER B 375 35.00 -23.07 3.20
CA SER B 375 36.32 -23.48 3.69
C SER B 375 36.50 -23.29 5.19
N ILE B 376 35.76 -22.38 5.81
CA ILE B 376 36.02 -22.03 7.20
C ILE B 376 35.90 -23.23 8.11
N ASP B 377 36.82 -23.31 9.09
CA ASP B 377 36.71 -24.31 10.15
C ASP B 377 35.45 -24.04 10.97
N LEU B 378 34.90 -25.09 11.57
CA LEU B 378 33.64 -24.99 12.29
C LEU B 378 33.81 -24.88 13.80
N LYS B 379 35.01 -24.56 14.27
CA LYS B 379 35.19 -24.32 15.69
C LYS B 379 34.49 -23.05 16.16
N TYR B 380 34.31 -22.07 15.25
CA TYR B 380 33.86 -20.74 15.63
C TYR B 380 32.34 -20.57 15.70
N PHE B 381 31.55 -21.63 15.50
CA PHE B 381 30.11 -21.49 15.40
C PHE B 381 29.38 -22.21 16.53
N ASN B 382 28.22 -21.66 16.89
CA ASN B 382 27.32 -22.29 17.84
C ASN B 382 26.65 -23.52 17.22
N ASP B 383 26.17 -24.41 18.09
CA ASP B 383 25.65 -25.69 17.63
C ASP B 383 24.58 -25.53 16.56
N SER B 384 23.71 -24.53 16.70
CA SER B 384 22.67 -24.31 15.69
C SER B 384 23.29 -23.97 14.35
N THR B 385 24.23 -23.01 14.35
CA THR B 385 24.86 -22.60 13.11
C THR B 385 25.79 -23.69 12.60
N ARG B 386 26.42 -24.43 13.51
CA ARG B 386 27.22 -25.57 13.10
C ARG B 386 26.39 -26.58 12.33
N LYS B 387 25.18 -26.86 12.82
CA LYS B 387 24.32 -27.82 12.12
C LYS B 387 23.88 -27.27 10.78
N LYS B 388 23.49 -25.99 10.74
CA LYS B 388 23.06 -25.40 9.46
C LYS B 388 24.19 -25.43 8.44
N ILE B 389 25.40 -25.07 8.85
CA ILE B 389 26.54 -25.07 7.93
C ILE B 389 26.83 -26.49 7.46
N GLU B 390 26.79 -27.45 8.38
CA GLU B 390 27.06 -28.83 7.99
C GLU B 390 26.03 -29.33 6.99
N LYS B 391 24.77 -28.95 7.18
CA LYS B 391 23.73 -29.41 6.24
C LYS B 391 23.88 -28.73 4.89
N ILE B 392 24.24 -27.45 4.88
CA ILE B 392 24.28 -26.72 3.61
C ILE B 392 25.58 -26.90 2.84
N ARG B 393 26.66 -27.34 3.49
CA ARG B 393 27.94 -27.37 2.79
C ARG B 393 27.91 -28.20 1.50
N PRO B 394 27.24 -29.35 1.44
CA PRO B 394 27.19 -30.06 0.15
C PRO B 394 26.63 -29.23 -0.97
N LEU B 395 25.63 -28.38 -0.70
CA LEU B 395 25.01 -27.58 -1.73
C LEU B 395 25.82 -26.34 -2.08
N LEU B 396 26.84 -26.00 -1.31
CA LEU B 396 27.56 -24.76 -1.49
C LEU B 396 28.56 -24.90 -2.63
N ILE B 397 28.36 -24.13 -3.69
CA ILE B 397 29.28 -24.09 -4.83
C ILE B 397 29.69 -22.64 -5.03
N ASP B 398 30.97 -22.36 -4.79
CA ASP B 398 31.55 -21.03 -4.98
C ASP B 398 30.77 -19.95 -4.24
N GLY B 399 30.49 -20.21 -2.96
CA GLY B 399 29.90 -19.21 -2.08
C GLY B 399 28.42 -18.97 -2.23
N THR B 400 27.71 -19.82 -2.97
CA THR B 400 26.27 -19.67 -3.15
C THR B 400 25.60 -21.04 -3.08
N ALA B 401 24.41 -21.09 -2.49
CA ALA B 401 23.70 -22.34 -2.23
C ALA B 401 22.64 -22.60 -3.30
N SER B 402 22.73 -23.74 -3.95
CA SER B 402 21.71 -24.18 -4.91
C SER B 402 20.35 -24.27 -4.23
N LEU B 403 19.39 -23.51 -4.74
CA LEU B 403 18.06 -23.42 -4.13
C LEU B 403 16.99 -23.97 -5.06
N SER B 404 17.31 -25.00 -5.85
CA SER B 404 16.37 -25.52 -6.82
C SER B 404 15.03 -26.00 -6.24
N PRO B 405 14.98 -26.67 -5.09
CA PRO B 405 13.72 -27.34 -4.70
C PRO B 405 12.54 -26.43 -4.38
N GLY B 406 12.69 -25.12 -4.27
CA GLY B 406 11.51 -24.30 -4.04
C GLY B 406 11.74 -22.82 -4.14
N MET B 407 10.65 -22.11 -4.45
CA MET B 407 10.64 -20.66 -4.57
C MET B 407 11.07 -20.00 -3.26
N MET B 408 11.67 -18.82 -3.36
CA MET B 408 12.23 -18.15 -2.20
C MET B 408 11.30 -17.09 -1.60
N MET B 409 10.87 -16.09 -2.37
CA MET B 409 9.92 -15.13 -1.80
C MET B 409 9.08 -14.50 -2.92
N GLY B 410 7.94 -15.12 -3.21
CA GLY B 410 6.88 -14.46 -3.94
C GLY B 410 7.22 -13.76 -5.24
N MET B 411 8.20 -14.23 -6.00
CA MET B 411 8.42 -13.65 -7.32
C MET B 411 7.31 -14.08 -8.27
N PHE B 412 6.88 -15.33 -8.19
CA PHE B 412 5.76 -15.83 -8.99
C PHE B 412 4.49 -15.89 -8.13
N ASN B 413 4.07 -14.70 -7.71
CA ASN B 413 2.92 -14.59 -6.81
C ASN B 413 1.62 -14.88 -7.55
N MET B 414 1.46 -14.30 -8.74
CA MET B 414 0.18 -14.41 -9.44
C MET B 414 -0.06 -15.81 -9.99
N LEU B 415 1.00 -16.53 -10.37
CA LEU B 415 0.82 -17.91 -10.79
C LEU B 415 0.41 -18.78 -9.62
N SER B 416 0.95 -18.51 -8.43
CA SER B 416 0.51 -19.21 -7.23
C SER B 416 -0.95 -18.90 -6.94
N THR B 417 -1.36 -17.64 -7.11
CA THR B 417 -2.78 -17.32 -6.96
C THR B 417 -3.63 -18.04 -8.00
N VAL B 418 -3.09 -18.25 -9.20
CA VAL B 418 -3.83 -19.01 -10.22
C VAL B 418 -4.03 -20.44 -9.75
N LEU B 419 -3.00 -21.05 -9.15
CA LEU B 419 -3.16 -22.40 -8.64
C LEU B 419 -4.16 -22.44 -7.49
N GLY B 420 -4.17 -21.41 -6.65
CA GLY B 420 -5.14 -21.36 -5.57
C GLY B 420 -6.56 -21.23 -6.10
N VAL B 421 -6.74 -20.41 -7.13
CA VAL B 421 -8.06 -20.29 -7.74
C VAL B 421 -8.46 -21.58 -8.45
N SER B 422 -7.50 -22.33 -8.98
CA SER B 422 -7.82 -23.63 -9.57
C SER B 422 -8.34 -24.60 -8.51
N ILE B 423 -7.64 -24.66 -7.37
CA ILE B 423 -8.12 -25.56 -6.32
C ILE B 423 -9.45 -25.10 -5.78
N LEU B 424 -9.67 -23.79 -5.70
CA LEU B 424 -10.97 -23.28 -5.27
C LEU B 424 -12.05 -23.56 -6.30
N ASN B 425 -11.69 -23.63 -7.59
CA ASN B 425 -12.62 -23.91 -8.66
C ASN B 425 -12.91 -25.40 -8.79
N LEU B 426 -12.12 -26.24 -8.15
CA LEU B 426 -12.32 -27.68 -8.28
C LEU B 426 -13.39 -28.19 -7.32
N GLY B 427 -14.07 -27.29 -6.60
CA GLY B 427 -15.16 -27.67 -5.73
C GLY B 427 -16.51 -27.16 -6.22
N GLN B 428 -16.63 -27.01 -7.54
CA GLN B 428 -17.79 -26.37 -8.16
C GLN B 428 -19.06 -27.19 -8.02
N LYS B 429 -18.97 -28.45 -7.58
CA LYS B 429 -20.05 -29.44 -7.46
C LYS B 429 -20.23 -30.22 -8.76
N ARG B 430 -19.57 -29.85 -9.84
CA ARG B 430 -19.51 -30.70 -11.02
C ARG B 430 -18.35 -31.68 -10.96
N TYR B 431 -17.30 -31.34 -10.20
CA TYR B 431 -16.09 -32.15 -10.10
C TYR B 431 -16.03 -32.98 -8.83
N THR B 432 -16.58 -32.49 -7.72
CA THR B 432 -16.62 -33.28 -6.50
C THR B 432 -17.60 -34.45 -6.63
N LYS B 433 -18.71 -34.26 -7.36
CA LYS B 433 -19.68 -35.31 -7.58
C LYS B 433 -20.23 -35.84 -6.26
N THR B 434 -20.53 -34.94 -5.33
CA THR B 434 -21.00 -35.33 -4.01
C THR B 434 -21.83 -34.19 -3.44
N THR B 435 -22.55 -34.48 -2.37
CA THR B 435 -23.49 -33.52 -1.81
C THR B 435 -22.78 -32.26 -1.33
N TYR B 436 -21.55 -32.39 -0.85
CA TYR B 436 -20.81 -31.22 -0.41
C TYR B 436 -20.18 -30.51 -1.60
N TRP B 437 -19.89 -29.23 -1.41
CA TRP B 437 -19.15 -28.45 -2.39
C TRP B 437 -18.51 -27.29 -1.64
N TRP B 438 -17.68 -26.52 -2.36
CA TRP B 438 -17.04 -25.37 -1.72
C TRP B 438 -16.65 -24.31 -2.73
N ASP B 439 -16.44 -23.11 -2.22
CA ASP B 439 -15.91 -22.00 -3.00
C ASP B 439 -15.27 -21.02 -2.03
N GLY B 440 -14.62 -20.00 -2.55
CA GLY B 440 -13.98 -19.03 -1.68
C GLY B 440 -13.16 -18.02 -2.46
N LEU B 441 -12.28 -17.35 -1.73
CA LEU B 441 -11.35 -16.39 -2.31
C LEU B 441 -9.95 -16.63 -1.77
N GLN B 442 -8.96 -16.59 -2.65
CA GLN B 442 -7.57 -16.77 -2.25
C GLN B 442 -6.71 -15.65 -2.81
N SER B 443 -5.96 -14.99 -1.92
CA SER B 443 -4.83 -14.15 -2.31
C SER B 443 -3.59 -14.83 -1.74
N SER B 444 -2.49 -14.79 -2.48
CA SER B 444 -1.35 -15.63 -2.16
C SER B 444 -1.05 -15.65 -0.67
N ASP B 445 -0.99 -16.86 -0.10
CA ASP B 445 -0.64 -17.12 1.31
C ASP B 445 -1.78 -16.84 2.28
N ASP B 446 -2.99 -16.58 1.79
CA ASP B 446 -4.15 -16.29 2.62
C ASP B 446 -5.41 -16.66 1.84
N PHE B 447 -6.31 -17.40 2.47
CA PHE B 447 -7.51 -17.84 1.77
C PHE B 447 -8.68 -17.87 2.74
N ALA B 448 -9.87 -17.75 2.16
CA ALA B 448 -11.12 -17.99 2.87
C ALA B 448 -11.90 -19.00 2.04
N LEU B 449 -12.29 -20.11 2.67
CA LEU B 449 -12.97 -21.21 1.98
C LEU B 449 -14.29 -21.47 2.68
N ILE B 450 -15.39 -21.20 2.01
CA ILE B 450 -16.72 -21.55 2.50
C ILE B 450 -17.13 -22.85 1.84
N VAL B 451 -17.24 -23.90 2.65
CA VAL B 451 -17.70 -25.22 2.21
C VAL B 451 -19.15 -25.38 2.66
N ASN B 452 -20.03 -25.72 1.72
CA ASN B 452 -21.44 -25.96 2.00
C ASN B 452 -21.76 -27.43 1.81
N ALA B 453 -22.52 -27.99 2.74
CA ALA B 453 -22.86 -29.41 2.70
C ALA B 453 -24.10 -29.63 3.53
N PRO B 454 -24.81 -30.75 3.32
CA PRO B 454 -26.09 -30.96 4.03
C PRO B 454 -25.94 -31.43 5.47
N ASN B 455 -24.76 -31.84 5.90
CA ASN B 455 -24.58 -32.34 7.25
C ASN B 455 -23.11 -32.14 7.63
N HIS B 456 -22.80 -32.43 8.90
CA HIS B 456 -21.44 -32.24 9.36
C HIS B 456 -20.49 -33.30 8.82
N GLU B 457 -21.03 -34.47 8.42
CA GLU B 457 -20.19 -35.45 7.74
C GLU B 457 -19.81 -34.96 6.35
N GLY B 458 -20.76 -34.32 5.66
CA GLY B 458 -20.44 -33.74 4.36
C GLY B 458 -19.43 -32.62 4.47
N ILE B 459 -19.57 -31.79 5.51
CA ILE B 459 -18.60 -30.72 5.73
C ILE B 459 -17.21 -31.30 6.01
N GLN B 460 -17.14 -32.33 6.85
CA GLN B 460 -15.84 -32.93 7.15
C GLN B 460 -15.23 -33.58 5.91
N ALA B 461 -16.05 -34.24 5.09
CA ALA B 461 -15.54 -34.83 3.87
C ALA B 461 -15.08 -33.76 2.89
N GLY B 462 -15.79 -32.63 2.84
CA GLY B 462 -15.39 -31.56 1.94
C GLY B 462 -14.08 -30.93 2.38
N VAL B 463 -13.88 -30.79 3.69
CA VAL B 463 -12.65 -30.15 4.14
C VAL B 463 -11.49 -31.13 4.06
N ASP B 464 -11.77 -32.44 4.13
CA ASP B 464 -10.72 -33.42 3.96
C ASP B 464 -10.29 -33.51 2.51
N ARG B 465 -11.26 -33.50 1.59
CA ARG B 465 -10.91 -33.51 0.18
C ARG B 465 -10.21 -32.22 -0.22
N PHE B 466 -10.60 -31.08 0.36
CA PHE B 466 -9.87 -29.84 0.10
C PHE B 466 -8.43 -29.96 0.56
N TYR B 467 -8.21 -30.43 1.79
CA TYR B 467 -6.84 -30.58 2.29
C TYR B 467 -6.03 -31.51 1.39
N ARG B 468 -6.62 -32.64 0.97
CA ARG B 468 -5.85 -33.64 0.24
C ARG B 468 -5.56 -33.17 -1.18
N THR B 469 -6.56 -32.58 -1.85
CA THR B 469 -6.32 -32.01 -3.16
C THR B 469 -5.34 -30.85 -3.09
N CYS B 470 -5.24 -30.18 -1.93
CA CYS B 470 -4.23 -29.13 -1.79
C CYS B 470 -2.85 -29.68 -1.55
N LYS B 471 -2.72 -30.88 -1.00
CA LYS B 471 -1.40 -31.45 -0.77
C LYS B 471 -0.85 -32.18 -2.00
N LEU B 472 -1.69 -32.49 -2.97
CA LEU B 472 -1.25 -33.11 -4.22
C LEU B 472 -0.80 -32.08 -5.25
N LEU B 473 -0.94 -30.79 -4.95
CA LEU B 473 -0.49 -29.72 -5.82
C LEU B 473 0.60 -28.87 -5.20
N GLY B 474 1.19 -29.33 -4.09
CA GLY B 474 2.25 -28.60 -3.45
C GLY B 474 1.78 -27.39 -2.68
N ILE B 475 0.51 -27.35 -2.32
CA ILE B 475 -0.09 -26.27 -1.56
C ILE B 475 -0.40 -26.79 -0.18
N ASN B 476 0.26 -26.27 0.83
CA ASN B 476 0.13 -26.77 2.19
C ASN B 476 -0.74 -25.80 2.97
N MET B 477 -1.66 -26.35 3.76
CA MET B 477 -2.60 -25.55 4.51
C MET B 477 -2.06 -25.36 5.93
N SER B 478 -2.13 -24.13 6.41
CA SER B 478 -1.64 -23.82 7.75
C SER B 478 -2.71 -24.15 8.77
N LYS B 479 -2.49 -25.23 9.51
CA LYS B 479 -3.38 -25.55 10.61
C LYS B 479 -3.16 -24.58 11.75
N LYS B 480 -1.94 -24.04 11.86
CA LYS B 480 -1.60 -23.12 12.92
C LYS B 480 -2.36 -21.81 12.80
N LYS B 481 -2.81 -21.47 11.60
CA LYS B 481 -3.40 -20.18 11.31
C LYS B 481 -4.76 -20.29 10.62
N SER B 482 -5.43 -21.44 10.69
CA SER B 482 -6.73 -21.62 10.05
C SER B 482 -7.72 -22.16 11.06
N TYR B 483 -8.98 -21.74 10.90
CA TYR B 483 -10.06 -22.24 11.74
C TYR B 483 -11.37 -22.16 10.99
N ILE B 484 -12.31 -23.00 11.42
CA ILE B 484 -13.60 -23.15 10.76
C ILE B 484 -14.72 -22.80 11.72
N ASN B 485 -15.63 -21.93 11.27
CA ASN B 485 -16.82 -21.57 12.04
C ASN B 485 -18.00 -21.61 11.06
N ARG B 486 -19.20 -21.28 11.53
CA ARG B 486 -20.28 -21.10 10.57
C ARG B 486 -20.08 -19.82 9.77
N THR B 487 -20.77 -19.75 8.64
CA THR B 487 -20.65 -18.61 7.76
C THR B 487 -21.31 -17.39 8.38
N GLY B 488 -20.70 -16.23 8.15
CA GLY B 488 -21.19 -14.97 8.70
C GLY B 488 -20.07 -14.16 9.32
N THR B 489 -19.07 -14.83 9.86
CA THR B 489 -17.93 -14.18 10.48
C THR B 489 -16.65 -14.84 9.98
N PHE B 490 -15.70 -14.03 9.53
CA PHE B 490 -14.39 -14.56 9.13
C PHE B 490 -13.42 -13.40 8.96
N GLU B 491 -12.20 -13.74 8.58
CA GLU B 491 -11.12 -12.77 8.39
C GLU B 491 -10.33 -13.14 7.14
N PHE B 492 -9.90 -12.12 6.39
CA PHE B 492 -9.14 -12.33 5.17
C PHE B 492 -8.21 -11.14 4.97
N THR B 493 -6.91 -11.38 5.08
CA THR B 493 -5.90 -10.34 4.91
C THR B 493 -6.22 -9.13 5.78
N SER B 494 -6.46 -9.40 7.06
CA SER B 494 -6.78 -8.38 8.05
C SER B 494 -8.02 -7.57 7.66
N PHE B 495 -8.95 -8.19 6.93
CA PHE B 495 -10.28 -7.65 6.72
C PHE B 495 -11.24 -8.55 7.48
N PHE B 496 -11.95 -7.98 8.45
CA PHE B 496 -12.79 -8.75 9.36
C PHE B 496 -14.26 -8.58 8.97
N TYR B 497 -14.83 -9.64 8.40
CA TYR B 497 -16.23 -9.64 7.98
C TYR B 497 -17.07 -10.21 9.11
N ARG B 498 -18.02 -9.41 9.60
CA ARG B 498 -18.99 -9.86 10.60
C ARG B 498 -20.36 -9.35 10.19
N TYR B 499 -21.07 -10.14 9.37
CA TYR B 499 -22.36 -9.75 8.84
C TYR B 499 -22.26 -8.43 8.08
N GLY B 500 -21.10 -8.18 7.50
CA GLY B 500 -20.76 -6.89 6.91
C GLY B 500 -19.35 -6.57 7.34
N PHE B 501 -18.63 -5.86 6.48
CA PHE B 501 -17.25 -5.52 6.77
C PHE B 501 -17.15 -4.43 7.82
N VAL B 502 -16.01 -4.40 8.49
CA VAL B 502 -15.79 -3.55 9.65
C VAL B 502 -14.46 -2.82 9.46
N ALA B 503 -14.41 -1.59 9.94
CA ALA B 503 -13.23 -0.76 9.79
C ALA B 503 -12.18 -1.10 10.84
N ASN B 504 -10.92 -1.03 10.44
CA ASN B 504 -9.79 -1.37 11.30
C ASN B 504 -8.99 -0.14 11.70
N PHE B 505 -8.46 0.59 10.72
CA PHE B 505 -7.82 1.89 10.94
C PHE B 505 -6.45 1.74 11.60
N SER B 506 -6.11 0.54 12.05
CA SER B 506 -4.80 0.31 12.66
C SER B 506 -3.75 -0.11 11.65
N MET B 507 -4.16 -0.67 10.51
CA MET B 507 -3.23 -0.86 9.41
C MET B 507 -2.82 0.48 8.80
N GLU B 508 -3.71 1.46 8.85
CA GLU B 508 -3.51 2.74 8.19
C GLU B 508 -2.93 3.80 9.13
N LEU B 509 -2.53 3.42 10.33
CA LEU B 509 -2.10 4.38 11.34
C LEU B 509 -0.72 4.93 11.01
N PRO B 510 0.21 4.09 10.52
CA PRO B 510 1.55 4.60 10.18
C PRO B 510 1.57 5.55 9.00
N SER B 511 0.46 5.76 8.30
CA SER B 511 0.38 6.70 7.20
C SER B 511 -0.11 8.08 7.62
N PHE B 512 -0.22 8.36 8.91
CA PHE B 512 -0.85 9.58 9.39
C PHE B 512 0.16 10.62 9.87
N GLY B 513 1.43 10.49 9.48
CA GLY B 513 2.43 11.48 9.83
C GLY B 513 3.04 12.13 8.60
N VAL B 514 4.11 12.88 8.80
CA VAL B 514 4.80 13.49 7.66
C VAL B 514 5.45 12.39 6.83
N SER B 515 5.25 12.45 5.52
CA SER B 515 5.69 11.36 4.66
C SER B 515 7.19 11.41 4.38
N GLY B 516 7.77 12.60 4.38
CA GLY B 516 9.20 12.73 4.26
C GLY B 516 9.70 12.92 2.83
N ILE B 517 9.00 13.74 2.07
CA ILE B 517 9.38 14.04 0.69
C ILE B 517 9.75 15.51 0.60
N ASN B 518 8.81 16.38 0.98
CA ASN B 518 9.06 17.80 1.13
C ASN B 518 7.84 18.41 1.80
N GLU B 519 7.89 19.72 2.04
CA GLU B 519 6.82 20.37 2.78
C GLU B 519 5.49 20.27 2.06
N SER B 520 5.44 20.71 0.80
CA SER B 520 4.21 20.64 0.03
C SER B 520 3.74 19.20 -0.08
N ALA B 521 4.65 18.29 -0.41
CA ALA B 521 4.28 16.89 -0.61
C ALA B 521 3.78 16.27 0.68
N ASP B 522 4.43 16.57 1.80
CA ASP B 522 3.97 15.99 3.06
C ASP B 522 2.59 16.52 3.44
N MET B 523 2.34 17.82 3.23
CA MET B 523 1.02 18.35 3.53
C MET B 523 -0.05 17.68 2.68
N SER B 524 0.18 17.62 1.36
CA SER B 524 -0.81 17.04 0.46
C SER B 524 -1.03 15.57 0.79
N ILE B 525 0.04 14.82 1.02
CA ILE B 525 -0.09 13.39 1.32
C ILE B 525 -0.86 13.19 2.62
N GLY B 526 -0.58 14.01 3.63
CA GLY B 526 -1.29 13.85 4.90
C GLY B 526 -2.77 14.11 4.75
N VAL B 527 -3.14 15.18 4.05
CA VAL B 527 -4.57 15.47 3.93
C VAL B 527 -5.27 14.45 3.03
N THR B 528 -4.57 13.94 2.01
CA THR B 528 -5.20 12.97 1.13
C THR B 528 -5.33 11.61 1.82
N VAL B 529 -4.37 11.25 2.66
CA VAL B 529 -4.49 10.02 3.43
C VAL B 529 -5.61 10.13 4.45
N ILE B 530 -5.77 11.31 5.06
CA ILE B 530 -6.90 11.49 5.96
C ILE B 530 -8.22 11.32 5.20
N LYS B 531 -8.33 11.92 4.02
CA LYS B 531 -9.57 11.85 3.27
C LYS B 531 -9.84 10.41 2.80
N ASN B 532 -8.81 9.70 2.37
CA ASN B 532 -8.99 8.32 1.94
C ASN B 532 -9.42 7.43 3.09
N ASN B 533 -8.74 7.55 4.24
CA ASN B 533 -9.14 6.75 5.40
C ASN B 533 -10.55 7.11 5.84
N MET B 534 -10.99 8.34 5.57
CA MET B 534 -12.38 8.70 5.78
C MET B 534 -13.31 8.00 4.79
N ILE B 535 -12.84 7.76 3.56
CA ILE B 535 -13.71 7.17 2.54
C ILE B 535 -13.78 5.66 2.70
N ASN B 536 -12.63 4.99 2.75
CA ASN B 536 -12.61 3.53 2.69
C ASN B 536 -12.80 2.89 4.05
N ASN B 537 -12.09 3.38 5.07
CA ASN B 537 -12.02 2.72 6.37
C ASN B 537 -12.92 3.36 7.41
N ASP B 538 -13.95 4.09 6.98
CA ASP B 538 -14.98 4.60 7.90
C ASP B 538 -14.37 5.35 9.07
N LEU B 539 -13.38 6.18 8.77
CA LEU B 539 -12.87 7.11 9.77
C LEU B 539 -13.91 8.20 10.01
N GLY B 540 -14.08 8.59 11.27
CA GLY B 540 -15.14 9.51 11.63
C GLY B 540 -14.81 10.94 11.30
N PRO B 541 -15.77 11.84 11.58
CA PRO B 541 -15.51 13.27 11.38
C PRO B 541 -14.63 13.85 12.46
N ALA B 542 -14.91 13.50 13.72
CA ALA B 542 -14.08 13.98 14.81
C ALA B 542 -12.68 13.41 14.71
N THR B 543 -12.56 12.13 14.38
CA THR B 543 -11.24 11.53 14.19
C THR B 543 -10.50 12.15 13.01
N ALA B 544 -11.22 12.56 11.96
CA ALA B 544 -10.54 13.21 10.83
C ALA B 544 -10.03 14.59 11.20
N GLN B 545 -10.83 15.35 11.95
CA GLN B 545 -10.37 16.65 12.43
C GLN B 545 -9.16 16.50 13.34
N MET B 546 -9.22 15.54 14.27
CA MET B 546 -8.09 15.30 15.17
C MET B 546 -6.86 14.88 14.38
N ALA B 547 -7.03 14.06 13.35
CA ALA B 547 -5.90 13.69 12.50
C ALA B 547 -5.30 14.91 11.84
N LEU B 548 -6.13 15.80 11.31
CA LEU B 548 -5.62 17.07 10.78
C LEU B 548 -4.76 17.80 11.80
N GLN B 549 -5.32 18.03 12.99
CA GLN B 549 -4.62 18.80 14.01
C GLN B 549 -3.29 18.16 14.39
N LEU B 550 -3.29 16.85 14.64
CA LEU B 550 -2.06 16.20 15.06
C LEU B 550 -1.03 16.16 13.93
N PHE B 551 -1.47 15.91 12.70
CA PHE B 551 -0.56 15.97 11.57
C PHE B 551 0.06 17.35 11.44
N ILE B 552 -0.73 18.40 11.68
CA ILE B 552 -0.20 19.75 11.53
C ILE B 552 0.80 20.05 12.63
N LYS B 553 0.55 19.59 13.85
CA LYS B 553 1.53 19.75 14.91
C LYS B 553 2.84 19.05 14.56
N ASP B 554 2.75 17.80 14.12
CA ASP B 554 3.96 17.07 13.75
C ASP B 554 4.67 17.74 12.60
N TYR B 555 3.92 18.20 11.60
CA TYR B 555 4.50 18.94 10.48
C TYR B 555 5.27 20.15 10.96
N ARG B 556 4.65 20.98 11.81
CA ARG B 556 5.31 22.20 12.26
C ARG B 556 6.57 21.87 13.06
N TYR B 557 6.52 20.83 13.89
CA TYR B 557 7.69 20.52 14.71
C TYR B 557 8.81 19.92 13.87
N THR B 558 8.47 19.07 12.90
CA THR B 558 9.47 18.50 12.00
C THR B 558 10.15 19.58 11.18
N TYR B 559 9.37 20.34 10.43
CA TYR B 559 9.92 21.29 9.46
C TYR B 559 10.22 22.66 10.05
N ARG B 560 10.05 22.84 11.37
CA ARG B 560 10.50 24.05 12.04
C ARG B 560 9.76 25.28 11.49
N CYS B 561 8.46 25.14 11.27
CA CYS B 561 7.62 26.18 10.68
C CYS B 561 6.42 26.36 11.60
N HIS B 562 6.56 27.24 12.59
CA HIS B 562 5.50 27.51 13.55
C HIS B 562 4.74 28.78 13.15
N ARG B 563 3.59 28.98 13.79
CA ARG B 563 2.59 29.93 13.32
C ARG B 563 3.17 31.31 13.01
N GLY B 564 4.30 31.66 13.60
CA GLY B 564 4.90 32.96 13.42
C GLY B 564 4.47 34.02 14.42
N ASP B 565 3.28 33.88 15.01
CA ASP B 565 2.90 34.67 16.17
C ASP B 565 3.22 33.95 17.48
N THR B 566 4.24 33.10 17.47
CA THR B 566 4.68 32.32 18.62
C THR B 566 6.11 32.67 18.97
N GLN B 567 6.56 32.15 20.10
CA GLN B 567 7.90 32.43 20.60
C GLN B 567 8.68 31.12 20.69
N ILE B 568 8.66 30.34 19.61
CA ILE B 568 9.37 29.08 19.55
C ILE B 568 10.74 29.36 18.93
N GLN B 569 11.79 29.29 19.74
CA GLN B 569 13.12 29.65 19.26
C GLN B 569 13.73 28.45 18.56
N THR B 570 13.96 28.57 17.26
CA THR B 570 14.64 27.56 16.47
C THR B 570 15.69 28.22 15.60
N ARG B 571 16.37 27.39 14.81
CA ARG B 571 17.34 27.89 13.84
C ARG B 571 16.65 28.49 12.62
N ARG B 572 15.35 28.22 12.44
CA ARG B 572 14.56 28.74 11.34
C ARG B 572 13.36 29.52 11.87
N SER B 573 13.52 30.18 13.02
CA SER B 573 12.50 31.03 13.59
C SER B 573 12.66 32.50 13.27
N PHE B 574 13.77 32.90 12.65
CA PHE B 574 14.02 34.31 12.36
C PHE B 574 13.47 34.71 11.00
N GLU B 575 13.73 33.91 9.97
CA GLU B 575 13.15 34.18 8.66
C GLU B 575 11.63 34.14 8.74
N ILE B 576 11.08 33.19 9.50
CA ILE B 576 9.63 33.09 9.59
C ILE B 576 9.05 34.29 10.32
N LYS B 577 9.77 34.84 11.29
CA LYS B 577 9.28 36.04 11.98
C LYS B 577 9.35 37.27 11.08
N LYS B 578 10.44 37.40 10.33
CA LYS B 578 10.51 38.51 9.36
C LYS B 578 9.40 38.42 8.33
N LEU B 579 9.13 37.21 7.83
CA LEU B 579 8.03 37.04 6.88
C LEU B 579 6.68 37.34 7.53
N TRP B 580 6.49 36.91 8.78
CA TRP B 580 5.25 37.19 9.50
C TRP B 580 5.03 38.69 9.62
N GLU B 581 6.09 39.45 9.93
CA GLU B 581 5.94 40.88 10.15
C GLU B 581 5.82 41.65 8.85
N GLN B 582 6.50 41.20 7.79
CA GLN B 582 6.37 41.85 6.49
C GLN B 582 4.94 41.80 5.97
N THR B 583 4.23 40.71 6.23
CA THR B 583 2.97 40.44 5.54
C THR B 583 1.82 41.19 6.20
N ARG B 584 0.94 41.75 5.37
CA ARG B 584 -0.25 42.42 5.86
C ARG B 584 -1.39 41.43 6.10
N SER B 585 -1.70 40.61 5.10
CA SER B 585 -2.69 39.54 5.24
C SER B 585 -1.95 38.29 5.70
N LYS B 586 -2.17 37.91 6.96
CA LYS B 586 -1.46 36.79 7.57
C LYS B 586 -2.20 35.46 7.44
N ALA B 587 -3.47 35.48 7.05
CA ALA B 587 -4.20 34.25 6.76
C ALA B 587 -3.83 33.64 5.41
N GLY B 588 -3.02 34.33 4.62
CA GLY B 588 -2.62 33.82 3.32
C GLY B 588 -1.32 33.06 3.32
N LEU B 589 -0.62 33.05 4.45
CA LEU B 589 0.66 32.33 4.53
C LEU B 589 0.43 30.84 4.67
N LEU B 590 1.38 30.06 4.16
CA LEU B 590 1.31 28.62 4.24
C LEU B 590 1.92 28.13 5.55
N VAL B 591 1.42 27.00 6.03
CA VAL B 591 1.95 26.41 7.25
C VAL B 591 3.46 26.19 7.13
N SER B 592 3.96 26.04 5.90
CA SER B 592 5.39 25.88 5.70
C SER B 592 6.16 27.18 5.85
N ASP B 593 5.47 28.33 5.80
CA ASP B 593 6.08 29.63 5.95
C ASP B 593 5.68 30.33 7.24
N GLY B 594 4.97 29.63 8.12
CA GLY B 594 4.62 30.22 9.40
C GLY B 594 3.26 30.89 9.39
N GLY B 595 2.24 30.18 8.94
CA GLY B 595 0.91 30.72 8.80
C GLY B 595 -0.11 29.85 9.52
N PRO B 596 -1.36 30.29 9.56
CA PRO B 596 -2.39 29.56 10.29
C PRO B 596 -2.82 28.33 9.49
N ASN B 597 -3.71 27.55 10.10
CA ASN B 597 -4.23 26.32 9.49
C ASN B 597 -5.71 26.52 9.18
N LEU B 598 -6.05 26.56 7.90
CA LEU B 598 -7.42 26.73 7.44
C LEU B 598 -8.05 25.43 6.95
N TYR B 599 -7.48 24.29 7.30
CA TYR B 599 -7.96 23.01 6.80
C TYR B 599 -9.06 22.49 7.71
N ASN B 600 -10.04 21.82 7.11
CA ASN B 600 -11.11 21.16 7.85
C ASN B 600 -11.72 20.09 6.96
N ILE B 601 -12.78 19.46 7.46
CA ILE B 601 -13.40 18.37 6.73
C ILE B 601 -13.82 18.82 5.34
N ARG B 602 -14.41 20.01 5.23
CA ARG B 602 -14.83 20.54 3.94
C ARG B 602 -13.67 20.70 2.96
N ASN B 603 -12.44 20.83 3.45
CA ASN B 603 -11.31 21.25 2.63
C ASN B 603 -10.18 20.22 2.67
N LEU B 604 -10.52 18.94 2.71
CA LEU B 604 -9.50 17.91 2.63
C LEU B 604 -9.07 17.58 1.21
N HIS B 605 -9.82 18.00 0.20
CA HIS B 605 -9.53 17.67 -1.19
C HIS B 605 -8.90 18.83 -1.95
N ILE B 606 -8.39 19.83 -1.26
CA ILE B 606 -7.81 21.01 -1.90
C ILE B 606 -6.39 21.22 -1.40
N PRO B 607 -5.43 21.52 -2.27
CA PRO B 607 -4.06 21.77 -1.80
C PRO B 607 -4.00 23.00 -0.92
N GLU B 608 -2.82 23.20 -0.32
CA GLU B 608 -2.59 24.30 0.61
C GLU B 608 -2.28 25.61 -0.09
N VAL B 609 -2.00 25.58 -1.40
CA VAL B 609 -1.69 26.79 -2.14
C VAL B 609 -2.94 27.39 -2.76
N CYS B 610 -3.86 26.54 -3.21
CA CYS B 610 -5.14 27.02 -3.72
C CYS B 610 -6.10 27.39 -2.60
N LEU B 611 -6.05 26.68 -1.48
CA LEU B 611 -6.84 27.06 -0.31
C LEU B 611 -6.52 28.48 0.12
N LYS B 612 -5.28 28.93 -0.06
CA LYS B 612 -4.83 30.26 0.35
C LYS B 612 -4.29 30.95 -0.90
N TRP B 613 -5.19 31.54 -1.69
CA TRP B 613 -4.75 32.27 -2.87
C TRP B 613 -5.39 33.66 -2.92
N GLU B 614 -6.59 33.80 -2.35
CA GLU B 614 -7.20 35.11 -2.23
C GLU B 614 -6.72 35.86 -1.00
N LEU B 615 -6.20 35.16 0.01
CA LEU B 615 -5.67 35.80 1.19
C LEU B 615 -4.20 36.15 1.09
N MET B 616 -3.49 35.62 0.09
CA MET B 616 -2.07 35.90 -0.03
C MET B 616 -1.82 37.35 -0.43
N ASP B 617 -0.69 37.88 0.02
CA ASP B 617 -0.17 39.12 -0.52
C ASP B 617 0.48 38.87 -1.88
N GLU B 618 0.41 39.87 -2.75
CA GLU B 618 0.90 39.68 -4.11
C GLU B 618 2.41 39.51 -4.14
N ASP B 619 3.13 40.20 -3.25
CA ASP B 619 4.58 40.01 -3.19
C ASP B 619 4.93 38.62 -2.70
N TYR B 620 4.33 38.19 -1.58
CA TYR B 620 4.54 36.82 -1.11
C TYR B 620 4.06 35.81 -2.13
N GLN B 621 2.89 36.06 -2.73
CA GLN B 621 2.34 35.14 -3.72
C GLN B 621 3.29 34.97 -4.90
N GLY B 622 3.98 36.05 -5.28
CA GLY B 622 4.89 35.96 -6.41
C GLY B 622 6.25 35.43 -6.05
N ARG B 623 6.68 35.60 -4.81
CA ARG B 623 7.93 35.00 -4.36
C ARG B 623 7.80 33.50 -4.20
N LEU B 624 6.75 33.05 -3.49
CA LEU B 624 6.53 31.63 -3.28
C LEU B 624 6.45 30.91 -4.62
N CYS B 625 5.49 31.30 -5.45
CA CYS B 625 5.25 30.68 -6.76
C CYS B 625 6.10 31.40 -7.80
N ASN B 626 7.36 30.94 -7.95
CA ASN B 626 8.30 31.53 -8.89
C ASN B 626 9.01 30.42 -9.65
N PRO B 627 9.02 30.45 -11.00
CA PRO B 627 9.74 29.39 -11.74
C PRO B 627 11.24 29.51 -11.68
N LEU B 628 11.78 30.70 -11.41
CA LEU B 628 13.22 30.92 -11.37
C LEU B 628 13.87 30.48 -10.06
N ASN B 629 13.11 29.83 -9.18
CA ASN B 629 13.67 29.41 -7.89
C ASN B 629 14.72 28.31 -8.09
N PRO B 630 15.74 28.29 -7.24
CA PRO B 630 16.76 27.23 -7.34
C PRO B 630 16.45 25.97 -6.56
N PHE B 631 15.23 25.84 -6.04
CA PHE B 631 14.85 24.72 -5.18
C PHE B 631 14.03 23.66 -5.90
N VAL B 632 13.22 24.05 -6.87
CA VAL B 632 12.31 23.13 -7.54
C VAL B 632 13.06 22.44 -8.66
N SER B 633 13.08 21.10 -8.62
CA SER B 633 13.57 20.30 -9.72
C SER B 633 12.62 19.13 -9.95
N HIS B 634 12.23 18.92 -11.21
CA HIS B 634 11.39 17.81 -11.60
C HIS B 634 12.06 17.01 -12.70
N LYS B 635 12.15 15.70 -12.51
CA LYS B 635 12.95 14.83 -13.36
C LYS B 635 12.11 14.19 -14.48
N GLU B 636 11.01 13.55 -14.12
CA GLU B 636 10.19 12.82 -15.09
C GLU B 636 8.73 12.95 -14.71
N ILE B 637 7.86 12.80 -15.71
CA ILE B 637 6.43 12.96 -15.49
C ILE B 637 5.91 11.97 -14.46
N GLU B 638 6.56 10.81 -14.34
CA GLU B 638 6.07 9.79 -13.43
C GLU B 638 6.25 10.18 -11.96
N SER B 639 7.28 10.97 -11.65
CA SER B 639 7.61 11.30 -10.28
C SER B 639 7.13 12.68 -9.85
N VAL B 640 6.37 13.36 -10.71
CA VAL B 640 6.00 14.74 -10.42
C VAL B 640 5.15 14.81 -9.16
N ASN B 641 4.15 13.95 -9.05
CA ASN B 641 3.26 13.90 -7.89
C ASN B 641 2.95 12.46 -7.50
N ASN B 642 3.99 11.65 -7.28
CA ASN B 642 3.79 10.27 -6.87
C ASN B 642 4.90 9.86 -5.92
N ALA B 643 4.53 9.35 -4.75
CA ALA B 643 5.51 9.03 -3.71
C ALA B 643 5.33 7.59 -3.28
N VAL B 644 6.42 6.81 -3.35
CA VAL B 644 6.37 5.41 -2.93
C VAL B 644 6.15 5.39 -1.42
N MET B 645 5.00 4.86 -0.99
CA MET B 645 4.65 4.81 0.42
C MET B 645 4.45 3.35 0.82
N MET B 646 5.19 2.93 1.83
CA MET B 646 5.15 1.53 2.26
C MET B 646 4.09 1.33 3.33
N PRO B 647 3.08 0.51 3.09
CA PRO B 647 2.01 0.33 4.08
C PRO B 647 2.34 -0.82 5.01
N ALA B 648 1.83 -0.73 6.23
CA ALA B 648 2.20 -1.71 7.25
C ALA B 648 1.35 -2.96 7.10
N HIS B 649 2.01 -4.12 7.21
CA HIS B 649 1.35 -5.40 6.94
C HIS B 649 0.83 -5.46 5.51
N GLY B 650 1.59 -4.88 4.59
CA GLY B 650 1.21 -4.88 3.19
C GLY B 650 2.36 -4.47 2.28
N PRO B 651 2.18 -4.66 0.97
CA PRO B 651 3.25 -4.35 0.02
C PRO B 651 3.36 -2.86 -0.29
N ALA B 652 4.61 -2.44 -0.52
CA ALA B 652 4.92 -1.04 -0.81
C ALA B 652 4.07 -0.51 -1.96
N LYS B 653 3.21 0.46 -1.67
CA LYS B 653 2.33 1.04 -2.67
C LYS B 653 2.88 2.36 -3.19
N ASN B 654 2.13 2.99 -4.09
CA ASN B 654 2.44 4.30 -4.63
C ASN B 654 1.29 5.24 -4.33
N MET B 655 1.60 6.42 -3.79
CA MET B 655 0.61 7.38 -3.32
C MET B 655 0.61 8.59 -4.24
N GLU B 656 -0.42 8.68 -5.08
CA GLU B 656 -0.68 9.89 -5.82
C GLU B 656 -1.05 10.99 -4.84
N TYR B 657 -0.42 12.16 -4.96
CA TYR B 657 -0.64 13.25 -4.02
C TYR B 657 -0.76 14.55 -4.78
N ASP B 658 -1.98 15.10 -4.78
CA ASP B 658 -2.25 16.34 -5.48
C ASP B 658 -1.57 17.51 -4.75
N ALA B 659 -0.71 18.23 -5.45
CA ALA B 659 0.04 19.32 -4.84
C ALA B 659 0.38 20.37 -5.89
N VAL B 660 0.74 21.56 -5.41
CA VAL B 660 1.05 22.70 -6.25
C VAL B 660 2.55 22.95 -6.20
N ALA B 661 3.15 23.23 -7.36
CA ALA B 661 4.58 23.44 -7.44
C ALA B 661 4.92 24.79 -6.83
N THR B 662 5.58 24.77 -5.66
CA THR B 662 5.98 25.97 -4.95
C THR B 662 7.45 25.86 -4.60
N THR B 663 7.96 26.90 -3.94
CA THR B 663 9.37 26.90 -3.53
C THR B 663 9.63 25.86 -2.45
N HIS B 664 8.60 25.31 -1.84
CA HIS B 664 8.74 24.25 -0.85
C HIS B 664 8.86 22.87 -1.48
N SER B 665 8.82 22.76 -2.80
CA SER B 665 8.83 21.45 -3.46
C SER B 665 10.25 21.08 -3.90
N TRP B 666 11.12 20.94 -2.91
CA TRP B 666 12.52 20.62 -3.15
C TRP B 666 12.72 19.10 -3.17
N ILE B 667 13.89 18.69 -3.63
CA ILE B 667 14.35 17.31 -3.42
C ILE B 667 15.37 17.34 -2.29
N PRO B 668 15.39 16.37 -1.39
CA PRO B 668 16.37 16.36 -0.31
C PRO B 668 17.70 15.73 -0.71
N LYS B 669 18.67 15.86 0.20
CA LYS B 669 20.05 15.49 -0.08
C LYS B 669 20.22 13.98 -0.10
N ARG B 670 21.43 13.56 -0.48
CA ARG B 670 21.76 12.17 -0.73
C ARG B 670 22.68 11.65 0.38
N ASN B 671 22.95 10.34 0.34
CA ASN B 671 23.62 9.69 1.47
C ASN B 671 25.04 10.21 1.65
N ARG B 672 25.79 10.34 0.56
CA ARG B 672 27.13 10.90 0.56
C ARG B 672 28.17 10.00 1.21
N SER B 673 27.82 8.76 1.56
CA SER B 673 28.81 7.81 2.08
C SER B 673 29.67 7.23 0.97
N ILE B 674 29.15 7.14 -0.25
CA ILE B 674 29.88 6.54 -1.36
C ILE B 674 31.22 7.22 -1.62
N LEU B 675 31.44 8.41 -1.06
CA LEU B 675 32.72 9.10 -1.26
C LEU B 675 33.89 8.31 -0.70
N ASN B 676 33.65 7.49 0.32
CA ASN B 676 34.73 6.80 1.03
C ASN B 676 34.95 5.38 0.53
N THR B 677 34.30 5.00 -0.56
CA THR B 677 34.32 3.62 -1.05
C THR B 677 35.02 3.55 -2.39
N SER B 678 35.37 2.33 -2.79
CA SER B 678 36.03 2.13 -4.08
C SER B 678 35.16 2.61 -5.23
N GLN B 679 33.84 2.43 -5.11
CA GLN B 679 32.93 2.92 -6.14
C GLN B 679 32.60 4.39 -5.95
N ARG B 680 33.63 5.23 -5.82
CA ARG B 680 33.42 6.67 -5.77
C ARG B 680 33.28 7.27 -7.16
N GLY B 681 33.90 6.65 -8.17
CA GLY B 681 33.82 7.16 -9.52
C GLY B 681 32.47 7.02 -10.18
N ILE B 682 31.48 6.43 -9.48
CA ILE B 682 30.15 6.37 -10.05
C ILE B 682 29.48 7.72 -9.98
N LEU B 683 29.84 8.54 -8.99
CA LEU B 683 29.27 9.88 -8.88
C LEU B 683 29.61 10.74 -10.10
N GLU B 684 30.84 10.65 -10.59
CA GLU B 684 31.21 11.42 -11.77
C GLU B 684 30.42 10.94 -12.98
N ASP B 685 30.24 9.63 -13.09
CA ASP B 685 29.37 9.08 -14.13
C ASP B 685 27.96 9.67 -14.03
N GLU B 686 27.40 9.70 -12.81
CA GLU B 686 26.10 10.30 -12.60
C GLU B 686 26.07 11.75 -13.08
N GLN B 687 27.08 12.52 -12.69
CA GLN B 687 27.10 13.94 -13.03
C GLN B 687 27.13 14.13 -14.54
N MET B 688 27.99 13.37 -15.22
CA MET B 688 28.07 13.48 -16.67
C MET B 688 26.77 13.01 -17.33
N TYR B 689 26.19 11.92 -16.82
CA TYR B 689 24.93 11.44 -17.37
C TYR B 689 23.84 12.51 -17.26
N GLN B 690 23.78 13.20 -16.12
CA GLN B 690 22.73 14.19 -15.94
C GLN B 690 22.98 15.44 -16.77
N LYS B 691 24.24 15.90 -16.83
CA LYS B 691 24.62 16.97 -17.74
C LYS B 691 24.23 16.65 -19.18
N CYS B 692 24.63 15.48 -19.68
CA CYS B 692 24.30 15.07 -21.04
C CYS B 692 22.78 15.04 -21.25
N CYS B 693 22.06 14.40 -20.33
CA CYS B 693 20.61 14.31 -20.49
C CYS B 693 19.95 15.68 -20.47
N ASN B 694 20.50 16.61 -19.69
CA ASN B 694 19.97 17.97 -19.70
C ASN B 694 20.18 18.61 -21.07
N LEU B 695 21.35 18.39 -21.66
CA LEU B 695 21.59 18.92 -23.00
C LEU B 695 20.63 18.29 -24.01
N PHE B 696 20.41 16.98 -23.90
CA PHE B 696 19.48 16.31 -24.81
C PHE B 696 18.08 16.88 -24.66
N GLU B 697 17.64 17.12 -23.42
CA GLU B 697 16.33 17.72 -23.20
C GLU B 697 16.27 19.12 -23.81
N LYS B 698 17.39 19.85 -23.77
CA LYS B 698 17.44 21.13 -24.46
C LYS B 698 17.23 20.94 -25.96
N PHE B 699 17.90 19.93 -26.53
CA PHE B 699 17.72 19.65 -27.95
C PHE B 699 16.33 19.12 -28.23
N PHE B 700 15.83 18.22 -27.38
CA PHE B 700 14.50 17.65 -27.52
C PHE B 700 13.68 18.09 -26.32
N PRO B 701 12.88 19.14 -26.44
CA PRO B 701 12.13 19.63 -25.27
C PRO B 701 11.32 18.56 -24.56
N SER B 702 10.74 17.62 -25.31
CA SER B 702 9.86 16.60 -24.74
C SER B 702 10.63 15.34 -24.34
N SER B 703 11.91 15.48 -24.00
CA SER B 703 12.66 14.34 -23.47
C SER B 703 12.16 13.93 -22.09
N SER B 704 11.60 14.87 -21.33
CA SER B 704 11.12 14.55 -19.99
C SER B 704 9.74 13.90 -20.04
N TYR B 705 8.80 14.51 -20.77
CA TYR B 705 7.44 13.99 -20.81
C TYR B 705 7.39 12.62 -21.47
N ARG B 706 7.79 12.52 -22.74
CA ARG B 706 7.74 11.28 -23.50
C ARG B 706 9.17 10.81 -23.78
N ARG B 707 9.49 9.61 -23.28
CA ARG B 707 10.82 9.06 -23.49
C ARG B 707 11.09 8.93 -24.99
N PRO B 708 12.21 9.45 -25.50
CA PRO B 708 12.46 9.35 -26.94
C PRO B 708 12.69 7.91 -27.37
N VAL B 709 12.32 7.62 -28.62
CA VAL B 709 12.54 6.31 -29.21
C VAL B 709 13.22 6.47 -30.56
N GLY B 710 13.90 5.41 -30.97
CA GLY B 710 14.53 5.35 -32.27
C GLY B 710 15.70 4.37 -32.23
N ILE B 711 16.61 4.51 -33.19
CA ILE B 711 17.86 3.76 -33.16
C ILE B 711 18.95 4.64 -33.75
N SER B 712 19.29 5.71 -33.04
CA SER B 712 20.30 6.65 -33.47
C SER B 712 21.17 7.04 -32.28
N SER B 713 22.48 7.10 -32.49
CA SER B 713 23.35 7.60 -31.44
C SER B 713 22.95 9.02 -31.08
N MET B 714 23.11 9.38 -29.80
CA MET B 714 22.60 10.66 -29.33
C MET B 714 23.19 11.83 -30.11
N VAL B 715 24.49 11.79 -30.40
CA VAL B 715 25.13 12.94 -31.03
C VAL B 715 24.53 13.23 -32.39
N GLU B 716 24.19 12.20 -33.17
CA GLU B 716 23.67 12.46 -34.51
C GLU B 716 22.36 13.25 -34.40
N ALA B 717 21.49 12.84 -33.47
CA ALA B 717 20.24 13.56 -33.24
C ALA B 717 20.53 14.99 -32.78
N MET B 718 21.51 15.15 -31.88
CA MET B 718 21.82 16.49 -31.38
C MET B 718 22.21 17.40 -32.54
N VAL B 719 23.15 16.95 -33.37
CA VAL B 719 23.63 17.79 -34.45
C VAL B 719 22.53 18.03 -35.48
N SER B 720 21.71 17.01 -35.77
CA SER B 720 20.64 17.18 -36.74
C SER B 720 19.63 18.22 -36.26
N ARG B 721 19.26 18.16 -34.98
CA ARG B 721 18.37 19.17 -34.44
C ARG B 721 19.03 20.54 -34.45
N ALA B 722 20.34 20.59 -34.19
CA ALA B 722 21.04 21.86 -34.25
C ALA B 722 20.95 22.45 -35.65
N ARG B 723 21.15 21.60 -36.66
CA ARG B 723 21.11 22.06 -38.04
C ARG B 723 19.72 22.60 -38.38
N ILE B 724 18.68 21.87 -37.97
CA ILE B 724 17.32 22.32 -38.23
C ILE B 724 17.05 23.65 -37.54
N ASP B 725 17.46 23.76 -36.28
CA ASP B 725 17.19 24.97 -35.51
C ASP B 725 17.92 26.15 -36.14
N ALA B 726 19.18 25.95 -36.53
CA ALA B 726 19.96 27.03 -37.12
C ALA B 726 19.34 27.48 -38.43
N ARG B 727 18.94 26.53 -39.28
CA ARG B 727 18.37 26.91 -40.56
C ARG B 727 17.05 27.66 -40.37
N ILE B 728 16.20 27.18 -39.46
CA ILE B 728 14.93 27.85 -39.22
C ILE B 728 15.16 29.24 -38.68
N ASP B 729 16.11 29.39 -37.74
CA ASP B 729 16.37 30.70 -37.17
C ASP B 729 16.91 31.66 -38.22
N PHE B 730 17.83 31.19 -39.06
CA PHE B 730 18.36 32.04 -40.12
C PHE B 730 17.26 32.47 -41.09
N GLU B 731 16.40 31.53 -41.48
CA GLU B 731 15.38 31.87 -42.47
C GLU B 731 14.46 32.95 -41.95
N SER B 732 14.02 32.83 -40.69
CA SER B 732 13.12 33.81 -40.09
C SER B 732 13.34 33.76 -38.58
N GLY B 733 14.43 34.35 -38.12
CA GLY B 733 14.71 34.36 -36.70
C GLY B 733 15.91 35.22 -36.38
N ARG B 734 16.34 35.13 -35.12
CA ARG B 734 17.41 35.98 -34.62
C ARG B 734 18.71 35.73 -35.38
N ILE B 735 18.98 34.46 -35.71
CA ILE B 735 20.29 34.08 -36.22
C ILE B 735 20.64 34.89 -37.47
N LYS B 736 21.84 35.44 -37.47
CA LYS B 736 22.39 36.19 -38.59
C LYS B 736 23.31 35.27 -39.39
N LYS B 737 23.74 35.75 -40.56
CA LYS B 737 24.49 34.90 -41.47
C LYS B 737 25.80 34.43 -40.84
N GLU B 738 26.50 35.31 -40.12
CA GLU B 738 27.76 34.90 -39.51
C GLU B 738 27.54 33.78 -38.51
N GLU B 739 26.51 33.90 -37.67
CA GLU B 739 26.23 32.86 -36.68
C GLU B 739 25.85 31.56 -37.37
N PHE B 740 25.01 31.64 -38.40
CA PHE B 740 24.59 30.43 -39.10
C PHE B 740 25.78 29.73 -39.73
N ALA B 741 26.69 30.50 -40.33
CA ALA B 741 27.88 29.90 -40.92
C ALA B 741 28.73 29.24 -39.85
N GLU B 742 28.89 29.89 -38.70
CA GLU B 742 29.69 29.31 -37.62
C GLU B 742 29.04 28.01 -37.13
N ILE B 743 27.73 28.00 -37.00
CA ILE B 743 27.01 26.80 -36.57
C ILE B 743 27.23 25.68 -37.57
N MET B 744 27.05 25.96 -38.87
CA MET B 744 27.18 24.89 -39.85
C MET B 744 28.62 24.40 -39.93
N LYS B 745 29.58 25.30 -39.74
CA LYS B 745 30.98 24.90 -39.70
C LYS B 745 31.25 23.95 -38.55
N ILE B 746 30.72 24.26 -37.37
CA ILE B 746 30.89 23.33 -36.27
C ILE B 746 30.13 22.04 -36.52
N CYS B 747 28.97 22.11 -37.18
CA CYS B 747 28.25 20.88 -37.46
C CYS B 747 29.10 19.94 -38.30
N SER B 748 29.77 20.49 -39.32
CA SER B 748 30.69 19.67 -40.10
C SER B 748 31.87 19.19 -39.26
N THR B 749 32.41 20.07 -38.42
CA THR B 749 33.57 19.69 -37.60
C THR B 749 33.20 18.55 -36.66
N ILE B 750 32.01 18.64 -36.05
CA ILE B 750 31.55 17.61 -35.13
C ILE B 750 31.33 16.30 -35.86
N GLU B 751 30.73 16.36 -37.06
CA GLU B 751 30.52 15.12 -37.80
C GLU B 751 31.85 14.46 -38.14
N GLU B 752 32.86 15.25 -38.52
CA GLU B 752 34.18 14.70 -38.77
C GLU B 752 34.80 14.12 -37.51
N LEU B 753 34.66 14.82 -36.38
CA LEU B 753 35.20 14.32 -35.12
C LEU B 753 34.53 13.01 -34.71
N ARG B 754 33.21 12.93 -34.90
CA ARG B 754 32.48 11.71 -34.58
C ARG B 754 32.93 10.56 -35.46
N ARG B 755 33.10 10.82 -36.76
CA ARG B 755 33.53 9.77 -37.66
C ARG B 755 34.93 9.28 -37.31
N GLN B 756 35.82 10.21 -36.95
CA GLN B 756 37.18 9.86 -36.56
C GLN B 756 37.17 9.01 -35.30
N MET C 1 23.15 29.44 -28.99
CA MET C 1 24.61 29.74 -29.05
C MET C 1 25.29 29.14 -27.82
N GLU C 2 24.69 29.39 -26.65
CA GLU C 2 25.26 28.89 -25.40
C GLU C 2 25.29 27.37 -25.40
N ARG C 3 24.20 26.75 -25.85
CA ARG C 3 24.11 25.30 -25.88
C ARG C 3 25.14 24.71 -26.82
N ILE C 4 25.33 25.32 -27.99
CA ILE C 4 26.31 24.76 -28.92
C ILE C 4 27.72 24.89 -28.33
N LYS C 5 27.99 25.96 -27.59
CA LYS C 5 29.29 26.07 -26.92
C LYS C 5 29.43 24.95 -25.88
N GLU C 6 28.36 24.66 -25.15
CA GLU C 6 28.45 23.55 -24.20
C GLU C 6 28.78 22.27 -24.95
N LEU C 7 28.14 22.08 -26.11
CA LEU C 7 28.43 20.92 -26.95
C LEU C 7 29.88 20.95 -27.39
N ARG C 8 30.43 22.13 -27.63
CA ARG C 8 31.84 22.25 -28.00
C ARG C 8 32.70 21.64 -26.90
N ASP C 9 32.37 21.98 -25.66
CA ASP C 9 33.09 21.45 -24.52
C ASP C 9 32.90 19.94 -24.41
N LEU C 10 31.68 19.47 -24.64
CA LEU C 10 31.39 18.05 -24.50
C LEU C 10 32.17 17.23 -25.51
N MET C 11 32.14 17.66 -26.77
CA MET C 11 32.87 16.91 -27.79
C MET C 11 34.38 17.03 -27.62
N SER C 12 34.86 18.14 -27.06
CA SER C 12 36.29 18.25 -26.77
C SER C 12 36.72 17.26 -25.70
N GLN C 13 35.89 17.04 -24.68
CA GLN C 13 36.25 16.16 -23.58
C GLN C 13 36.17 14.70 -24.01
N SER C 14 37.24 13.94 -23.71
CA SER C 14 37.28 12.53 -24.14
C SER C 14 36.21 11.70 -23.45
N ARG C 15 36.03 11.88 -22.13
CA ARG C 15 35.06 11.07 -21.40
C ARG C 15 33.66 11.35 -21.94
N THR C 16 33.36 12.63 -22.19
CA THR C 16 32.09 12.97 -22.79
C THR C 16 31.99 12.33 -24.16
N ARG C 17 33.10 12.33 -24.92
CA ARG C 17 33.05 11.76 -26.25
C ARG C 17 32.65 10.30 -26.16
N GLU C 18 33.18 9.59 -25.16
CA GLU C 18 32.87 8.19 -24.95
C GLU C 18 31.37 7.99 -24.70
N ILE C 19 30.84 8.77 -23.76
CA ILE C 19 29.42 8.59 -23.42
C ILE C 19 28.56 8.90 -24.63
N LEU C 20 28.87 10.00 -25.33
CA LEU C 20 28.05 10.42 -26.46
C LEU C 20 28.09 9.40 -27.59
N THR C 21 29.29 8.89 -27.91
CA THR C 21 29.39 7.98 -29.04
C THR C 21 28.71 6.65 -28.75
N LYS C 22 29.00 6.04 -27.61
CA LYS C 22 28.43 4.71 -27.37
C LYS C 22 26.94 4.76 -27.05
N THR C 23 26.49 5.70 -26.23
CA THR C 23 25.10 5.70 -25.82
C THR C 23 24.19 5.96 -27.01
N THR C 24 23.03 5.30 -27.01
CA THR C 24 21.99 5.55 -28.00
C THR C 24 20.89 6.43 -27.41
N VAL C 25 19.98 6.88 -28.27
CA VAL C 25 18.85 7.68 -27.80
C VAL C 25 17.89 6.82 -26.98
N ASP C 26 17.77 5.53 -27.31
CA ASP C 26 16.85 4.69 -26.57
C ASP C 26 17.25 4.60 -25.11
N HIS C 27 18.55 4.58 -24.84
CA HIS C 27 19.05 4.45 -23.49
C HIS C 27 19.18 5.78 -22.78
N MET C 28 18.80 6.89 -23.43
CA MET C 28 18.87 8.17 -22.73
C MET C 28 18.00 8.15 -21.48
N ALA C 29 16.83 7.51 -21.57
CA ALA C 29 15.98 7.43 -20.39
C ALA C 29 16.68 6.63 -19.31
N ILE C 30 17.33 5.53 -19.71
CA ILE C 30 17.98 4.70 -18.71
C ILE C 30 19.10 5.51 -18.08
N ILE C 31 19.83 6.27 -18.89
CA ILE C 31 20.94 7.03 -18.37
C ILE C 31 20.43 8.25 -17.62
N LYS C 32 19.19 8.66 -17.86
CA LYS C 32 18.57 9.67 -17.01
C LYS C 32 18.29 9.12 -15.63
N LYS C 33 17.97 7.84 -15.54
CA LYS C 33 17.69 7.19 -14.26
C LYS C 33 18.93 6.59 -13.60
N TYR C 34 20.07 6.62 -14.27
CA TYR C 34 21.29 6.07 -13.68
C TYR C 34 21.70 6.90 -12.47
N THR C 35 21.66 6.29 -11.29
CA THR C 35 22.02 6.98 -10.07
C THR C 35 22.42 5.96 -9.01
N SER C 36 23.46 6.29 -8.24
CA SER C 36 23.82 5.48 -7.08
C SER C 36 22.79 5.63 -5.97
N GLY C 37 22.18 6.81 -5.86
CA GLY C 37 21.21 7.08 -4.81
C GLY C 37 20.15 6.01 -4.71
N ARG C 38 20.18 5.25 -3.62
CA ARG C 38 19.13 4.30 -3.34
C ARG C 38 17.88 5.01 -2.84
N GLN C 39 16.72 4.44 -3.17
CA GLN C 39 15.46 5.02 -2.74
C GLN C 39 15.26 4.71 -1.26
N GLU C 40 14.67 5.66 -0.53
CA GLU C 40 14.62 5.57 0.92
C GLU C 40 13.58 4.55 1.36
N LYS C 41 14.03 3.54 2.11
CA LYS C 41 13.10 2.55 2.64
C LYS C 41 12.21 3.15 3.71
N ASN C 42 12.76 4.04 4.55
CA ASN C 42 11.99 4.76 5.57
C ASN C 42 12.14 6.25 5.28
N PRO C 43 11.31 6.80 4.38
CA PRO C 43 11.47 8.22 4.06
C PRO C 43 11.13 9.13 5.22
N ALA C 44 10.26 8.70 6.13
CA ALA C 44 9.86 9.57 7.23
C ALA C 44 11.01 9.77 8.20
N LEU C 45 11.65 8.67 8.61
CA LEU C 45 12.80 8.78 9.48
C LEU C 45 13.94 9.56 8.82
N ARG C 46 14.08 9.45 7.50
CA ARG C 46 15.18 10.12 6.81
C ARG C 46 14.88 11.57 6.46
N MET C 47 13.63 12.01 6.57
CA MET C 47 13.29 13.42 6.43
C MET C 47 13.04 14.07 7.78
N LYS C 48 12.99 13.26 8.83
CA LYS C 48 12.95 13.70 10.21
C LYS C 48 14.37 13.80 10.74
N TRP C 49 15.23 12.87 10.32
CA TRP C 49 16.62 12.84 10.74
C TRP C 49 17.44 13.92 10.06
N MET C 50 17.17 14.22 8.79
CA MET C 50 18.01 15.18 8.07
C MET C 50 17.68 16.62 8.45
N MET C 51 16.42 16.90 8.77
CA MET C 51 16.01 18.26 9.12
C MET C 51 16.59 18.73 10.46
N ALA C 52 17.54 18.02 11.05
CA ALA C 52 18.27 18.48 12.23
C ALA C 52 19.73 18.78 11.92
N MET C 53 20.08 18.88 10.64
CA MET C 53 21.45 19.16 10.22
C MET C 53 21.52 20.50 9.50
N LYS C 54 22.69 21.12 9.59
CA LYS C 54 22.97 22.28 8.76
C LYS C 54 23.08 21.82 7.31
N TYR C 55 22.44 22.58 6.42
CA TYR C 55 22.42 22.26 5.00
C TYR C 55 21.75 20.91 4.76
N PRO C 56 20.45 20.79 5.06
CA PRO C 56 19.74 19.53 4.77
C PRO C 56 19.06 19.55 3.41
N ILE C 57 18.92 20.72 2.80
CA ILE C 57 18.23 20.86 1.54
C ILE C 57 19.27 21.05 0.44
N THR C 58 18.84 20.89 -0.81
CA THR C 58 19.70 21.12 -1.95
C THR C 58 19.06 22.16 -2.86
N ALA C 59 19.91 22.86 -3.62
CA ALA C 59 19.42 23.88 -4.53
C ALA C 59 20.42 24.03 -5.66
N ASP C 60 19.94 24.59 -6.77
CA ASP C 60 20.83 24.91 -7.88
C ASP C 60 21.93 25.85 -7.41
N LYS C 61 22.99 25.92 -8.21
CA LYS C 61 24.12 26.76 -7.85
C LYS C 61 23.83 28.24 -8.08
N ARG C 62 22.82 28.56 -8.87
CA ARG C 62 22.46 29.96 -9.06
C ARG C 62 22.07 30.62 -7.75
N ILE C 63 21.72 29.83 -6.73
CA ILE C 63 21.41 30.39 -5.43
C ILE C 63 22.58 31.22 -4.91
N MET C 64 23.81 30.86 -5.27
CA MET C 64 24.97 31.62 -4.82
C MET C 64 24.99 33.03 -5.36
N GLU C 65 24.27 33.31 -6.45
CA GLU C 65 24.21 34.63 -7.04
C GLU C 65 22.83 35.27 -6.92
N MET C 66 21.96 34.70 -6.08
CA MET C 66 20.61 35.22 -5.93
C MET C 66 20.29 35.45 -4.45
N ILE C 67 20.92 34.68 -3.58
CA ILE C 67 20.71 34.79 -2.14
C ILE C 67 22.07 35.06 -1.49
N PRO C 68 22.15 35.86 -0.43
CA PRO C 68 23.43 36.10 0.22
C PRO C 68 23.85 34.93 1.10
N GLU C 69 25.14 34.90 1.42
CA GLU C 69 25.68 33.80 2.20
C GLU C 69 25.11 33.75 3.61
N ARG C 70 24.69 34.90 4.14
CA ARG C 70 24.11 34.93 5.48
C ARG C 70 23.11 36.07 5.58
N ASN C 71 22.24 35.98 6.58
CA ASN C 71 21.17 36.93 6.80
C ASN C 71 21.62 37.95 7.85
N GLU C 72 20.66 38.76 8.33
CA GLU C 72 21.01 39.86 9.22
C GLU C 72 21.49 39.34 10.57
N GLN C 73 20.89 38.26 11.07
CA GLN C 73 21.33 37.68 12.34
C GLN C 73 22.67 36.96 12.21
N GLY C 74 23.13 36.70 10.99
CA GLY C 74 24.38 36.01 10.78
C GLY C 74 24.28 34.52 10.52
N GLN C 75 23.08 34.00 10.29
CA GLN C 75 22.92 32.58 10.01
C GLN C 75 23.23 32.32 8.54
N THR C 76 24.05 31.30 8.28
CA THR C 76 24.45 31.01 6.91
C THR C 76 23.30 30.39 6.14
N LEU C 77 23.13 30.82 4.89
CA LEU C 77 22.04 30.36 4.05
C LEU C 77 22.45 29.36 2.98
N TRP C 78 23.71 29.37 2.52
CA TRP C 78 24.15 28.35 1.59
C TRP C 78 25.64 28.09 1.78
N SER C 79 26.06 26.93 1.30
CA SER C 79 27.45 26.48 1.35
C SER C 79 28.00 26.32 -0.06
N LYS C 80 29.32 26.16 -0.14
CA LYS C 80 30.00 25.89 -1.39
C LYS C 80 30.12 24.40 -1.69
N THR C 81 29.68 23.53 -0.77
CA THR C 81 29.76 22.10 -0.99
C THR C 81 28.68 21.65 -1.96
N ASN C 82 29.01 20.65 -2.77
CA ASN C 82 28.14 20.15 -3.81
C ASN C 82 27.48 18.85 -3.39
N ASP C 83 26.31 18.58 -3.97
CA ASP C 83 25.62 17.32 -3.71
C ASP C 83 26.46 16.15 -4.22
N ALA C 84 25.99 14.94 -3.94
CA ALA C 84 26.79 13.76 -4.20
C ALA C 84 26.90 13.49 -5.70
N GLY C 85 25.78 13.21 -6.35
CA GLY C 85 25.78 12.91 -7.77
C GLY C 85 25.22 14.03 -8.62
N SER C 86 25.57 15.27 -8.31
CA SER C 86 24.96 16.41 -8.98
C SER C 86 25.91 17.60 -8.86
N ASP C 87 25.64 18.63 -9.68
CA ASP C 87 26.29 19.91 -9.54
C ASP C 87 25.60 20.80 -8.51
N ARG C 88 24.39 20.43 -8.08
CA ARG C 88 23.65 21.24 -7.12
C ARG C 88 24.43 21.35 -5.81
N VAL C 89 24.14 22.41 -5.06
CA VAL C 89 24.85 22.72 -3.82
C VAL C 89 23.91 22.55 -2.65
N MET C 90 24.49 22.24 -1.50
CA MET C 90 23.72 22.01 -0.29
C MET C 90 23.41 23.34 0.39
N VAL C 91 22.13 23.57 0.67
CA VAL C 91 21.67 24.81 1.26
C VAL C 91 20.71 24.50 2.40
N SER C 92 20.66 25.41 3.37
CA SER C 92 19.75 25.29 4.47
C SER C 92 18.33 25.61 4.01
N PRO C 93 17.31 25.20 4.78
CA PRO C 93 15.96 25.63 4.43
C PRO C 93 15.68 27.09 4.70
N LEU C 94 16.52 27.80 5.46
CA LEU C 94 16.32 29.23 5.66
C LEU C 94 16.53 30.00 4.37
N ALA C 95 17.14 29.39 3.37
CA ALA C 95 17.23 30.03 2.06
C ALA C 95 15.88 30.05 1.38
N VAL C 96 15.00 29.12 1.74
CA VAL C 96 13.67 29.11 1.13
C VAL C 96 12.82 30.22 1.71
N THR C 97 12.74 30.31 3.05
CA THR C 97 11.92 31.35 3.65
C THR C 97 12.52 32.73 3.39
N TRP C 98 13.85 32.81 3.33
CA TRP C 98 14.47 34.06 2.93
C TRP C 98 13.99 34.45 1.54
N TRP C 99 13.96 33.48 0.63
CA TRP C 99 13.45 33.75 -0.71
C TRP C 99 12.03 34.28 -0.64
N ASN C 100 11.25 33.79 0.31
CA ASN C 100 9.85 34.19 0.42
C ASN C 100 9.70 35.55 1.10
N ARG C 101 10.73 36.03 1.80
CA ARG C 101 10.65 37.34 2.44
C ARG C 101 11.50 38.41 1.76
N ASN C 102 12.53 38.05 1.00
CA ASN C 102 13.39 39.05 0.37
C ASN C 102 13.78 38.69 -1.06
N GLY C 103 13.17 37.68 -1.66
CA GLY C 103 13.57 37.22 -2.97
C GLY C 103 12.86 37.96 -4.09
N PRO C 104 13.24 37.67 -5.33
CA PRO C 104 12.59 38.32 -6.48
C PRO C 104 11.11 38.01 -6.53
N THR C 105 10.34 38.92 -7.11
CA THR C 105 8.90 38.79 -7.26
C THR C 105 8.56 38.61 -8.73
N THR C 106 7.36 38.10 -8.99
CA THR C 106 6.88 37.92 -10.35
C THR C 106 5.39 38.17 -10.40
N SER C 107 4.76 37.87 -11.54
CA SER C 107 3.32 37.93 -11.73
C SER C 107 2.78 36.51 -11.78
N ALA C 108 1.97 36.15 -10.79
CA ALA C 108 1.43 34.80 -10.68
C ALA C 108 0.04 34.67 -11.31
N VAL C 109 -0.34 35.61 -12.17
CA VAL C 109 -1.61 35.50 -12.88
C VAL C 109 -1.66 34.23 -13.74
N HIS C 110 -0.52 33.77 -14.21
CA HIS C 110 -0.51 32.53 -14.99
C HIS C 110 -0.96 31.32 -14.16
N TYR C 111 -0.61 31.29 -12.87
CA TYR C 111 -0.84 30.07 -12.09
C TYR C 111 -2.30 29.67 -11.97
N PRO C 112 -3.25 30.58 -11.76
CA PRO C 112 -4.66 30.16 -11.81
C PRO C 112 -5.01 29.45 -13.11
N LYS C 113 -4.50 29.95 -14.23
CA LYS C 113 -4.72 29.27 -15.50
C LYS C 113 -4.05 27.90 -15.49
N ILE C 114 -2.84 27.80 -14.95
CA ILE C 114 -2.12 26.54 -14.93
C ILE C 114 -2.85 25.51 -14.08
N TYR C 115 -3.11 25.85 -12.83
CA TYR C 115 -3.79 24.96 -11.89
C TYR C 115 -5.29 25.21 -11.92
N LYS C 116 -5.87 25.01 -13.11
CA LYS C 116 -7.28 25.31 -13.30
C LYS C 116 -8.17 24.39 -12.46
N THR C 117 -7.84 23.09 -12.42
CA THR C 117 -8.70 22.14 -11.72
C THR C 117 -8.85 22.49 -10.25
N TYR C 118 -7.73 22.85 -9.61
CA TYR C 118 -7.78 23.10 -8.19
C TYR C 118 -8.64 24.33 -7.89
N PHE C 119 -8.55 25.35 -8.74
CA PHE C 119 -9.35 26.55 -8.53
C PHE C 119 -10.83 26.30 -8.84
N GLU C 120 -11.17 25.40 -9.77
CA GLU C 120 -12.59 25.08 -9.89
C GLU C 120 -13.07 24.34 -8.65
N LYS C 121 -12.23 23.45 -8.10
CA LYS C 121 -12.61 22.80 -6.85
C LYS C 121 -12.87 23.83 -5.74
N VAL C 122 -11.96 24.81 -5.60
CA VAL C 122 -12.11 25.82 -4.57
C VAL C 122 -13.37 26.64 -4.80
N GLU C 123 -13.64 27.02 -6.05
CA GLU C 123 -14.80 27.85 -6.33
C GLU C 123 -16.09 27.06 -6.10
N ARG C 124 -16.09 25.78 -6.45
CA ARG C 124 -17.27 24.95 -6.20
C ARG C 124 -17.55 24.82 -4.71
N LEU C 125 -16.49 24.64 -3.92
CA LEU C 125 -16.70 24.53 -2.47
C LEU C 125 -17.17 25.84 -1.87
N LYS C 126 -16.56 26.96 -2.28
CA LYS C 126 -16.90 28.25 -1.68
C LYS C 126 -18.38 28.59 -1.88
N HIS C 127 -18.97 28.17 -2.99
CA HIS C 127 -20.36 28.48 -3.31
C HIS C 127 -21.33 27.35 -2.98
N GLY C 128 -20.86 26.26 -2.37
CA GLY C 128 -21.74 25.17 -2.05
C GLY C 128 -22.68 25.50 -0.90
N THR C 129 -23.79 24.76 -0.85
CA THR C 129 -24.86 25.03 0.11
C THR C 129 -25.13 23.76 0.91
N PHE C 130 -24.80 23.81 2.20
CA PHE C 130 -25.03 22.68 3.09
C PHE C 130 -26.48 22.65 3.55
N GLY C 131 -26.85 21.55 4.21
CA GLY C 131 -28.17 21.44 4.79
C GLY C 131 -28.24 20.46 5.94
N PRO C 132 -29.46 20.04 6.31
CA PRO C 132 -29.64 19.21 7.51
C PRO C 132 -28.81 17.94 7.47
N VAL C 133 -28.28 17.57 8.63
CA VAL C 133 -27.63 16.28 8.82
C VAL C 133 -28.70 15.25 9.15
N HIS C 134 -28.74 14.16 8.38
CA HIS C 134 -29.78 13.15 8.51
C HIS C 134 -29.12 11.87 9.00
N PHE C 135 -29.29 11.57 10.30
CA PHE C 135 -28.75 10.33 10.85
C PHE C 135 -29.65 9.17 10.49
N ARG C 136 -29.10 8.20 9.76
CA ARG C 136 -29.87 7.07 9.25
C ARG C 136 -28.88 6.05 8.68
N ASN C 137 -29.29 4.79 8.68
CA ASN C 137 -28.41 3.72 8.23
C ASN C 137 -27.97 3.99 6.81
N GLN C 138 -26.65 3.97 6.59
CA GLN C 138 -26.06 4.29 5.30
C GLN C 138 -25.71 2.98 4.60
N VAL C 139 -26.46 2.69 3.53
CA VAL C 139 -26.21 1.52 2.69
C VAL C 139 -25.22 1.96 1.61
N LYS C 140 -23.94 1.69 1.85
CA LYS C 140 -22.87 2.11 0.96
C LYS C 140 -22.58 1.01 -0.05
N ILE C 141 -22.71 1.32 -1.34
CA ILE C 141 -22.53 0.33 -2.41
C ILE C 141 -21.21 0.61 -3.10
N ARG C 142 -20.31 -0.37 -3.11
CA ARG C 142 -19.06 -0.18 -3.83
C ARG C 142 -19.32 -0.10 -5.32
N ARG C 143 -18.80 0.95 -5.97
CA ARG C 143 -19.12 1.19 -7.37
C ARG C 143 -17.97 1.96 -8.01
N ARG C 144 -17.82 1.80 -9.32
CA ARG C 144 -16.80 2.51 -10.09
C ARG C 144 -17.26 3.92 -10.41
N VAL C 145 -16.60 4.92 -9.83
CA VAL C 145 -17.01 6.30 -9.99
C VAL C 145 -15.81 7.11 -10.47
N ASP C 146 -16.05 7.99 -11.44
CA ASP C 146 -15.00 8.86 -11.94
C ASP C 146 -14.65 9.92 -10.90
N ILE C 147 -13.35 10.11 -10.67
CA ILE C 147 -12.91 11.02 -9.62
C ILE C 147 -12.63 12.41 -10.18
N ASN C 148 -11.94 12.50 -11.31
CA ASN C 148 -11.60 13.80 -11.85
C ASN C 148 -12.87 14.48 -12.33
N PRO C 149 -13.22 15.66 -11.83
CA PRO C 149 -14.51 16.28 -12.19
C PRO C 149 -14.45 17.25 -13.36
N GLY C 150 -13.28 17.51 -13.93
CA GLY C 150 -13.19 18.34 -15.12
C GLY C 150 -12.57 17.56 -16.26
N HIS C 151 -12.42 16.24 -16.05
CA HIS C 151 -11.83 15.38 -17.05
C HIS C 151 -12.56 15.53 -18.38
N ALA C 152 -11.79 15.75 -19.44
CA ALA C 152 -12.37 15.85 -20.77
C ALA C 152 -12.60 14.49 -21.39
N ASP C 153 -12.70 13.45 -20.56
CA ASP C 153 -13.03 12.11 -21.02
C ASP C 153 -12.08 11.63 -22.12
N LEU C 154 -10.80 11.77 -21.87
CA LEU C 154 -9.76 11.27 -22.77
C LEU C 154 -8.81 10.38 -21.99
N SER C 155 -8.47 9.24 -22.56
CA SER C 155 -7.55 8.31 -21.90
C SER C 155 -6.15 8.91 -21.87
N ALA C 156 -5.28 8.29 -21.07
CA ALA C 156 -3.92 8.81 -20.91
C ALA C 156 -3.20 8.89 -22.25
N LYS C 157 -3.25 7.80 -23.03
CA LYS C 157 -2.65 7.84 -24.35
C LYS C 157 -3.43 8.77 -25.28
N GLU C 158 -4.75 8.75 -25.17
CA GLU C 158 -5.57 9.56 -26.06
C GLU C 158 -5.30 11.04 -25.85
N ALA C 159 -5.13 11.47 -24.60
CA ALA C 159 -4.92 12.88 -24.30
C ALA C 159 -3.46 13.29 -24.28
N GLN C 160 -2.52 12.34 -24.23
CA GLN C 160 -1.12 12.76 -24.31
C GLN C 160 -0.77 13.30 -25.69
N ASP C 161 -1.51 12.89 -26.73
CA ASP C 161 -1.23 13.41 -28.05
C ASP C 161 -1.78 14.81 -28.22
N VAL C 162 -2.91 15.10 -27.57
CA VAL C 162 -3.42 16.47 -27.55
C VAL C 162 -2.48 17.36 -26.76
N ILE C 163 -1.99 16.88 -25.62
CA ILE C 163 -1.02 17.65 -24.84
C ILE C 163 0.22 17.94 -25.67
N MET C 164 0.72 16.95 -26.41
CA MET C 164 1.91 17.18 -27.22
C MET C 164 1.62 18.16 -28.34
N GLU C 165 0.47 18.03 -29.00
CA GLU C 165 0.16 18.93 -30.11
C GLU C 165 -0.02 20.36 -29.60
N VAL C 166 -0.54 20.53 -28.39
CA VAL C 166 -0.67 21.87 -27.82
C VAL C 166 0.69 22.44 -27.49
N VAL C 167 1.48 21.71 -26.70
CA VAL C 167 2.74 22.25 -26.19
C VAL C 167 3.91 21.98 -27.13
N PHE C 168 3.97 20.77 -27.70
CA PHE C 168 5.09 20.33 -28.52
C PHE C 168 4.57 19.94 -29.89
N PRO C 169 4.27 20.92 -30.75
CA PRO C 169 3.55 20.61 -32.00
C PRO C 169 4.41 19.90 -33.03
N ASN C 170 5.73 19.94 -32.90
CA ASN C 170 6.63 19.31 -33.85
C ASN C 170 7.01 17.89 -33.46
N GLU C 171 6.79 17.50 -32.20
CA GLU C 171 7.17 16.18 -31.71
C GLU C 171 5.98 15.24 -31.58
N VAL C 172 4.95 15.41 -32.42
CA VAL C 172 3.75 14.61 -32.28
C VAL C 172 3.91 13.26 -32.98
N GLY C 173 4.66 13.22 -34.07
CA GLY C 173 4.93 11.97 -34.77
C GLY C 173 3.93 11.69 -35.87
N ALA C 174 3.57 10.42 -36.05
CA ALA C 174 2.62 10.04 -37.09
C ALA C 174 1.18 10.19 -36.64
N ARG C 175 0.92 10.31 -35.33
CA ARG C 175 -0.43 10.38 -34.81
C ARG C 175 -1.18 11.57 -35.39
N ILE C 176 -2.16 11.30 -36.26
CA ILE C 176 -3.03 12.33 -36.80
C ILE C 176 -4.29 12.39 -35.95
N LEU C 177 -4.63 13.61 -35.50
CA LEU C 177 -5.77 13.83 -34.62
C LEU C 177 -7.03 13.87 -35.47
N THR C 178 -7.65 12.71 -35.67
CA THR C 178 -8.83 12.65 -36.53
C THR C 178 -9.99 13.42 -35.91
N SER C 179 -10.26 13.20 -34.63
CA SER C 179 -11.53 13.61 -34.04
C SER C 179 -11.64 15.13 -34.00
N GLU C 180 -12.84 15.64 -34.30
CA GLU C 180 -13.09 17.07 -34.24
C GLU C 180 -12.97 17.58 -32.82
N SER C 181 -13.41 16.79 -31.85
CA SER C 181 -13.32 17.20 -30.45
C SER C 181 -11.88 17.47 -30.08
N GLN C 182 -10.96 16.60 -30.54
CA GLN C 182 -9.56 16.81 -30.24
C GLN C 182 -9.04 18.09 -30.86
N LEU C 183 -9.47 18.43 -32.08
CA LEU C 183 -8.95 19.64 -32.71
C LEU C 183 -9.49 20.90 -32.03
N THR C 184 -10.75 20.90 -31.61
CA THR C 184 -11.26 22.04 -30.88
C THR C 184 -10.56 22.16 -29.52
N ILE C 185 -10.43 21.04 -28.81
CA ILE C 185 -9.73 21.04 -27.54
C ILE C 185 -8.32 21.57 -27.72
N THR C 186 -7.65 21.18 -28.80
CA THR C 186 -6.29 21.64 -29.05
C THR C 186 -6.25 23.15 -29.22
N LYS C 187 -7.06 23.68 -30.15
CA LYS C 187 -7.02 25.13 -30.38
C LYS C 187 -7.33 25.89 -29.09
N GLU C 188 -8.39 25.47 -28.38
CA GLU C 188 -8.80 26.23 -27.21
C GLU C 188 -7.72 26.17 -26.15
N LYS C 189 -7.13 25.00 -25.91
CA LYS C 189 -6.10 24.92 -24.88
C LYS C 189 -4.86 25.68 -25.31
N LYS C 190 -4.55 25.68 -26.60
CA LYS C 190 -3.38 26.40 -27.09
C LYS C 190 -3.50 27.87 -26.75
N GLU C 191 -4.72 28.42 -26.88
CA GLU C 191 -4.90 29.86 -26.70
C GLU C 191 -4.56 30.33 -25.28
N GLU C 192 -5.00 29.61 -24.24
CA GLU C 192 -4.77 30.10 -22.88
C GLU C 192 -3.28 30.12 -22.53
N LEU C 193 -2.52 29.15 -23.03
CA LEU C 193 -1.14 28.95 -22.62
C LEU C 193 -0.15 29.57 -23.61
N GLN C 194 -0.55 30.66 -24.26
CA GLN C 194 0.27 31.24 -25.31
C GLN C 194 1.63 31.65 -24.77
N ASP C 195 1.67 32.26 -23.58
CA ASP C 195 2.91 32.82 -23.04
C ASP C 195 3.27 32.24 -21.67
N CYS C 196 2.65 31.15 -21.24
CA CYS C 196 2.90 30.64 -19.90
C CYS C 196 4.39 30.33 -19.72
N LYS C 197 4.97 30.83 -18.63
CA LYS C 197 6.40 30.71 -18.33
C LYS C 197 6.69 29.92 -17.06
N ILE C 198 5.82 29.00 -16.67
CA ILE C 198 6.09 28.23 -15.46
C ILE C 198 7.08 27.11 -15.74
N SER C 199 6.63 26.07 -16.43
CA SER C 199 7.52 25.00 -16.89
C SER C 199 6.75 24.11 -17.86
N PRO C 200 7.32 23.75 -19.01
CA PRO C 200 6.58 22.87 -19.92
C PRO C 200 6.33 21.48 -19.36
N LEU C 201 7.16 21.00 -18.43
CA LEU C 201 6.88 19.73 -17.79
C LEU C 201 5.66 19.82 -16.89
N MET C 202 5.50 20.94 -16.17
CA MET C 202 4.35 21.07 -15.29
C MET C 202 3.12 21.57 -16.03
N VAL C 203 3.31 22.30 -17.13
CA VAL C 203 2.19 22.61 -18.00
C VAL C 203 1.63 21.32 -18.58
N ALA C 204 2.52 20.44 -19.06
CA ALA C 204 2.07 19.16 -19.59
C ALA C 204 1.41 18.30 -18.51
N TYR C 205 1.97 18.29 -17.29
CA TYR C 205 1.35 17.52 -16.22
C TYR C 205 -0.04 18.07 -15.86
N MET C 206 -0.19 19.40 -15.84
CA MET C 206 -1.50 19.98 -15.57
C MET C 206 -2.48 19.61 -16.65
N LEU C 207 -2.08 19.73 -17.91
CA LEU C 207 -3.00 19.41 -19.00
C LEU C 207 -3.36 17.93 -18.95
N GLU C 208 -2.41 17.07 -18.59
CA GLU C 208 -2.71 15.66 -18.41
C GLU C 208 -3.79 15.46 -17.35
N ARG C 209 -3.61 16.08 -16.18
CA ARG C 209 -4.58 15.88 -15.10
C ARG C 209 -5.95 16.41 -15.50
N GLU C 210 -6.00 17.59 -16.11
CA GLU C 210 -7.28 18.18 -16.51
C GLU C 210 -7.98 17.36 -17.58
N LEU C 211 -7.22 16.83 -18.54
CA LEU C 211 -7.81 16.20 -19.72
C LEU C 211 -7.93 14.69 -19.62
N VAL C 212 -7.19 14.03 -18.74
CA VAL C 212 -7.16 12.58 -18.68
C VAL C 212 -8.25 12.11 -17.74
N ARG C 213 -9.04 11.15 -18.18
CA ARG C 213 -10.10 10.60 -17.36
C ARG C 213 -9.52 9.61 -16.35
N LYS C 214 -10.24 9.42 -15.25
CA LYS C 214 -9.75 8.62 -14.14
C LYS C 214 -10.95 8.08 -13.39
N THR C 215 -10.91 6.79 -13.06
CA THR C 215 -12.01 6.12 -12.40
C THR C 215 -11.48 5.35 -11.21
N ARG C 216 -12.30 5.25 -10.16
CA ARG C 216 -11.85 4.60 -8.95
C ARG C 216 -13.04 3.99 -8.23
N PHE C 217 -12.90 2.72 -7.87
CA PHE C 217 -13.87 2.03 -7.03
C PHE C 217 -14.02 2.74 -5.69
N LEU C 218 -15.26 3.06 -5.31
CA LEU C 218 -15.55 3.78 -4.07
C LEU C 218 -16.90 3.36 -3.54
N PRO C 219 -17.03 3.21 -2.22
CA PRO C 219 -18.36 2.98 -1.62
C PRO C 219 -19.18 4.26 -1.71
N VAL C 220 -20.31 4.20 -2.39
CA VAL C 220 -21.11 5.36 -2.73
C VAL C 220 -22.54 5.11 -2.29
N ALA C 221 -23.13 6.14 -1.66
CA ALA C 221 -24.57 6.23 -1.45
C ALA C 221 -25.01 7.61 -1.90
N GLY C 222 -26.27 7.72 -2.29
CA GLY C 222 -26.78 8.98 -2.78
C GLY C 222 -26.31 9.22 -4.20
N GLY C 223 -25.73 10.39 -4.46
CA GLY C 223 -25.47 10.80 -5.82
C GLY C 223 -24.19 10.20 -6.37
N THR C 224 -24.21 9.94 -7.69
CA THR C 224 -23.12 9.27 -8.38
C THR C 224 -22.37 10.19 -9.33
N SER C 225 -22.88 11.38 -9.62
CA SER C 225 -22.23 12.30 -10.54
C SER C 225 -20.79 12.60 -10.09
N SER C 226 -20.05 13.24 -10.99
CA SER C 226 -18.63 13.49 -10.72
C SER C 226 -18.43 14.63 -9.74
N VAL C 227 -19.28 15.67 -9.81
CA VAL C 227 -19.20 16.76 -8.84
C VAL C 227 -19.62 16.29 -7.45
N TYR C 228 -20.37 15.19 -7.35
CA TYR C 228 -20.83 14.68 -6.07
C TYR C 228 -19.88 13.66 -5.45
N ILE C 229 -18.86 13.21 -6.16
CA ILE C 229 -17.91 12.25 -5.60
C ILE C 229 -16.64 12.89 -5.05
N GLU C 230 -16.29 14.10 -5.49
CA GLU C 230 -15.12 14.77 -4.93
C GLU C 230 -15.33 15.19 -3.49
N VAL C 231 -16.57 15.19 -3.01
CA VAL C 231 -16.88 15.62 -1.65
C VAL C 231 -17.46 14.42 -0.89
N LEU C 232 -17.12 13.21 -1.33
CA LEU C 232 -17.66 12.02 -0.70
C LEU C 232 -17.20 11.87 0.74
N HIS C 233 -16.09 12.49 1.12
CA HIS C 233 -15.71 12.52 2.53
C HIS C 233 -16.60 13.43 3.37
N LEU C 234 -17.39 14.29 2.73
CA LEU C 234 -18.19 15.29 3.42
C LEU C 234 -19.69 15.06 3.32
N THR C 235 -20.17 14.40 2.27
CA THR C 235 -21.60 14.21 2.10
C THR C 235 -22.12 12.91 2.66
N GLN C 236 -21.28 11.89 2.79
CA GLN C 236 -21.73 10.56 3.17
C GLN C 236 -20.81 9.95 4.21
N GLY C 237 -21.40 9.30 5.20
CA GLY C 237 -20.67 8.62 6.26
C GLY C 237 -21.24 7.24 6.52
N THR C 238 -21.02 6.73 7.73
CA THR C 238 -21.57 5.42 8.10
C THR C 238 -22.95 5.52 8.72
N CYS C 239 -23.27 6.62 9.39
CA CYS C 239 -24.56 6.79 10.03
C CYS C 239 -25.25 8.10 9.68
N TRP C 240 -24.62 8.95 8.87
CA TRP C 240 -25.11 10.31 8.64
C TRP C 240 -25.00 10.65 7.16
N GLU C 241 -26.04 11.33 6.65
CA GLU C 241 -26.01 11.93 5.33
C GLU C 241 -25.97 13.44 5.48
N GLN C 242 -25.21 14.09 4.59
CA GLN C 242 -25.09 15.54 4.53
C GLN C 242 -25.60 16.03 3.18
N MET C 243 -26.73 16.71 3.19
CA MET C 243 -27.25 17.29 1.95
C MET C 243 -26.31 18.39 1.48
N TYR C 244 -26.02 18.40 0.19
CA TYR C 244 -25.07 19.37 -0.36
C TYR C 244 -25.32 19.52 -1.85
N THR C 245 -25.15 20.74 -2.34
CA THR C 245 -25.33 21.06 -3.74
C THR C 245 -24.04 21.64 -4.29
N PRO C 246 -23.41 21.04 -5.31
CA PRO C 246 -22.24 21.69 -5.91
C PRO C 246 -22.58 23.07 -6.45
N GLY C 247 -21.66 24.01 -6.26
CA GLY C 247 -21.85 25.33 -6.81
C GLY C 247 -21.78 25.38 -8.32
N GLY C 248 -21.25 24.32 -8.95
CA GLY C 248 -21.01 24.32 -10.37
C GLY C 248 -21.25 22.96 -10.97
N GLU C 249 -21.28 22.92 -12.30
CA GLU C 249 -21.46 21.71 -13.07
C GLU C 249 -20.37 21.64 -14.13
N VAL C 250 -20.12 20.44 -14.64
CA VAL C 250 -19.00 20.25 -15.56
C VAL C 250 -19.50 19.73 -16.90
N ARG C 251 -18.73 20.04 -17.94
CA ARG C 251 -19.07 19.67 -19.30
C ARG C 251 -19.19 18.16 -19.49
N ASN C 252 -18.41 17.38 -18.76
CA ASN C 252 -18.48 15.92 -18.91
C ASN C 252 -19.80 15.33 -18.44
N ASP C 253 -20.35 15.83 -17.33
CA ASP C 253 -21.67 15.36 -16.92
C ASP C 253 -22.71 15.68 -17.98
N ASP C 254 -22.65 16.90 -18.51
CA ASP C 254 -23.62 17.27 -19.54
C ASP C 254 -23.37 16.48 -20.81
N VAL C 255 -22.09 16.29 -21.17
CA VAL C 255 -21.79 15.59 -22.42
C VAL C 255 -22.33 14.17 -22.32
N ASP C 256 -22.25 13.58 -21.14
CA ASP C 256 -22.65 12.18 -20.97
C ASP C 256 -24.16 12.08 -21.01
N GLN C 257 -24.85 12.95 -20.26
CA GLN C 257 -26.30 12.79 -20.16
C GLN C 257 -26.95 13.16 -21.50
N SER C 258 -26.31 14.03 -22.27
CA SER C 258 -26.86 14.45 -23.54
C SER C 258 -26.57 13.40 -24.61
N LEU C 259 -25.40 12.77 -24.55
CA LEU C 259 -25.13 11.65 -25.45
C LEU C 259 -26.11 10.53 -25.20
N ILE C 260 -26.40 10.25 -23.92
CA ILE C 260 -27.34 9.18 -23.59
C ILE C 260 -28.72 9.49 -24.16
N ILE C 261 -29.21 10.73 -23.94
CA ILE C 261 -30.52 11.09 -24.46
C ILE C 261 -30.55 11.00 -25.98
N ALA C 262 -29.54 11.58 -26.64
CA ALA C 262 -29.49 11.54 -28.10
C ALA C 262 -29.52 10.11 -28.62
N ALA C 263 -28.73 9.22 -28.03
CA ALA C 263 -28.67 7.85 -28.54
C ALA C 263 -29.98 7.12 -28.27
N ARG C 264 -30.61 7.39 -27.12
CA ARG C 264 -31.92 6.80 -26.84
C ARG C 264 -32.95 7.22 -27.87
N ASN C 265 -33.07 8.53 -28.12
CA ASN C 265 -34.00 9.02 -29.14
C ASN C 265 -33.71 8.40 -30.50
N ILE C 266 -32.43 8.36 -30.88
CA ILE C 266 -32.06 7.80 -32.18
C ILE C 266 -32.51 6.36 -32.30
N VAL C 267 -32.25 5.56 -31.25
CA VAL C 267 -32.62 4.15 -31.30
C VAL C 267 -34.14 4.01 -31.32
N ARG C 268 -34.84 4.86 -30.56
CA ARG C 268 -36.30 4.79 -30.52
C ARG C 268 -36.88 5.01 -31.90
N ARG C 269 -36.39 6.03 -32.63
CA ARG C 269 -36.83 6.18 -34.01
C ARG C 269 -36.44 4.97 -34.84
N ALA C 270 -35.16 4.58 -34.79
CA ALA C 270 -34.65 3.59 -35.72
C ALA C 270 -35.40 2.26 -35.61
N THR C 271 -35.95 1.97 -34.43
CA THR C 271 -36.64 0.70 -34.26
C THR C 271 -37.86 0.58 -35.16
N VAL C 272 -38.63 1.67 -35.30
CA VAL C 272 -39.84 1.63 -36.11
C VAL C 272 -39.58 1.77 -37.60
N SER C 273 -38.35 2.10 -38.01
CA SER C 273 -38.05 2.25 -39.42
C SER C 273 -38.02 0.89 -40.13
N ALA C 274 -37.80 0.94 -41.44
CA ALA C 274 -37.72 -0.28 -42.23
C ALA C 274 -36.35 -0.95 -42.09
N ASP C 275 -35.29 -0.18 -42.25
CA ASP C 275 -33.92 -0.63 -42.02
C ASP C 275 -33.38 0.13 -40.81
N PRO C 276 -33.49 -0.42 -39.60
CA PRO C 276 -33.05 0.36 -38.42
C PRO C 276 -31.58 0.76 -38.46
N LEU C 277 -30.71 -0.11 -38.98
CA LEU C 277 -29.28 0.18 -38.89
C LEU C 277 -28.89 1.32 -39.81
N ALA C 278 -29.40 1.32 -41.05
CA ALA C 278 -29.11 2.41 -41.98
C ALA C 278 -29.61 3.74 -41.44
N SER C 279 -30.87 3.77 -40.97
CA SER C 279 -31.41 4.98 -40.37
C SER C 279 -30.57 5.44 -39.19
N LEU C 280 -30.16 4.49 -38.34
CA LEU C 280 -29.36 4.84 -37.17
C LEU C 280 -28.06 5.49 -37.58
N LEU C 281 -27.37 4.92 -38.58
CA LEU C 281 -26.11 5.48 -39.04
C LEU C 281 -26.30 6.86 -39.63
N GLU C 282 -27.31 7.02 -40.48
CA GLU C 282 -27.57 8.32 -41.10
C GLU C 282 -27.88 9.37 -40.04
N MET C 283 -28.62 8.99 -39.00
CA MET C 283 -28.94 9.92 -37.93
C MET C 283 -27.70 10.26 -37.11
N CYS C 284 -26.83 9.27 -36.88
CA CYS C 284 -25.62 9.52 -36.11
C CYS C 284 -24.64 10.41 -36.87
N HIS C 285 -24.63 10.34 -38.20
CA HIS C 285 -23.77 11.23 -38.97
C HIS C 285 -24.28 12.67 -38.97
N SER C 286 -25.58 12.84 -39.19
CA SER C 286 -26.20 14.15 -39.33
C SER C 286 -26.46 14.88 -38.01
N THR C 287 -25.94 14.39 -36.89
CA THR C 287 -26.21 14.97 -35.59
C THR C 287 -24.92 15.37 -34.89
N GLN C 288 -25.02 16.38 -34.02
CA GLN C 288 -23.89 16.85 -33.24
C GLN C 288 -24.41 17.38 -31.91
N ILE C 289 -23.49 17.49 -30.94
CA ILE C 289 -23.84 17.78 -29.56
C ILE C 289 -22.92 18.90 -29.08
N GLY C 290 -23.50 20.03 -28.71
CA GLY C 290 -22.70 21.17 -28.27
C GLY C 290 -21.70 21.65 -29.29
N GLY C 291 -21.99 21.50 -30.57
CA GLY C 291 -21.06 21.83 -31.64
C GLY C 291 -20.19 20.67 -32.07
N ILE C 292 -19.57 19.99 -31.11
CA ILE C 292 -18.77 18.82 -31.42
C ILE C 292 -19.69 17.71 -31.92
N ARG C 293 -19.24 16.98 -32.93
CA ARG C 293 -20.08 15.92 -33.45
C ARG C 293 -20.22 14.81 -32.40
N MET C 294 -21.17 13.91 -32.61
CA MET C 294 -21.44 12.89 -31.60
C MET C 294 -20.54 11.68 -31.80
N VAL C 295 -20.20 11.34 -33.05
CA VAL C 295 -19.34 10.19 -33.32
C VAL C 295 -18.00 10.37 -32.62
N ASP C 296 -17.51 11.60 -32.51
CA ASP C 296 -16.25 11.83 -31.81
C ASP C 296 -16.40 11.40 -30.36
N ILE C 297 -17.49 11.81 -29.71
CA ILE C 297 -17.75 11.40 -28.35
C ILE C 297 -17.93 9.89 -28.28
N LEU C 298 -18.53 9.29 -29.31
CA LEU C 298 -18.81 7.86 -29.29
C LEU C 298 -17.54 7.04 -29.37
N ARG C 299 -16.53 7.55 -30.06
CA ARG C 299 -15.24 6.86 -30.11
C ARG C 299 -14.40 7.22 -28.90
N GLN C 300 -14.62 8.42 -28.37
CA GLN C 300 -13.88 9.02 -27.27
C GLN C 300 -14.46 8.65 -25.92
N ASN C 301 -15.79 8.58 -25.81
CA ASN C 301 -16.46 8.50 -24.53
C ASN C 301 -16.73 7.05 -24.15
N PRO C 302 -16.23 6.58 -23.01
CA PRO C 302 -16.70 5.30 -22.46
C PRO C 302 -17.94 5.52 -21.60
N THR C 303 -19.07 4.95 -21.98
CA THR C 303 -20.31 5.14 -21.24
C THR C 303 -21.10 3.85 -21.21
N GLU C 304 -21.70 3.56 -20.07
CA GLU C 304 -22.43 2.32 -19.84
C GLU C 304 -23.92 2.61 -20.00
N GLU C 305 -24.49 2.17 -21.11
CA GLU C 305 -25.92 2.27 -21.34
C GLU C 305 -26.24 1.52 -22.63
N GLN C 306 -27.45 0.96 -22.69
CA GLN C 306 -27.77 0.05 -23.77
C GLN C 306 -27.76 0.76 -25.11
N ALA C 307 -28.37 1.95 -25.16
CA ALA C 307 -28.46 2.67 -26.42
C ALA C 307 -27.10 3.16 -26.88
N VAL C 308 -26.29 3.70 -25.96
CA VAL C 308 -24.92 4.07 -26.30
C VAL C 308 -24.14 2.87 -26.81
N ASP C 309 -24.35 1.70 -26.19
CA ASP C 309 -23.64 0.51 -26.64
C ASP C 309 -24.08 0.09 -28.04
N ILE C 310 -25.38 0.17 -28.31
CA ILE C 310 -25.87 -0.16 -29.65
C ILE C 310 -25.30 0.80 -30.68
N CYS C 311 -25.31 2.10 -30.35
CA CYS C 311 -24.73 3.09 -31.25
C CYS C 311 -23.27 2.79 -31.53
N LYS C 312 -22.49 2.54 -30.48
CA LYS C 312 -21.06 2.27 -30.66
C LYS C 312 -20.85 1.04 -31.53
N ALA C 313 -21.57 -0.04 -31.24
CA ALA C 313 -21.38 -1.26 -32.03
C ALA C 313 -21.81 -1.05 -33.48
N ALA C 314 -22.85 -0.27 -33.71
CA ALA C 314 -23.26 0.03 -35.08
C ALA C 314 -22.22 0.86 -35.81
N MET C 315 -21.50 1.72 -35.09
CA MET C 315 -20.34 2.41 -35.65
C MET C 315 -19.09 1.54 -35.61
N GLY C 316 -19.22 0.26 -35.26
CA GLY C 316 -18.09 -0.63 -35.16
C GLY C 316 -17.11 -0.22 -34.07
N LEU C 317 -17.60 -0.09 -32.85
CA LEU C 317 -16.79 0.28 -31.69
C LEU C 317 -16.91 -0.81 -30.64
N ARG C 318 -16.04 -0.74 -29.63
CA ARG C 318 -16.00 -1.79 -28.64
C ARG C 318 -17.07 -1.56 -27.57
N ILE C 319 -17.64 -2.65 -27.05
CA ILE C 319 -18.75 -2.54 -26.09
C ILE C 319 -18.47 -3.24 -24.77
N SER C 320 -19.50 -3.29 -23.92
CA SER C 320 -19.45 -3.81 -22.56
C SER C 320 -19.33 -5.33 -22.48
N SER C 321 -18.86 -5.78 -21.31
CA SER C 321 -18.38 -7.14 -21.11
C SER C 321 -19.48 -8.19 -21.27
N SER C 322 -20.68 -7.91 -20.75
CA SER C 322 -21.73 -8.92 -20.69
C SER C 322 -23.06 -8.31 -21.09
N PHE C 323 -24.09 -9.15 -21.12
CA PHE C 323 -25.34 -8.74 -21.77
C PHE C 323 -26.20 -7.82 -20.92
N SER C 324 -27.24 -7.30 -21.57
CA SER C 324 -28.35 -6.60 -20.96
C SER C 324 -29.64 -7.42 -21.09
N PHE C 325 -30.56 -7.19 -20.16
CA PHE C 325 -31.87 -7.84 -20.18
C PHE C 325 -32.82 -7.05 -19.30
N GLY C 326 -33.94 -6.62 -19.89
CA GLY C 326 -34.95 -5.88 -19.13
C GLY C 326 -34.45 -4.61 -18.51
N GLY C 327 -33.52 -3.92 -19.17
CA GLY C 327 -32.95 -2.70 -18.64
C GLY C 327 -31.88 -2.92 -17.61
N PHE C 328 -31.63 -4.17 -17.21
CA PHE C 328 -30.60 -4.51 -16.25
C PHE C 328 -29.39 -5.08 -16.98
N THR C 329 -28.23 -4.99 -16.33
CA THR C 329 -26.96 -5.37 -16.96
C THR C 329 -26.45 -6.62 -16.27
N PHE C 330 -26.48 -7.74 -16.99
CA PHE C 330 -26.14 -9.04 -16.43
C PHE C 330 -24.70 -9.37 -16.82
N LYS C 331 -23.93 -9.85 -15.84
CA LYS C 331 -22.59 -10.39 -16.05
C LYS C 331 -22.52 -11.79 -15.44
N ARG C 332 -22.37 -12.80 -16.29
CA ARG C 332 -22.16 -14.16 -15.80
C ARG C 332 -20.88 -14.25 -15.00
N THR C 333 -20.87 -15.12 -13.99
CA THR C 333 -19.68 -15.30 -13.16
C THR C 333 -19.33 -16.75 -12.88
N SER C 334 -20.08 -17.72 -13.42
CA SER C 334 -19.76 -19.12 -13.18
C SER C 334 -20.58 -19.98 -14.14
N GLY C 335 -19.93 -20.98 -14.71
CA GLY C 335 -20.62 -22.05 -15.41
C GLY C 335 -20.67 -21.82 -16.91
N SER C 336 -20.96 -22.90 -17.63
CA SER C 336 -21.15 -22.86 -19.06
C SER C 336 -22.65 -22.91 -19.38
N SER C 337 -22.97 -22.95 -20.67
CA SER C 337 -24.36 -22.94 -21.10
C SER C 337 -24.42 -23.21 -22.59
N VAL C 338 -25.50 -23.86 -23.01
CA VAL C 338 -25.77 -24.13 -24.42
C VAL C 338 -27.26 -24.00 -24.65
N LYS C 339 -27.63 -23.42 -25.78
CA LYS C 339 -29.04 -23.29 -26.15
C LYS C 339 -29.55 -24.60 -26.76
N ARG C 340 -30.88 -24.71 -26.81
CA ARG C 340 -31.53 -25.97 -27.14
C ARG C 340 -32.60 -25.87 -28.21
N GLU C 341 -33.17 -24.68 -28.46
CA GLU C 341 -34.12 -24.48 -29.56
C GLU C 341 -35.35 -25.37 -29.37
N GLU C 342 -36.08 -25.10 -28.28
CA GLU C 342 -37.15 -25.96 -27.82
C GLU C 342 -38.49 -25.21 -27.89
N GLU C 343 -39.55 -25.93 -27.55
CA GLU C 343 -40.92 -25.49 -27.77
C GLU C 343 -41.73 -25.77 -26.50
N VAL C 344 -42.71 -24.91 -26.21
CA VAL C 344 -43.54 -25.07 -25.02
C VAL C 344 -44.84 -24.30 -25.23
N LEU C 345 -45.74 -24.39 -24.26
CA LEU C 345 -47.06 -23.79 -24.29
C LEU C 345 -47.18 -22.82 -23.12
N THR C 346 -48.25 -22.02 -23.14
CA THR C 346 -48.49 -21.02 -22.12
C THR C 346 -49.73 -21.39 -21.31
N GLY C 347 -50.09 -20.51 -20.37
CA GLY C 347 -51.35 -20.67 -19.67
C GLY C 347 -52.55 -20.29 -20.51
N ASN C 348 -52.38 -19.32 -21.41
CA ASN C 348 -53.39 -18.96 -22.39
C ASN C 348 -53.31 -19.84 -23.64
N LEU C 349 -52.59 -20.97 -23.56
CA LEU C 349 -52.55 -22.03 -24.56
C LEU C 349 -51.79 -21.62 -25.82
N GLN C 350 -51.22 -20.42 -25.87
CA GLN C 350 -50.42 -20.03 -27.03
C GLN C 350 -49.10 -20.79 -27.03
N THR C 351 -48.75 -21.33 -28.19
CA THR C 351 -47.52 -22.10 -28.36
C THR C 351 -46.37 -21.17 -28.72
N LEU C 352 -45.16 -21.52 -28.29
CA LEU C 352 -44.02 -20.67 -28.58
C LEU C 352 -42.73 -21.49 -28.52
N LYS C 353 -41.79 -21.10 -29.37
CA LYS C 353 -40.43 -21.63 -29.36
C LYS C 353 -39.52 -20.65 -28.66
N ILE C 354 -38.63 -21.17 -27.81
CA ILE C 354 -37.63 -20.36 -27.13
C ILE C 354 -36.32 -21.14 -27.09
N ARG C 355 -35.28 -20.47 -26.60
CA ARG C 355 -33.95 -21.06 -26.44
C ARG C 355 -33.64 -21.08 -24.94
N VAL C 356 -33.68 -22.27 -24.36
CA VAL C 356 -33.37 -22.46 -22.95
C VAL C 356 -31.93 -22.93 -22.83
N HIS C 357 -31.27 -22.51 -21.77
CA HIS C 357 -29.83 -22.72 -21.63
C HIS C 357 -29.56 -23.89 -20.69
N GLU C 358 -28.36 -24.44 -20.81
CA GLU C 358 -27.96 -25.62 -20.08
C GLU C 358 -27.16 -25.22 -18.84
N GLY C 359 -26.84 -26.22 -18.01
CA GLY C 359 -25.82 -26.06 -17.00
C GLY C 359 -26.22 -25.14 -15.86
N TYR C 360 -25.59 -25.33 -14.70
CA TYR C 360 -25.75 -24.41 -13.59
C TYR C 360 -24.90 -23.17 -13.80
N GLU C 361 -25.46 -22.00 -13.47
CA GLU C 361 -24.80 -20.75 -13.76
C GLU C 361 -25.19 -19.68 -12.76
N GLU C 362 -24.23 -18.81 -12.44
CA GLU C 362 -24.42 -17.68 -11.56
C GLU C 362 -24.26 -16.39 -12.36
N PHE C 363 -25.02 -15.37 -11.95
CA PHE C 363 -25.10 -14.12 -12.68
C PHE C 363 -25.17 -12.94 -11.72
N THR C 364 -24.71 -11.80 -12.23
CA THR C 364 -24.58 -10.54 -11.50
C THR C 364 -25.46 -9.54 -12.23
N MET C 365 -26.75 -9.54 -11.87
CA MET C 365 -27.69 -8.57 -12.40
C MET C 365 -27.36 -7.17 -11.86
N VAL C 366 -27.59 -6.16 -12.70
CA VAL C 366 -27.31 -4.78 -12.36
C VAL C 366 -28.37 -3.87 -12.99
N GLY C 367 -28.51 -2.68 -12.42
CA GLY C 367 -29.50 -1.74 -12.90
C GLY C 367 -29.20 -0.32 -12.46
N ARG C 368 -30.17 0.57 -12.72
CA ARG C 368 -29.99 1.98 -12.40
C ARG C 368 -30.30 2.30 -10.95
N ARG C 369 -31.37 1.72 -10.40
CA ARG C 369 -31.82 2.02 -9.04
C ARG C 369 -32.06 0.75 -8.25
N ALA C 370 -31.28 -0.28 -8.53
CA ALA C 370 -31.39 -1.57 -7.87
C ALA C 370 -30.13 -2.36 -8.21
N THR C 371 -30.10 -3.61 -7.78
CA THR C 371 -28.98 -4.53 -7.95
C THR C 371 -29.46 -5.89 -7.50
N ALA C 372 -28.84 -6.94 -8.05
CA ALA C 372 -29.31 -8.27 -7.71
C ALA C 372 -28.27 -9.30 -8.13
N ILE C 373 -28.43 -10.50 -7.59
CA ILE C 373 -27.57 -11.64 -7.85
C ILE C 373 -28.42 -12.89 -8.02
N LEU C 374 -28.08 -13.71 -9.01
CA LEU C 374 -28.94 -14.81 -9.46
C LEU C 374 -28.12 -16.08 -9.58
N ARG C 375 -28.74 -17.19 -9.20
CA ARG C 375 -28.14 -18.51 -9.41
C ARG C 375 -29.26 -19.40 -9.95
N LYS C 376 -28.96 -20.13 -11.02
CA LYS C 376 -29.97 -20.93 -11.68
C LYS C 376 -29.33 -22.15 -12.32
N ALA C 377 -30.19 -23.00 -12.87
CA ALA C 377 -29.80 -24.23 -13.53
C ALA C 377 -30.59 -24.33 -14.83
N THR C 378 -30.47 -25.47 -15.51
CA THR C 378 -31.14 -25.65 -16.79
C THR C 378 -32.66 -25.59 -16.63
N ARG C 379 -33.26 -24.50 -17.11
CA ARG C 379 -34.70 -24.27 -17.02
C ARG C 379 -35.15 -23.96 -15.59
N ARG C 380 -34.24 -24.02 -14.63
CA ARG C 380 -34.61 -23.94 -13.21
C ARG C 380 -33.84 -22.81 -12.54
N LEU C 381 -34.57 -21.96 -11.82
CA LEU C 381 -33.97 -20.98 -10.94
C LEU C 381 -33.59 -21.64 -9.63
N ILE C 382 -32.48 -21.18 -9.04
CA ILE C 382 -32.00 -21.72 -7.77
C ILE C 382 -32.24 -20.72 -6.65
N GLN C 383 -31.83 -19.47 -6.83
CA GLN C 383 -32.05 -18.43 -5.83
C GLN C 383 -31.74 -17.06 -6.42
N LEU C 384 -32.32 -16.04 -5.79
CA LEU C 384 -32.15 -14.66 -6.22
C LEU C 384 -32.13 -13.77 -4.98
N ILE C 385 -31.06 -12.99 -4.82
CA ILE C 385 -30.99 -12.00 -3.76
C ILE C 385 -30.92 -10.62 -4.39
N VAL C 386 -31.53 -9.65 -3.71
CA VAL C 386 -31.71 -8.30 -4.25
C VAL C 386 -31.30 -7.30 -3.17
N SER C 387 -30.88 -6.11 -3.62
CA SER C 387 -30.35 -5.09 -2.73
C SER C 387 -30.87 -3.71 -3.12
N GLY C 388 -32.08 -3.64 -3.63
CA GLY C 388 -32.62 -2.41 -4.17
C GLY C 388 -32.84 -1.36 -3.10
N ARG C 389 -33.18 -0.15 -3.57
CA ARG C 389 -33.41 1.00 -2.71
C ARG C 389 -34.87 1.10 -2.31
N ASP C 390 -35.76 1.18 -3.29
CA ASP C 390 -37.20 1.19 -3.05
C ASP C 390 -37.78 -0.20 -3.28
N GLU C 391 -39.03 -0.37 -2.82
CA GLU C 391 -39.68 -1.68 -2.92
C GLU C 391 -39.98 -2.04 -4.37
N GLN C 392 -40.44 -1.08 -5.17
CA GLN C 392 -40.74 -1.39 -6.56
C GLN C 392 -39.48 -1.75 -7.33
N SER C 393 -38.32 -1.27 -6.88
CA SER C 393 -37.06 -1.72 -7.44
C SER C 393 -36.85 -3.21 -7.21
N ILE C 394 -37.11 -3.67 -5.98
CA ILE C 394 -37.02 -5.10 -5.70
C ILE C 394 -38.04 -5.88 -6.50
N ALA C 395 -39.23 -5.31 -6.71
CA ALA C 395 -40.24 -5.99 -7.51
C ALA C 395 -39.76 -6.15 -8.95
N GLU C 396 -39.22 -5.07 -9.53
CA GLU C 396 -38.65 -5.14 -10.87
C GLU C 396 -37.56 -6.20 -10.95
N ALA C 397 -36.62 -6.19 -10.01
CA ALA C 397 -35.54 -7.16 -10.05
C ALA C 397 -36.07 -8.58 -9.95
N ILE C 398 -37.10 -8.80 -9.13
CA ILE C 398 -37.60 -10.15 -8.93
C ILE C 398 -38.33 -10.65 -10.17
N ILE C 399 -39.13 -9.78 -10.80
CA ILE C 399 -39.85 -10.21 -12.00
C ILE C 399 -38.87 -10.42 -13.15
N VAL C 400 -37.84 -9.58 -13.25
CA VAL C 400 -36.84 -9.77 -14.29
C VAL C 400 -36.11 -11.09 -14.10
N ALA C 401 -35.74 -11.41 -12.85
CA ALA C 401 -35.07 -12.68 -12.60
C ALA C 401 -35.97 -13.87 -12.90
N MET C 402 -37.26 -13.76 -12.55
CA MET C 402 -38.17 -14.87 -12.82
C MET C 402 -38.35 -15.09 -14.31
N VAL C 403 -38.50 -14.03 -15.09
CA VAL C 403 -38.63 -14.21 -16.54
C VAL C 403 -37.33 -14.77 -17.12
N PHE C 404 -36.18 -14.23 -16.70
CA PHE C 404 -34.90 -14.76 -17.15
C PHE C 404 -34.73 -16.23 -16.81
N SER C 405 -35.34 -16.69 -15.73
CA SER C 405 -35.14 -18.08 -15.31
C SER C 405 -35.80 -19.08 -16.26
N GLN C 406 -36.81 -18.67 -17.02
CA GLN C 406 -37.48 -19.56 -17.96
C GLN C 406 -38.13 -20.74 -17.26
N GLU C 407 -38.57 -20.55 -16.02
CA GLU C 407 -39.19 -21.63 -15.26
C GLU C 407 -40.64 -21.81 -15.69
N ASP C 408 -41.11 -23.05 -15.65
CA ASP C 408 -42.48 -23.34 -16.02
C ASP C 408 -43.49 -22.71 -15.05
N CYS C 409 -43.08 -22.43 -13.81
CA CYS C 409 -43.96 -21.71 -12.90
C CYS C 409 -44.29 -20.32 -13.43
N MET C 410 -43.42 -19.76 -14.25
CA MET C 410 -43.67 -18.46 -14.87
C MET C 410 -44.40 -18.61 -16.20
N ILE C 411 -44.09 -19.66 -16.96
CA ILE C 411 -44.74 -19.86 -18.25
C ILE C 411 -46.22 -20.17 -18.06
N LYS C 412 -46.55 -20.99 -17.06
CA LYS C 412 -47.92 -21.39 -16.81
C LYS C 412 -48.66 -20.41 -15.90
N ALA C 413 -48.20 -19.15 -15.83
CA ALA C 413 -48.87 -18.10 -15.09
C ALA C 413 -49.31 -16.95 -16.00
N VAL C 414 -49.42 -17.21 -17.30
CA VAL C 414 -49.77 -16.19 -18.28
C VAL C 414 -51.27 -16.27 -18.51
N ARG C 415 -51.97 -15.14 -18.33
CA ARG C 415 -53.42 -15.12 -18.39
C ARG C 415 -53.86 -13.83 -19.07
N GLY C 416 -54.68 -13.96 -20.10
CA GLY C 416 -55.19 -12.84 -20.86
C GLY C 416 -54.81 -12.93 -22.32
N ASP C 417 -55.06 -11.85 -23.04
CA ASP C 417 -54.66 -11.74 -24.44
C ASP C 417 -53.21 -11.28 -24.47
N LEU C 418 -52.30 -12.22 -24.67
CA LEU C 418 -50.88 -11.93 -24.89
C LEU C 418 -50.48 -12.51 -26.25
N ASN C 419 -50.49 -11.65 -27.27
CA ASN C 419 -50.15 -12.08 -28.62
C ASN C 419 -48.64 -12.04 -28.80
N PHE C 420 -48.06 -13.17 -29.21
CA PHE C 420 -46.63 -13.29 -29.44
C PHE C 420 -46.24 -12.99 -30.87
N VAL C 421 -47.08 -12.27 -31.61
CA VAL C 421 -46.75 -11.75 -32.93
C VAL C 421 -47.25 -10.32 -33.03
N ASN C 422 -46.76 -9.60 -34.05
CA ASN C 422 -47.16 -8.23 -34.28
C ASN C 422 -48.56 -8.19 -34.87
N ARG C 423 -49.00 -7.01 -35.29
CA ARG C 423 -50.25 -6.87 -36.02
C ARG C 423 -50.15 -7.32 -37.48
N ALA C 424 -48.98 -7.81 -37.91
CA ALA C 424 -48.76 -8.22 -39.28
C ALA C 424 -48.09 -9.59 -39.34
N ASN C 425 -48.35 -10.43 -38.34
CA ASN C 425 -47.83 -11.80 -38.31
C ASN C 425 -46.31 -11.82 -38.22
N GLN C 426 -45.73 -10.83 -37.54
CA GLN C 426 -44.29 -10.75 -37.34
C GLN C 426 -43.96 -11.26 -35.94
N ARG C 427 -42.99 -12.17 -35.85
CA ARG C 427 -42.65 -12.82 -34.60
C ARG C 427 -41.86 -11.85 -33.74
N LEU C 428 -42.48 -11.34 -32.68
CA LEU C 428 -41.76 -10.61 -31.65
C LEU C 428 -40.92 -11.59 -30.83
N ASN C 429 -40.15 -11.05 -29.89
CA ASN C 429 -39.34 -11.93 -29.05
C ASN C 429 -40.17 -12.43 -27.87
N PRO C 430 -40.14 -13.72 -27.55
CA PRO C 430 -40.99 -14.20 -26.43
C PRO C 430 -40.57 -13.64 -25.08
N MET C 431 -39.28 -13.61 -24.78
CA MET C 431 -38.84 -13.16 -23.47
C MET C 431 -39.30 -11.73 -23.22
N HIS C 432 -39.09 -10.83 -24.18
CA HIS C 432 -39.51 -9.46 -24.02
C HIS C 432 -41.03 -9.34 -23.87
N GLN C 433 -41.77 -10.23 -24.52
CA GLN C 433 -43.23 -10.14 -24.44
C GLN C 433 -43.71 -10.59 -23.07
N LEU C 434 -43.12 -11.67 -22.54
CA LEU C 434 -43.39 -12.06 -21.16
C LEU C 434 -43.04 -10.93 -20.21
N LEU C 435 -41.89 -10.28 -20.41
CA LEU C 435 -41.47 -9.23 -19.51
C LEU C 435 -42.38 -8.00 -19.59
N ARG C 436 -43.01 -7.76 -20.74
CA ARG C 436 -44.00 -6.69 -20.81
C ARG C 436 -45.33 -7.13 -20.20
N HIS C 437 -45.68 -8.41 -20.31
CA HIS C 437 -46.92 -8.89 -19.73
C HIS C 437 -46.87 -8.83 -18.21
N PHE C 438 -45.77 -9.30 -17.63
CA PHE C 438 -45.62 -9.32 -16.17
C PHE C 438 -45.21 -7.96 -15.61
N GLN C 439 -45.28 -6.90 -16.42
CA GLN C 439 -44.92 -5.56 -15.97
C GLN C 439 -46.13 -4.70 -15.65
N LYS C 440 -47.32 -5.09 -16.10
CA LYS C 440 -48.55 -4.45 -15.61
C LYS C 440 -48.76 -4.77 -14.14
N ASP C 441 -48.89 -6.04 -13.81
CA ASP C 441 -48.77 -6.51 -12.43
C ASP C 441 -48.62 -8.01 -12.43
N ALA C 442 -47.75 -8.52 -11.56
CA ALA C 442 -47.43 -9.94 -11.47
C ALA C 442 -48.09 -10.60 -10.27
N LYS C 443 -49.33 -10.21 -9.95
CA LYS C 443 -50.02 -10.80 -8.81
C LYS C 443 -50.06 -12.31 -8.91
N VAL C 444 -50.35 -12.85 -10.09
CA VAL C 444 -50.49 -14.30 -10.23
C VAL C 444 -49.13 -14.97 -10.17
N LEU C 445 -48.09 -14.33 -10.72
CA LEU C 445 -46.76 -14.90 -10.65
C LEU C 445 -46.23 -14.95 -9.22
N PHE C 446 -46.62 -13.97 -8.40
CA PHE C 446 -46.22 -13.99 -6.99
C PHE C 446 -47.04 -15.01 -6.21
N GLN C 447 -48.36 -15.06 -6.44
CA GLN C 447 -49.22 -15.99 -5.73
C GLN C 447 -49.02 -17.44 -6.19
N ASN C 448 -48.25 -17.68 -7.25
CA ASN C 448 -48.03 -19.01 -7.77
C ASN C 448 -46.58 -19.46 -7.68
N TRP C 449 -45.67 -18.61 -7.19
CA TRP C 449 -44.26 -18.95 -7.17
C TRP C 449 -43.99 -20.08 -6.18
N GLY C 450 -44.33 -19.85 -4.91
CA GLY C 450 -44.08 -20.83 -3.87
C GLY C 450 -43.63 -20.17 -2.58
N ILE C 451 -43.40 -20.98 -1.55
CA ILE C 451 -42.89 -20.50 -0.27
C ILE C 451 -41.89 -21.51 0.27
N GLU C 452 -40.90 -21.00 1.01
CA GLU C 452 -39.91 -21.86 1.64
C GLU C 452 -39.63 -21.39 3.05
N PRO C 453 -38.81 -22.11 3.82
CA PRO C 453 -38.32 -21.58 5.10
C PRO C 453 -36.96 -20.91 4.93
N ILE C 454 -36.58 -20.18 5.98
CA ILE C 454 -35.30 -19.48 6.03
C ILE C 454 -34.68 -19.70 7.40
N ASP C 455 -33.35 -19.65 7.45
CA ASP C 455 -32.62 -19.81 8.70
C ASP C 455 -32.57 -18.52 9.51
N ASN C 456 -33.11 -17.42 8.99
CA ASN C 456 -33.06 -16.12 9.66
C ASN C 456 -31.62 -15.69 9.92
N VAL C 457 -30.73 -16.00 8.99
CA VAL C 457 -29.33 -15.61 9.11
C VAL C 457 -29.16 -14.17 8.64
N MET C 458 -28.30 -13.43 9.32
CA MET C 458 -27.89 -12.07 9.00
C MET C 458 -29.02 -11.08 9.24
N GLY C 459 -30.20 -11.52 9.68
CA GLY C 459 -31.34 -10.64 9.73
C GLY C 459 -31.87 -10.20 8.39
N MET C 460 -31.70 -11.02 7.35
CA MET C 460 -32.13 -10.62 6.02
C MET C 460 -33.65 -10.50 5.96
N ILE C 461 -34.12 -9.57 5.12
CA ILE C 461 -35.54 -9.25 5.06
C ILE C 461 -36.26 -10.24 4.16
N GLY C 462 -37.55 -10.44 4.43
CA GLY C 462 -38.36 -11.31 3.61
C GLY C 462 -39.00 -10.59 2.43
N ILE C 463 -39.61 -11.37 1.55
CA ILE C 463 -40.12 -10.87 0.28
C ILE C 463 -41.48 -10.22 0.55
N LEU C 464 -41.99 -9.49 -0.43
CA LEU C 464 -43.30 -8.83 -0.32
C LEU C 464 -44.12 -9.06 -1.58
N PRO C 465 -45.25 -9.75 -1.49
CA PRO C 465 -46.26 -9.67 -2.56
C PRO C 465 -46.92 -8.30 -2.65
N ASP C 466 -47.49 -7.86 -1.52
CA ASP C 466 -48.23 -6.60 -1.45
C ASP C 466 -47.86 -5.83 -0.19
N MET C 467 -46.56 -5.63 0.03
CA MET C 467 -46.05 -4.95 1.21
C MET C 467 -46.34 -5.75 2.48
N THR C 468 -45.81 -6.97 2.57
CA THR C 468 -45.91 -7.78 3.79
C THR C 468 -44.59 -8.52 4.01
N PRO C 469 -43.61 -7.88 4.65
CA PRO C 469 -42.38 -8.59 4.99
C PRO C 469 -42.67 -9.81 5.86
N SER C 470 -42.01 -10.92 5.54
CA SER C 470 -42.19 -12.17 6.26
C SER C 470 -40.82 -12.69 6.68
N THR C 471 -40.50 -12.57 7.97
CA THR C 471 -39.14 -12.74 8.47
C THR C 471 -38.83 -14.19 8.85
N GLU C 472 -39.73 -15.13 8.57
CA GLU C 472 -39.45 -16.54 8.81
C GLU C 472 -39.87 -17.47 7.68
N MET C 473 -40.83 -17.10 6.84
CA MET C 473 -41.19 -17.89 5.68
C MET C 473 -41.56 -16.95 4.54
N SER C 474 -41.19 -17.32 3.32
CA SER C 474 -41.20 -16.38 2.21
C SER C 474 -41.05 -17.17 0.92
N MET C 475 -41.15 -16.47 -0.21
CA MET C 475 -41.06 -17.13 -1.50
C MET C 475 -39.73 -17.87 -1.62
N ARG C 476 -39.73 -18.91 -2.45
CA ARG C 476 -38.58 -19.80 -2.56
C ARG C 476 -37.47 -19.15 -3.37
N GLY C 477 -36.27 -19.13 -2.79
CA GLY C 477 -35.09 -18.60 -3.43
C GLY C 477 -34.92 -17.09 -3.37
N VAL C 478 -35.98 -16.34 -3.13
CA VAL C 478 -35.93 -14.89 -3.21
C VAL C 478 -35.63 -14.33 -1.82
N ARG C 479 -34.52 -13.62 -1.69
CA ARG C 479 -34.18 -12.92 -0.46
C ARG C 479 -34.00 -11.44 -0.76
N VAL C 480 -33.81 -10.65 0.29
CA VAL C 480 -33.54 -9.23 0.19
C VAL C 480 -32.46 -8.88 1.21
N SER C 481 -31.52 -8.02 0.81
CA SER C 481 -30.39 -7.68 1.68
C SER C 481 -30.14 -6.19 1.64
N LYS C 482 -29.74 -5.65 2.79
CA LYS C 482 -29.29 -4.26 2.91
C LYS C 482 -27.82 -4.19 2.50
N MET C 483 -27.53 -3.48 1.39
CA MET C 483 -26.18 -3.31 0.86
C MET C 483 -25.86 -4.25 -0.30
N GLY C 484 -25.30 -3.69 -1.39
CA GLY C 484 -24.96 -4.47 -2.55
C GLY C 484 -23.56 -4.09 -3.02
N VAL C 485 -23.02 -4.94 -3.90
CA VAL C 485 -21.61 -4.83 -4.30
C VAL C 485 -21.39 -4.32 -5.72
N ASP C 486 -22.44 -4.19 -6.54
CA ASP C 486 -22.30 -3.58 -7.86
C ASP C 486 -21.50 -4.45 -8.84
N GLU C 487 -20.22 -4.64 -8.57
CA GLU C 487 -19.36 -5.63 -9.24
C GLU C 487 -19.03 -5.37 -10.71
N TYR C 488 -20.04 -5.09 -11.54
CA TYR C 488 -19.90 -5.13 -12.99
C TYR C 488 -18.88 -4.17 -13.58
N SER C 489 -18.35 -3.23 -12.79
CA SER C 489 -17.53 -2.18 -13.38
C SER C 489 -16.35 -2.74 -14.17
N SER C 490 -15.67 -3.75 -13.65
CA SER C 490 -14.63 -4.40 -14.45
C SER C 490 -15.25 -4.98 -15.71
N THR C 491 -14.70 -4.63 -16.88
CA THR C 491 -15.33 -5.00 -18.13
C THR C 491 -14.32 -5.67 -19.06
N GLU C 492 -14.62 -6.90 -19.46
CA GLU C 492 -13.84 -7.66 -20.45
C GLU C 492 -14.33 -7.40 -21.87
N ARG C 493 -14.09 -6.18 -22.36
CA ARG C 493 -14.58 -5.77 -23.68
C ARG C 493 -14.71 -6.96 -24.64
N VAL C 494 -15.95 -7.35 -24.98
CA VAL C 494 -16.20 -8.49 -25.88
C VAL C 494 -16.48 -8.04 -27.30
N VAL C 495 -16.06 -8.89 -28.26
CA VAL C 495 -16.38 -8.70 -29.68
C VAL C 495 -17.80 -9.19 -29.95
N VAL C 496 -18.48 -8.58 -30.91
CA VAL C 496 -19.92 -8.78 -31.11
C VAL C 496 -20.29 -8.62 -32.58
N SER C 497 -21.50 -9.06 -32.92
CA SER C 497 -22.14 -8.81 -34.21
C SER C 497 -23.46 -8.08 -33.99
N ILE C 498 -24.04 -7.59 -35.09
CA ILE C 498 -25.31 -6.87 -35.05
C ILE C 498 -26.15 -7.28 -36.26
N ASP C 499 -27.43 -7.55 -36.02
CA ASP C 499 -28.41 -7.74 -37.09
C ASP C 499 -28.87 -6.39 -37.62
N ARG C 500 -29.64 -6.43 -38.72
CA ARG C 500 -30.27 -5.22 -39.23
C ARG C 500 -31.17 -4.58 -38.17
N PHE C 501 -31.91 -5.41 -37.42
CA PHE C 501 -32.87 -4.93 -36.44
C PHE C 501 -32.23 -4.71 -35.07
N LEU C 502 -30.92 -4.51 -35.03
CA LEU C 502 -30.23 -4.03 -33.83
C LEU C 502 -30.30 -5.07 -32.72
N ARG C 503 -30.05 -6.32 -33.07
CA ARG C 503 -29.88 -7.39 -32.10
C ARG C 503 -28.38 -7.66 -31.96
N VAL C 504 -27.81 -7.24 -30.83
CA VAL C 504 -26.39 -7.44 -30.59
C VAL C 504 -26.16 -8.89 -30.17
N ARG C 505 -25.06 -9.45 -30.64
CA ARG C 505 -24.73 -10.85 -30.37
C ARG C 505 -23.23 -10.98 -30.16
N ASP C 506 -22.85 -11.87 -29.25
CA ASP C 506 -21.45 -12.09 -28.93
C ASP C 506 -20.82 -12.98 -29.99
N GLN C 507 -19.56 -13.37 -29.77
CA GLN C 507 -18.88 -14.23 -30.74
C GLN C 507 -19.54 -15.60 -30.81
N ARG C 508 -20.13 -16.06 -29.72
CA ARG C 508 -20.74 -17.39 -29.70
C ARG C 508 -22.00 -17.42 -30.54
N GLY C 509 -22.92 -16.49 -30.30
CA GLY C 509 -24.19 -16.48 -30.99
C GLY C 509 -25.32 -16.01 -30.08
N ASN C 510 -25.05 -15.90 -28.79
CA ASN C 510 -26.05 -15.43 -27.85
C ASN C 510 -26.35 -13.95 -28.10
N VAL C 511 -27.43 -13.48 -27.49
CA VAL C 511 -27.90 -12.11 -27.66
C VAL C 511 -27.44 -11.30 -26.46
N LEU C 512 -27.05 -10.05 -26.71
CA LEU C 512 -26.53 -9.17 -25.66
C LEU C 512 -27.32 -7.88 -25.49
N LEU C 513 -27.87 -7.31 -26.57
CA LEU C 513 -28.60 -6.06 -26.47
C LEU C 513 -29.73 -6.06 -27.50
N SER C 514 -30.62 -5.09 -27.37
CA SER C 514 -31.80 -4.98 -28.21
C SER C 514 -32.45 -3.63 -27.96
N PRO C 515 -33.23 -3.12 -28.92
CA PRO C 515 -33.90 -1.82 -28.71
C PRO C 515 -35.06 -1.86 -27.73
N GLU C 516 -35.39 -3.01 -27.16
CA GLU C 516 -36.45 -3.08 -26.15
C GLU C 516 -35.94 -2.83 -24.73
N GLU C 517 -34.64 -2.98 -24.49
CA GLU C 517 -34.08 -2.73 -23.17
C GLU C 517 -33.90 -1.26 -22.86
N VAL C 518 -33.86 -0.39 -23.86
CA VAL C 518 -33.71 1.04 -23.60
C VAL C 518 -34.98 1.55 -22.92
N SER C 519 -34.79 2.55 -22.04
CA SER C 519 -35.91 3.04 -21.25
C SER C 519 -37.00 3.62 -22.15
N GLU C 520 -38.23 3.56 -21.67
CA GLU C 520 -39.35 4.27 -22.25
C GLU C 520 -39.49 5.69 -21.72
N THR C 521 -38.50 6.18 -21.00
CA THR C 521 -38.61 7.46 -20.30
C THR C 521 -38.17 8.59 -21.23
N GLN C 522 -38.77 9.76 -21.03
CA GLN C 522 -38.57 10.92 -21.90
C GLN C 522 -37.92 12.03 -21.09
N GLY C 523 -36.63 12.26 -21.33
CA GLY C 523 -35.87 13.24 -20.61
C GLY C 523 -35.60 14.49 -21.45
N THR C 524 -34.88 15.42 -20.83
CA THR C 524 -34.62 16.74 -21.43
C THR C 524 -33.11 16.98 -21.37
N GLU C 525 -32.49 17.05 -22.53
CA GLU C 525 -31.04 17.16 -22.60
C GLU C 525 -30.54 18.36 -21.83
N LYS C 526 -29.32 18.25 -21.30
CA LYS C 526 -28.68 19.34 -20.59
C LYS C 526 -27.86 20.22 -21.53
N LEU C 527 -27.32 19.64 -22.59
CA LEU C 527 -26.64 20.38 -23.66
C LEU C 527 -27.48 20.32 -24.92
N THR C 528 -27.39 21.39 -25.72
CA THR C 528 -28.24 21.50 -26.91
C THR C 528 -27.78 20.52 -27.99
N ILE C 529 -28.67 19.61 -28.36
CA ILE C 529 -28.41 18.64 -29.41
C ILE C 529 -28.91 19.20 -30.73
N THR C 530 -28.07 19.19 -31.76
CA THR C 530 -28.37 19.83 -33.04
C THR C 530 -28.31 18.78 -34.14
N TYR C 531 -29.41 18.65 -34.88
CA TYR C 531 -29.54 17.62 -35.92
C TYR C 531 -29.89 18.32 -37.23
N SER C 532 -29.04 18.13 -38.24
CA SER C 532 -29.21 18.80 -39.53
C SER C 532 -29.17 17.77 -40.65
N SER C 533 -30.34 17.22 -41.03
CA SER C 533 -30.43 16.40 -42.23
C SER C 533 -31.38 17.03 -43.25
N SER C 534 -32.69 17.07 -42.98
CA SER C 534 -33.59 17.93 -43.73
C SER C 534 -34.61 18.62 -42.84
N MET C 535 -35.12 17.90 -41.84
CA MET C 535 -36.12 18.40 -40.90
C MET C 535 -35.56 18.37 -39.49
N MET C 536 -35.64 19.50 -38.79
CA MET C 536 -34.90 19.69 -37.54
C MET C 536 -35.80 19.45 -36.33
N TRP C 537 -36.73 18.50 -36.44
CA TRP C 537 -37.67 18.20 -35.37
C TRP C 537 -37.81 16.71 -35.12
N GLU C 538 -37.06 15.88 -35.84
CA GLU C 538 -37.23 14.44 -35.80
C GLU C 538 -36.50 13.75 -34.65
N VAL C 539 -35.78 14.51 -33.82
CA VAL C 539 -35.21 13.96 -32.61
C VAL C 539 -35.49 14.89 -31.43
#